data_6A2H
# 
_entry.id   6A2H 
# 
_audit_conform.dict_name       mmcif_pdbx.dic 
_audit_conform.dict_version    5.380 
_audit_conform.dict_location   http://mmcif.pdb.org/dictionaries/ascii/mmcif_pdbx.dic 
# 
loop_
_database_2.database_id 
_database_2.database_code 
_database_2.pdbx_database_accession 
_database_2.pdbx_DOI 
PDB   6A2H         pdb_00006a2h 10.2210/pdb6a2h/pdb 
WWPDB D_1300008056 ?            ?                   
# 
_pdbx_database_status.status_code                     REL 
_pdbx_database_status.status_code_sf                  REL 
_pdbx_database_status.status_code_mr                  ? 
_pdbx_database_status.entry_id                        6A2H 
_pdbx_database_status.recvd_initial_deposition_date   2018-06-11 
_pdbx_database_status.SG_entry                        N 
_pdbx_database_status.deposit_site                    PDBJ 
_pdbx_database_status.process_site                    PDBJ 
_pdbx_database_status.status_code_cs                  ? 
_pdbx_database_status.methods_development_category    ? 
_pdbx_database_status.pdb_format_compatible           Y 
_pdbx_database_status.status_code_nmr_data            ? 
# 
loop_
_audit_author.name 
_audit_author.pdbx_ordinal 
_audit_author.identifier_ORCID 
'Zhang, Z.F.' 1 ? 
'Zhao, M.H.'  2 ? 
'Chen, Y.Y.'  3 ? 
'Wang, L.'    4 ? 
'Dong, Y.H.'  5 ? 
'Gong, Y.'    6 ? 
'Huang, L.'   7 ? 
# 
_citation.abstract                  ? 
_citation.abstract_id_CAS           ? 
_citation.book_id_ISBN              ? 
_citation.book_publisher            ? 
_citation.book_publisher_city       ? 
_citation.book_title                ? 
_citation.coordinate_linkage        ? 
_citation.country                   UK 
_citation.database_id_Medline       ? 
_citation.details                   ? 
_citation.id                        primary 
_citation.journal_abbrev            'Mol. Microbiol.' 
_citation.journal_id_ASTM           MOMIEE 
_citation.journal_id_CSD            2007 
_citation.journal_id_ISSN           1365-2958 
_citation.journal_full              ? 
_citation.journal_issue             ? 
_citation.journal_volume            111 
_citation.language                  ? 
_citation.page_first                556 
_citation.page_last                 569 
_citation.title                     'Architectural roles of Cren7 in folding crenarchaeal chromatin filament.' 
_citation.year                      2019 
_citation.database_id_CSD           ? 
_citation.pdbx_database_id_DOI      10.1111/mmi.14173 
_citation.pdbx_database_id_PubMed   30499242 
_citation.unpublished_flag          ? 
# 
loop_
_citation_author.citation_id 
_citation_author.name 
_citation_author.ordinal 
_citation_author.identifier_ORCID 
primary 'Zhang, Z.' 1 ? 
primary 'Zhao, M.'  2 ? 
primary 'Chen, Y.'  3 ? 
primary 'Wang, L.'  4 ? 
primary 'Liu, Q.'   5 ? 
primary 'Dong, Y.'  6 ? 
primary 'Gong, Y.'  7 ? 
primary 'Huang, L.' 8 ? 
# 
_cell.angle_alpha                  90.00 
_cell.angle_alpha_esd              ? 
_cell.angle_beta                   90.00 
_cell.angle_beta_esd               ? 
_cell.angle_gamma                  90.00 
_cell.angle_gamma_esd              ? 
_cell.entry_id                     6A2H 
_cell.details                      ? 
_cell.formula_units_Z              ? 
_cell.length_a                     40.642 
_cell.length_a_esd                 ? 
_cell.length_b                     40.642 
_cell.length_b_esd                 ? 
_cell.length_c                     104.850 
_cell.length_c_esd                 ? 
_cell.volume                       ? 
_cell.volume_esd                   ? 
_cell.Z_PDB                        8 
_cell.reciprocal_angle_alpha       ? 
_cell.reciprocal_angle_beta        ? 
_cell.reciprocal_angle_gamma       ? 
_cell.reciprocal_angle_alpha_esd   ? 
_cell.reciprocal_angle_beta_esd    ? 
_cell.reciprocal_angle_gamma_esd   ? 
_cell.reciprocal_length_a          ? 
_cell.reciprocal_length_b          ? 
_cell.reciprocal_length_c          ? 
_cell.reciprocal_length_a_esd      ? 
_cell.reciprocal_length_b_esd      ? 
_cell.reciprocal_length_c_esd      ? 
_cell.pdbx_unique_axis             ? 
# 
_symmetry.entry_id                         6A2H 
_symmetry.cell_setting                     ? 
_symmetry.Int_Tables_number                92 
_symmetry.space_group_name_Hall            ? 
_symmetry.space_group_name_H-M             'P 41 21 2' 
_symmetry.pdbx_full_space_group_name_H-M   ? 
# 
loop_
_entity.id 
_entity.type 
_entity.src_method 
_entity.pdbx_description 
_entity.formula_weight 
_entity.pdbx_number_of_molecules 
_entity.pdbx_ec 
_entity.pdbx_mutation 
_entity.pdbx_fragment 
_entity.details 
1 polymer man 'Chromatin protein Cren7'           6677.914 1  ? ? ? ? 
2 polymer syn 
;DNA (5'-D(P*GP*TP*AP*AP*TP*T)-3')
;
1823.240 1  ? ? ? ? 
3 polymer syn 
;DNA (5'-D(P*AP*AP*TP*TP*AP*C)-3')
;
1792.230 1  ? ? ? ? 
4 water   nat water                               18.015   17 ? ? ? ? 
# 
loop_
_entity_poly.entity_id 
_entity_poly.type 
_entity_poly.nstd_linkage 
_entity_poly.nstd_monomer 
_entity_poly.pdbx_seq_one_letter_code 
_entity_poly.pdbx_seq_one_letter_code_can 
_entity_poly.pdbx_strand_id 
_entity_poly.pdbx_target_identifier 
1 'polypeptide(L)'        no no MSSGKKPVKVKTPAGKEAELVPEKVWALAPKGRKGVKIGLFKDPETGKYFRHKLPDDYPI 
MSSGKKPVKVKTPAGKEAELVPEKVWALAPKGRKGVKIGLFKDPETGKYFRHKLPDDYPI A ? 
2 polydeoxyribonucleotide no no '(DG)(DT)(DA)(DA)(DT)(DT)'                                   GTAATT B ? 
3 polydeoxyribonucleotide no no '(DA)(DA)(DT)(DT)(DA)(DC)'                                   AATTAC C ? 
# 
loop_
_entity_poly_seq.entity_id 
_entity_poly_seq.num 
_entity_poly_seq.mon_id 
_entity_poly_seq.hetero 
1 1  MET n 
1 2  SER n 
1 3  SER n 
1 4  GLY n 
1 5  LYS n 
1 6  LYS n 
1 7  PRO n 
1 8  VAL n 
1 9  LYS n 
1 10 VAL n 
1 11 LYS n 
1 12 THR n 
1 13 PRO n 
1 14 ALA n 
1 15 GLY n 
1 16 LYS n 
1 17 GLU n 
1 18 ALA n 
1 19 GLU n 
1 20 LEU n 
1 21 VAL n 
1 22 PRO n 
1 23 GLU n 
1 24 LYS n 
1 25 VAL n 
1 26 TRP n 
1 27 ALA n 
1 28 LEU n 
1 29 ALA n 
1 30 PRO n 
1 31 LYS n 
1 32 GLY n 
1 33 ARG n 
1 34 LYS n 
1 35 GLY n 
1 36 VAL n 
1 37 LYS n 
1 38 ILE n 
1 39 GLY n 
1 40 LEU n 
1 41 PHE n 
1 42 LYS n 
1 43 ASP n 
1 44 PRO n 
1 45 GLU n 
1 46 THR n 
1 47 GLY n 
1 48 LYS n 
1 49 TYR n 
1 50 PHE n 
1 51 ARG n 
1 52 HIS n 
1 53 LYS n 
1 54 LEU n 
1 55 PRO n 
1 56 ASP n 
1 57 ASP n 
1 58 TYR n 
1 59 PRO n 
1 60 ILE n 
2 1  DG  n 
2 2  DT  n 
2 3  DA  n 
2 4  DA  n 
2 5  DT  n 
2 6  DT  n 
3 1  DA  n 
3 2  DA  n 
3 3  DT  n 
3 4  DT  n 
3 5  DA  n 
3 6  DC  n 
# 
_entity_src_gen.entity_id                          1 
_entity_src_gen.pdbx_src_id                        1 
_entity_src_gen.pdbx_alt_source_flag               sample 
_entity_src_gen.pdbx_seq_type                      'Biological sequence' 
_entity_src_gen.pdbx_beg_seq_num                   1 
_entity_src_gen.pdbx_end_seq_num                   60 
_entity_src_gen.gene_src_common_name               ? 
_entity_src_gen.gene_src_genus                     ? 
_entity_src_gen.pdbx_gene_src_gene                 'creN7, SSO6901' 
_entity_src_gen.gene_src_species                   ? 
_entity_src_gen.gene_src_strain                    'ATCC 35092 / DSM 1617 / JCM 11322 / P2' 
_entity_src_gen.gene_src_tissue                    ? 
_entity_src_gen.gene_src_tissue_fraction           ? 
_entity_src_gen.gene_src_details                   ? 
_entity_src_gen.pdbx_gene_src_fragment             ? 
_entity_src_gen.pdbx_gene_src_scientific_name      'Sulfolobus solfataricus (strain ATCC 35092 / DSM 1617 / JCM 11322 / P2)' 
_entity_src_gen.pdbx_gene_src_ncbi_taxonomy_id     273057 
_entity_src_gen.pdbx_gene_src_variant              ? 
_entity_src_gen.pdbx_gene_src_cell_line            ? 
_entity_src_gen.pdbx_gene_src_atcc                 ? 
_entity_src_gen.pdbx_gene_src_organ                ? 
_entity_src_gen.pdbx_gene_src_organelle            ? 
_entity_src_gen.pdbx_gene_src_cell                 ? 
_entity_src_gen.pdbx_gene_src_cellular_location    ? 
_entity_src_gen.host_org_common_name               ? 
_entity_src_gen.pdbx_host_org_scientific_name      'Escherichia coli K-12' 
_entity_src_gen.pdbx_host_org_ncbi_taxonomy_id     83333 
_entity_src_gen.host_org_genus                     ? 
_entity_src_gen.pdbx_host_org_gene                 ? 
_entity_src_gen.pdbx_host_org_organ                ? 
_entity_src_gen.host_org_species                   ? 
_entity_src_gen.pdbx_host_org_tissue               ? 
_entity_src_gen.pdbx_host_org_tissue_fraction      ? 
_entity_src_gen.pdbx_host_org_strain               ? 
_entity_src_gen.pdbx_host_org_variant              ? 
_entity_src_gen.pdbx_host_org_cell_line            ? 
_entity_src_gen.pdbx_host_org_atcc                 ? 
_entity_src_gen.pdbx_host_org_culture_collection   ? 
_entity_src_gen.pdbx_host_org_cell                 ? 
_entity_src_gen.pdbx_host_org_organelle            ? 
_entity_src_gen.pdbx_host_org_cellular_location    ? 
_entity_src_gen.pdbx_host_org_vector_type          ? 
_entity_src_gen.pdbx_host_org_vector               ? 
_entity_src_gen.host_org_details                   ? 
_entity_src_gen.expression_system_id               ? 
_entity_src_gen.plasmid_name                       ? 
_entity_src_gen.plasmid_details                    ? 
_entity_src_gen.pdbx_description                   ? 
# 
loop_
_pdbx_entity_src_syn.entity_id 
_pdbx_entity_src_syn.pdbx_src_id 
_pdbx_entity_src_syn.pdbx_alt_source_flag 
_pdbx_entity_src_syn.pdbx_beg_seq_num 
_pdbx_entity_src_syn.pdbx_end_seq_num 
_pdbx_entity_src_syn.organism_scientific 
_pdbx_entity_src_syn.organism_common_name 
_pdbx_entity_src_syn.ncbi_taxonomy_id 
_pdbx_entity_src_syn.details 
2 1 sample 1 20 'synthetic construct' ? 32630 ? 
3 1 sample 1 6  'synthetic construct' ? 32630 ? 
# 
loop_
_struct_ref.id 
_struct_ref.db_name 
_struct_ref.db_code 
_struct_ref.pdbx_db_accession 
_struct_ref.pdbx_db_isoform 
_struct_ref.entity_id 
_struct_ref.pdbx_seq_one_letter_code 
_struct_ref.pdbx_align_begin 
1 UNP CREN7_SULSO Q97ZE3 ? 1 MSSGKKPVKVKTPAGKEAELVPEKVWALAPKGRKGVKIGLFKDPETGKYFRHKLPDDYPI 1 
2 PDB 6A2H        6A2H   ? 2 ?                                                            1 
3 PDB 6A2H        6A2H   ? 3 ?                                                            1 
# 
loop_
_struct_ref_seq.align_id 
_struct_ref_seq.ref_id 
_struct_ref_seq.pdbx_PDB_id_code 
_struct_ref_seq.pdbx_strand_id 
_struct_ref_seq.seq_align_beg 
_struct_ref_seq.pdbx_seq_align_beg_ins_code 
_struct_ref_seq.seq_align_end 
_struct_ref_seq.pdbx_seq_align_end_ins_code 
_struct_ref_seq.pdbx_db_accession 
_struct_ref_seq.db_align_beg 
_struct_ref_seq.pdbx_db_align_beg_ins_code 
_struct_ref_seq.db_align_end 
_struct_ref_seq.pdbx_db_align_end_ins_code 
_struct_ref_seq.pdbx_auth_seq_align_beg 
_struct_ref_seq.pdbx_auth_seq_align_end 
1 1 6A2H A 1 ? 60 ? Q97ZE3 1   ? 60  ? 1   60  
2 2 6A2H B 1 ? 6  ? 6A2H   106 ? 111 ? 106 111 
3 3 6A2H C 1 ? 6  ? 6A2H   114 ? 119 ? 114 119 
# 
loop_
_chem_comp.id 
_chem_comp.type 
_chem_comp.mon_nstd_flag 
_chem_comp.name 
_chem_comp.pdbx_synonyms 
_chem_comp.formula 
_chem_comp.formula_weight 
ALA 'L-peptide linking' y ALANINE                              ? 'C3 H7 N O2'      89.093  
ARG 'L-peptide linking' y ARGININE                             ? 'C6 H15 N4 O2 1'  175.209 
ASP 'L-peptide linking' y 'ASPARTIC ACID'                      ? 'C4 H7 N O4'      133.103 
DA  'DNA linking'       y "2'-DEOXYADENOSINE-5'-MONOPHOSPHATE" ? 'C10 H14 N5 O6 P' 331.222 
DC  'DNA linking'       y "2'-DEOXYCYTIDINE-5'-MONOPHOSPHATE"  ? 'C9 H14 N3 O7 P'  307.197 
DG  'DNA linking'       y "2'-DEOXYGUANOSINE-5'-MONOPHOSPHATE" ? 'C10 H14 N5 O7 P' 347.221 
DT  'DNA linking'       y "THYMIDINE-5'-MONOPHOSPHATE"         ? 'C10 H15 N2 O8 P' 322.208 
GLU 'L-peptide linking' y 'GLUTAMIC ACID'                      ? 'C5 H9 N O4'      147.129 
GLY 'peptide linking'   y GLYCINE                              ? 'C2 H5 N O2'      75.067  
HIS 'L-peptide linking' y HISTIDINE                            ? 'C6 H10 N3 O2 1'  156.162 
HOH non-polymer         . WATER                                ? 'H2 O'            18.015  
ILE 'L-peptide linking' y ISOLEUCINE                           ? 'C6 H13 N O2'     131.173 
LEU 'L-peptide linking' y LEUCINE                              ? 'C6 H13 N O2'     131.173 
LYS 'L-peptide linking' y LYSINE                               ? 'C6 H15 N2 O2 1'  147.195 
MET 'L-peptide linking' y METHIONINE                           ? 'C5 H11 N O2 S'   149.211 
PHE 'L-peptide linking' y PHENYLALANINE                        ? 'C9 H11 N O2'     165.189 
PRO 'L-peptide linking' y PROLINE                              ? 'C5 H9 N O2'      115.130 
SER 'L-peptide linking' y SERINE                               ? 'C3 H7 N O3'      105.093 
THR 'L-peptide linking' y THREONINE                            ? 'C4 H9 N O3'      119.119 
TRP 'L-peptide linking' y TRYPTOPHAN                           ? 'C11 H12 N2 O2'   204.225 
TYR 'L-peptide linking' y TYROSINE                             ? 'C9 H11 N O3'     181.189 
VAL 'L-peptide linking' y VALINE                               ? 'C5 H11 N O2'     117.146 
# 
_exptl.absorpt_coefficient_mu     ? 
_exptl.absorpt_correction_T_max   ? 
_exptl.absorpt_correction_T_min   ? 
_exptl.absorpt_correction_type    ? 
_exptl.absorpt_process_details    ? 
_exptl.entry_id                   6A2H 
_exptl.crystals_number            1 
_exptl.details                    ? 
_exptl.method                     'X-RAY DIFFRACTION' 
_exptl.method_details             ? 
# 
_exptl_crystal.colour                      ? 
_exptl_crystal.density_diffrn              ? 
_exptl_crystal.density_Matthews            2.10 
_exptl_crystal.density_method              ? 
_exptl_crystal.density_percent_sol         41.52 
_exptl_crystal.description                 ? 
_exptl_crystal.F_000                       ? 
_exptl_crystal.id                          1 
_exptl_crystal.preparation                 ? 
_exptl_crystal.size_max                    ? 
_exptl_crystal.size_mid                    ? 
_exptl_crystal.size_min                    ? 
_exptl_crystal.size_rad                    ? 
_exptl_crystal.colour_lustre               ? 
_exptl_crystal.colour_modifier             ? 
_exptl_crystal.colour_primary              ? 
_exptl_crystal.density_meas                ? 
_exptl_crystal.density_meas_esd            ? 
_exptl_crystal.density_meas_gt             ? 
_exptl_crystal.density_meas_lt             ? 
_exptl_crystal.density_meas_temp           ? 
_exptl_crystal.density_meas_temp_esd       ? 
_exptl_crystal.density_meas_temp_gt        ? 
_exptl_crystal.density_meas_temp_lt        ? 
_exptl_crystal.pdbx_crystal_image_url      ? 
_exptl_crystal.pdbx_crystal_image_format   ? 
_exptl_crystal.pdbx_mosaicity              ? 
_exptl_crystal.pdbx_mosaicity_esd          ? 
# 
_exptl_crystal_grow.apparatus       ? 
_exptl_crystal_grow.atmosphere      ? 
_exptl_crystal_grow.crystal_id      1 
_exptl_crystal_grow.details         ? 
_exptl_crystal_grow.method          'VAPOR DIFFUSION, SITTING DROP' 
_exptl_crystal_grow.method_ref      ? 
_exptl_crystal_grow.pH              6.5 
_exptl_crystal_grow.pressure        ? 
_exptl_crystal_grow.pressure_esd    ? 
_exptl_crystal_grow.seeding         ? 
_exptl_crystal_grow.seeding_ref     ? 
_exptl_crystal_grow.temp            293 
_exptl_crystal_grow.temp_details    ? 
_exptl_crystal_grow.temp_esd        ? 
_exptl_crystal_grow.time            ? 
_exptl_crystal_grow.pdbx_details    '0.1M Bis-Tris, pH 6.5, 25% PEG 300' 
_exptl_crystal_grow.pdbx_pH_range   ? 
# 
_diffrn.ambient_environment    ? 
_diffrn.ambient_temp           100 
_diffrn.ambient_temp_details   ? 
_diffrn.ambient_temp_esd       ? 
_diffrn.crystal_id             1 
_diffrn.crystal_support        ? 
_diffrn.crystal_treatment      ? 
_diffrn.details                ? 
_diffrn.id                     1 
_diffrn.ambient_pressure       ? 
_diffrn.ambient_pressure_esd   ? 
_diffrn.ambient_pressure_gt    ? 
_diffrn.ambient_pressure_lt    ? 
_diffrn.ambient_temp_gt        ? 
_diffrn.ambient_temp_lt        ? 
# 
_diffrn_detector.details                      ? 
_diffrn_detector.detector                     CCD 
_diffrn_detector.diffrn_id                    1 
_diffrn_detector.type                         'ADSC QUANTUM 270' 
_diffrn_detector.area_resol_mean              ? 
_diffrn_detector.dtime                        ? 
_diffrn_detector.pdbx_frames_total            ? 
_diffrn_detector.pdbx_collection_time_total   ? 
_diffrn_detector.pdbx_collection_date         2013-06-09 
# 
_diffrn_radiation.collimation                      ? 
_diffrn_radiation.diffrn_id                        1 
_diffrn_radiation.filter_edge                      ? 
_diffrn_radiation.inhomogeneity                    ? 
_diffrn_radiation.monochromator                    ? 
_diffrn_radiation.polarisn_norm                    ? 
_diffrn_radiation.polarisn_ratio                   ? 
_diffrn_radiation.probe                            ? 
_diffrn_radiation.type                             ? 
_diffrn_radiation.xray_symbol                      ? 
_diffrn_radiation.wavelength_id                    1 
_diffrn_radiation.pdbx_monochromatic_or_laue_m_l   M 
_diffrn_radiation.pdbx_wavelength_list             ? 
_diffrn_radiation.pdbx_wavelength                  ? 
_diffrn_radiation.pdbx_diffrn_protocol             'SINGLE WAVELENGTH' 
_diffrn_radiation.pdbx_analyzer                    ? 
_diffrn_radiation.pdbx_scattering_type             x-ray 
# 
_diffrn_radiation_wavelength.id           1 
_diffrn_radiation_wavelength.wavelength   0.98 
_diffrn_radiation_wavelength.wt           1.0 
# 
_diffrn_source.current                     ? 
_diffrn_source.details                     ? 
_diffrn_source.diffrn_id                   1 
_diffrn_source.power                       ? 
_diffrn_source.size                        ? 
_diffrn_source.source                      SYNCHROTRON 
_diffrn_source.target                      ? 
_diffrn_source.type                        'SSRF BEAMLINE BL17U' 
_diffrn_source.voltage                     ? 
_diffrn_source.take-off_angle              ? 
_diffrn_source.pdbx_wavelength_list        0.98 
_diffrn_source.pdbx_wavelength             ? 
_diffrn_source.pdbx_synchrotron_beamline   BL17U 
_diffrn_source.pdbx_synchrotron_site       SSRF 
# 
_reflns.B_iso_Wilson_estimate            ? 
_reflns.entry_id                         6A2H 
_reflns.data_reduction_details           ? 
_reflns.data_reduction_method            ? 
_reflns.d_resolution_high                2.30 
_reflns.d_resolution_low                 50 
_reflns.details                          ? 
_reflns.limit_h_max                      ? 
_reflns.limit_h_min                      ? 
_reflns.limit_k_max                      ? 
_reflns.limit_k_min                      ? 
_reflns.limit_l_max                      ? 
_reflns.limit_l_min                      ? 
_reflns.number_all                       ? 
_reflns.number_obs                       4371 
_reflns.observed_criterion               ? 
_reflns.observed_criterion_F_max         ? 
_reflns.observed_criterion_F_min         ? 
_reflns.observed_criterion_I_max         ? 
_reflns.observed_criterion_I_min         ? 
_reflns.observed_criterion_sigma_F       ? 
_reflns.observed_criterion_sigma_I       ? 
_reflns.percent_possible_obs             100 
_reflns.R_free_details                   ? 
_reflns.Rmerge_F_all                     ? 
_reflns.Rmerge_F_obs                     ? 
_reflns.Friedel_coverage                 ? 
_reflns.number_gt                        ? 
_reflns.threshold_expression             ? 
_reflns.pdbx_redundancy                  12.2 
_reflns.pdbx_Rmerge_I_obs                0.053 
_reflns.pdbx_Rmerge_I_all                ? 
_reflns.pdbx_Rsym_value                  ? 
_reflns.pdbx_netI_over_av_sigmaI         ? 
_reflns.pdbx_netI_over_sigmaI            1.9 
_reflns.pdbx_res_netI_over_av_sigmaI_2   ? 
_reflns.pdbx_res_netI_over_sigmaI_2      ? 
_reflns.pdbx_chi_squared                 ? 
_reflns.pdbx_scaling_rejects             ? 
_reflns.pdbx_d_res_high_opt              ? 
_reflns.pdbx_d_res_low_opt               ? 
_reflns.pdbx_d_res_opt_method            ? 
_reflns.phase_calculation_details        ? 
_reflns.pdbx_Rrim_I_all                  ? 
_reflns.pdbx_Rpim_I_all                  ? 
_reflns.pdbx_d_opt                       ? 
_reflns.pdbx_number_measured_all         ? 
_reflns.pdbx_diffrn_id                   1 
_reflns.pdbx_ordinal                     1 
_reflns.pdbx_CC_half                     ? 
_reflns.pdbx_R_split                     ? 
# 
_reflns_shell.d_res_high                  2.30 
_reflns_shell.d_res_low                   2.35 
_reflns_shell.meanI_over_sigI_all         ? 
_reflns_shell.meanI_over_sigI_obs         ? 
_reflns_shell.number_measured_all         ? 
_reflns_shell.number_measured_obs         ? 
_reflns_shell.number_possible             ? 
_reflns_shell.number_unique_all           ? 
_reflns_shell.number_unique_obs           ? 
_reflns_shell.percent_possible_all        ? 
_reflns_shell.percent_possible_obs        ? 
_reflns_shell.Rmerge_F_all                ? 
_reflns_shell.Rmerge_F_obs                ? 
_reflns_shell.Rmerge_I_all                ? 
_reflns_shell.Rmerge_I_obs                0.996 
_reflns_shell.meanI_over_sigI_gt          ? 
_reflns_shell.meanI_over_uI_all           ? 
_reflns_shell.meanI_over_uI_gt            ? 
_reflns_shell.number_measured_gt          ? 
_reflns_shell.number_unique_gt            ? 
_reflns_shell.percent_possible_gt         ? 
_reflns_shell.Rmerge_F_gt                 ? 
_reflns_shell.Rmerge_I_gt                 ? 
_reflns_shell.pdbx_redundancy             ? 
_reflns_shell.pdbx_Rsym_value             ? 
_reflns_shell.pdbx_chi_squared            ? 
_reflns_shell.pdbx_netI_over_sigmaI_all   ? 
_reflns_shell.pdbx_netI_over_sigmaI_obs   ? 
_reflns_shell.pdbx_Rrim_I_all             ? 
_reflns_shell.pdbx_Rpim_I_all             ? 
_reflns_shell.pdbx_rejects                ? 
_reflns_shell.pdbx_ordinal                1 
_reflns_shell.pdbx_diffrn_id              1 
_reflns_shell.pdbx_CC_half                ? 
_reflns_shell.pdbx_R_split                ? 
# 
_refine.aniso_B[1][1]                            ? 
_refine.aniso_B[1][2]                            ? 
_refine.aniso_B[1][3]                            ? 
_refine.aniso_B[2][2]                            ? 
_refine.aniso_B[2][3]                            ? 
_refine.aniso_B[3][3]                            ? 
_refine.B_iso_max                                ? 
_refine.B_iso_mean                               ? 
_refine.B_iso_min                                ? 
_refine.correlation_coeff_Fo_to_Fc               ? 
_refine.correlation_coeff_Fo_to_Fc_free          ? 
_refine.details                                  ? 
_refine.diff_density_max                         ? 
_refine.diff_density_max_esd                     ? 
_refine.diff_density_min                         ? 
_refine.diff_density_min_esd                     ? 
_refine.diff_density_rms                         ? 
_refine.diff_density_rms_esd                     ? 
_refine.entry_id                                 6A2H 
_refine.pdbx_refine_id                           'X-RAY DIFFRACTION' 
_refine.ls_abs_structure_details                 ? 
_refine.ls_abs_structure_Flack                   ? 
_refine.ls_abs_structure_Flack_esd               ? 
_refine.ls_abs_structure_Rogers                  ? 
_refine.ls_abs_structure_Rogers_esd              ? 
_refine.ls_d_res_high                            2.30 
_refine.ls_d_res_low                             50 
_refine.ls_extinction_coef                       ? 
_refine.ls_extinction_coef_esd                   ? 
_refine.ls_extinction_expression                 ? 
_refine.ls_extinction_method                     ? 
_refine.ls_goodness_of_fit_all                   ? 
_refine.ls_goodness_of_fit_all_esd               ? 
_refine.ls_goodness_of_fit_obs                   ? 
_refine.ls_goodness_of_fit_obs_esd               ? 
_refine.ls_hydrogen_treatment                    ? 
_refine.ls_matrix_type                           ? 
_refine.ls_number_constraints                    ? 
_refine.ls_number_parameters                     ? 
_refine.ls_number_reflns_all                     ? 
_refine.ls_number_reflns_obs                     4109 
_refine.ls_number_reflns_R_free                  224 
_refine.ls_number_reflns_R_work                  ? 
_refine.ls_number_restraints                     ? 
_refine.ls_percent_reflns_obs                    95.47 
_refine.ls_percent_reflns_R_free                 5.45 
_refine.ls_R_factor_all                          ? 
_refine.ls_R_factor_obs                          0.2143 
_refine.ls_R_factor_R_free                       0.2780 
_refine.ls_R_factor_R_free_error                 ? 
_refine.ls_R_factor_R_free_error_details         ? 
_refine.ls_R_factor_R_work                       0.2108 
_refine.ls_R_Fsqd_factor_obs                     ? 
_refine.ls_R_I_factor_obs                        ? 
_refine.ls_redundancy_reflns_all                 ? 
_refine.ls_redundancy_reflns_obs                 ? 
_refine.ls_restrained_S_all                      ? 
_refine.ls_restrained_S_obs                      ? 
_refine.ls_shift_over_esd_max                    ? 
_refine.ls_shift_over_esd_mean                   ? 
_refine.ls_structure_factor_coef                 ? 
_refine.ls_weighting_details                     ? 
_refine.ls_weighting_scheme                      ? 
_refine.ls_wR_factor_all                         ? 
_refine.ls_wR_factor_obs                         ? 
_refine.ls_wR_factor_R_free                      ? 
_refine.ls_wR_factor_R_work                      ? 
_refine.occupancy_max                            ? 
_refine.occupancy_min                            ? 
_refine.solvent_model_details                    ? 
_refine.solvent_model_param_bsol                 ? 
_refine.solvent_model_param_ksol                 ? 
_refine.ls_R_factor_gt                           ? 
_refine.ls_goodness_of_fit_gt                    ? 
_refine.ls_goodness_of_fit_ref                   ? 
_refine.ls_shift_over_su_max                     ? 
_refine.ls_shift_over_su_max_lt                  ? 
_refine.ls_shift_over_su_mean                    ? 
_refine.ls_shift_over_su_mean_lt                 ? 
_refine.pdbx_ls_sigma_I                          ? 
_refine.pdbx_ls_sigma_F                          1.35 
_refine.pdbx_ls_sigma_Fsqd                       ? 
_refine.pdbx_data_cutoff_high_absF               ? 
_refine.pdbx_data_cutoff_high_rms_absF           ? 
_refine.pdbx_data_cutoff_low_absF                ? 
_refine.pdbx_isotropic_thermal_model             ? 
_refine.pdbx_ls_cross_valid_method               'FREE R-VALUE' 
_refine.pdbx_method_to_determine_struct          'MOLECULAR REPLACEMENT' 
_refine.pdbx_starting_model                      3LWH 
_refine.pdbx_stereochemistry_target_values       ? 
_refine.pdbx_R_Free_selection_details            ? 
_refine.pdbx_stereochem_target_val_spec_case     ? 
_refine.pdbx_overall_ESU_R                       ? 
_refine.pdbx_overall_ESU_R_Free                  ? 
_refine.pdbx_solvent_vdw_probe_radii             1.11 
_refine.pdbx_solvent_ion_probe_radii             ? 
_refine.pdbx_solvent_shrinkage_radii             0.90 
_refine.pdbx_real_space_R                        ? 
_refine.pdbx_density_correlation                 ? 
_refine.pdbx_pd_number_of_powder_patterns        ? 
_refine.pdbx_pd_number_of_points                 ? 
_refine.pdbx_pd_meas_number_of_points            ? 
_refine.pdbx_pd_proc_ls_prof_R_factor            ? 
_refine.pdbx_pd_proc_ls_prof_wR_factor           ? 
_refine.pdbx_pd_Marquardt_correlation_coeff      ? 
_refine.pdbx_pd_Fsqrd_R_factor                   ? 
_refine.pdbx_pd_ls_matrix_band_width             ? 
_refine.pdbx_overall_phase_error                 20.06 
_refine.pdbx_overall_SU_R_free_Cruickshank_DPI   ? 
_refine.pdbx_overall_SU_R_free_Blow_DPI          ? 
_refine.pdbx_overall_SU_R_Blow_DPI               ? 
_refine.pdbx_TLS_residual_ADP_flag               ? 
_refine.pdbx_diffrn_id                           1 
_refine.overall_SU_B                             ? 
_refine.overall_SU_ML                            0.30 
_refine.overall_SU_R_Cruickshank_DPI             ? 
_refine.overall_SU_R_free                        ? 
_refine.overall_FOM_free_R_set                   ? 
_refine.overall_FOM_work_R_set                   ? 
_refine.pdbx_average_fsc_overall                 ? 
_refine.pdbx_average_fsc_work                    ? 
_refine.pdbx_average_fsc_free                    ? 
# 
_refine_hist.pdbx_refine_id                   'X-RAY DIFFRACTION' 
_refine_hist.cycle_id                         LAST 
_refine_hist.pdbx_number_atoms_protein        451 
_refine_hist.pdbx_number_atoms_nucleic_acid   246 
_refine_hist.pdbx_number_atoms_ligand         0 
_refine_hist.number_atoms_solvent             17 
_refine_hist.number_atoms_total               714 
_refine_hist.d_res_high                       2.30 
_refine_hist.d_res_low                        50 
# 
loop_
_refine_ls_restr.pdbx_refine_id 
_refine_ls_restr.criterion 
_refine_ls_restr.dev_ideal 
_refine_ls_restr.dev_ideal_target 
_refine_ls_restr.number 
_refine_ls_restr.rejects 
_refine_ls_restr.type 
_refine_ls_restr.weight 
_refine_ls_restr.pdbx_restraint_function 
'X-RAY DIFFRACTION' ? 0.012  ? 738  ? f_bond_d           ? ? 
'X-RAY DIFFRACTION' ? 1.432  ? 1042 ? f_angle_d          ? ? 
'X-RAY DIFFRACTION' ? 27.944 ? 301  ? f_dihedral_angle_d ? ? 
'X-RAY DIFFRACTION' ? 0.088  ? 112  ? f_chiral_restr     ? ? 
'X-RAY DIFFRACTION' ? 0.009  ? 91   ? f_plane_restr      ? ? 
# 
loop_
_refine_ls_shell.pdbx_refine_id 
_refine_ls_shell.d_res_high 
_refine_ls_shell.d_res_low 
_refine_ls_shell.number_reflns_all 
_refine_ls_shell.number_reflns_obs 
_refine_ls_shell.number_reflns_R_free 
_refine_ls_shell.number_reflns_R_work 
_refine_ls_shell.percent_reflns_obs 
_refine_ls_shell.percent_reflns_R_free 
_refine_ls_shell.R_factor_all 
_refine_ls_shell.R_factor_obs 
_refine_ls_shell.R_factor_R_free 
_refine_ls_shell.R_factor_R_free_error 
_refine_ls_shell.R_factor_R_work 
_refine_ls_shell.redundancy_reflns_all 
_refine_ls_shell.redundancy_reflns_obs 
_refine_ls_shell.wR_factor_all 
_refine_ls_shell.wR_factor_obs 
_refine_ls_shell.wR_factor_R_free 
_refine_ls_shell.wR_factor_R_work 
_refine_ls_shell.pdbx_total_number_of_bins_used 
_refine_ls_shell.pdbx_phase_error 
_refine_ls_shell.pdbx_fsc_work 
_refine_ls_shell.pdbx_fsc_free 
'X-RAY DIFFRACTION' 2.3012 2.8990  . . 92  1805 91.00  . . . 0.3755 . 0.2745 . . . . . . . . . . 
'X-RAY DIFFRACTION' 2.8990 32.1234 . . 132 2080 100.00 . . . 0.2514 . 0.1929 . . . . . . . . . . 
# 
_struct.entry_id                     6A2H 
_struct.title                        'Architectural roles of Cren7 in folding crenarchaeal chromatin filament' 
_struct.pdbx_model_details           ? 
_struct.pdbx_formula_weight          ? 
_struct.pdbx_formula_weight_method   ? 
_struct.pdbx_model_type_details      ? 
_struct.pdbx_CASP_flag               N 
# 
_struct_keywords.entry_id        6A2H 
_struct_keywords.text            'BETA-SHEET, DNA BINDING PROTEIN-DNA COMPLEX, Crenarchaeal chromatin protein' 
_struct_keywords.pdbx_keywords   'DNA BINDING PROTEIN/DNA' 
# 
loop_
_struct_asym.id 
_struct_asym.pdbx_blank_PDB_chainid_flag 
_struct_asym.pdbx_modified 
_struct_asym.entity_id 
_struct_asym.details 
A N N 1 ? 
B N N 2 ? 
C N N 3 ? 
D N N 4 ? 
E N N 4 ? 
F N N 4 ? 
# 
loop_
_struct_conn.id 
_struct_conn.conn_type_id 
_struct_conn.pdbx_leaving_atom_flag 
_struct_conn.pdbx_PDB_id 
_struct_conn.ptnr1_label_asym_id 
_struct_conn.ptnr1_label_comp_id 
_struct_conn.ptnr1_label_seq_id 
_struct_conn.ptnr1_label_atom_id 
_struct_conn.pdbx_ptnr1_label_alt_id 
_struct_conn.pdbx_ptnr1_PDB_ins_code 
_struct_conn.pdbx_ptnr1_standard_comp_id 
_struct_conn.ptnr1_symmetry 
_struct_conn.ptnr2_label_asym_id 
_struct_conn.ptnr2_label_comp_id 
_struct_conn.ptnr2_label_seq_id 
_struct_conn.ptnr2_label_atom_id 
_struct_conn.pdbx_ptnr2_label_alt_id 
_struct_conn.pdbx_ptnr2_PDB_ins_code 
_struct_conn.ptnr1_auth_asym_id 
_struct_conn.ptnr1_auth_comp_id 
_struct_conn.ptnr1_auth_seq_id 
_struct_conn.ptnr2_auth_asym_id 
_struct_conn.ptnr2_auth_comp_id 
_struct_conn.ptnr2_auth_seq_id 
_struct_conn.ptnr2_symmetry 
_struct_conn.pdbx_ptnr3_label_atom_id 
_struct_conn.pdbx_ptnr3_label_seq_id 
_struct_conn.pdbx_ptnr3_label_comp_id 
_struct_conn.pdbx_ptnr3_label_asym_id 
_struct_conn.pdbx_ptnr3_label_alt_id 
_struct_conn.pdbx_ptnr3_PDB_ins_code 
_struct_conn.details 
_struct_conn.pdbx_dist_value 
_struct_conn.pdbx_value_order 
_struct_conn.pdbx_role 
hydrog1  hydrog ? ? B DG 1 N1 ? ? ? 1_555 C DC 6 N3 ? ? B DG 106 C DC 119 1_555 ? ? ? ? ? ? WATSON-CRICK ? ? ? 
hydrog2  hydrog ? ? B DG 1 N2 ? ? ? 1_555 C DC 6 O2 ? ? B DG 106 C DC 119 1_555 ? ? ? ? ? ? WATSON-CRICK ? ? ? 
hydrog3  hydrog ? ? B DG 1 O6 ? ? ? 1_555 C DC 6 N4 ? ? B DG 106 C DC 119 1_555 ? ? ? ? ? ? WATSON-CRICK ? ? ? 
hydrog4  hydrog ? ? B DT 2 N3 ? ? ? 1_555 C DA 5 N1 ? ? B DT 107 C DA 118 1_555 ? ? ? ? ? ? WATSON-CRICK ? ? ? 
hydrog5  hydrog ? ? B DT 2 O4 ? ? ? 1_555 C DA 5 N6 ? ? B DT 107 C DA 118 1_555 ? ? ? ? ? ? WATSON-CRICK ? ? ? 
hydrog6  hydrog ? ? B DA 3 N1 ? ? ? 1_555 C DT 4 N3 ? ? B DA 108 C DT 117 1_555 ? ? ? ? ? ? WATSON-CRICK ? ? ? 
hydrog7  hydrog ? ? B DA 3 N6 ? ? ? 1_555 C DT 4 O4 ? ? B DA 108 C DT 117 1_555 ? ? ? ? ? ? WATSON-CRICK ? ? ? 
hydrog8  hydrog ? ? B DA 4 N1 ? ? ? 1_555 C DT 3 N3 ? ? B DA 109 C DT 116 1_555 ? ? ? ? ? ? WATSON-CRICK ? ? ? 
hydrog9  hydrog ? ? B DA 4 N6 ? ? ? 1_555 C DT 3 O4 ? ? B DA 109 C DT 116 1_555 ? ? ? ? ? ? WATSON-CRICK ? ? ? 
hydrog10 hydrog ? ? B DT 5 N3 ? ? ? 1_555 C DA 2 N1 ? ? B DT 110 C DA 115 1_555 ? ? ? ? ? ? WATSON-CRICK ? ? ? 
hydrog11 hydrog ? ? B DT 5 O4 ? ? ? 1_555 C DA 2 N6 ? ? B DT 110 C DA 115 1_555 ? ? ? ? ? ? WATSON-CRICK ? ? ? 
hydrog12 hydrog ? ? B DT 6 N3 ? ? ? 1_555 C DA 1 N1 ? ? B DT 111 C DA 114 1_555 ? ? ? ? ? ? WATSON-CRICK ? ? ? 
hydrog13 hydrog ? ? B DT 6 O4 ? ? ? 1_555 C DA 1 N6 ? ? B DT 111 C DA 114 1_555 ? ? ? ? ? ? WATSON-CRICK ? ? ? 
# 
_struct_conn_type.id          hydrog 
_struct_conn_type.criteria    ? 
_struct_conn_type.reference   ? 
# 
loop_
_struct_sheet.id 
_struct_sheet.type 
_struct_sheet.number_strands 
_struct_sheet.details 
AA1 ? 2 ? 
AA2 ? 3 ? 
# 
loop_
_struct_sheet_order.sheet_id 
_struct_sheet_order.range_id_1 
_struct_sheet_order.range_id_2 
_struct_sheet_order.offset 
_struct_sheet_order.sense 
AA1 1 2 ? anti-parallel 
AA2 1 2 ? anti-parallel 
AA2 2 3 ? anti-parallel 
# 
loop_
_struct_sheet_range.sheet_id 
_struct_sheet_range.id 
_struct_sheet_range.beg_label_comp_id 
_struct_sheet_range.beg_label_asym_id 
_struct_sheet_range.beg_label_seq_id 
_struct_sheet_range.pdbx_beg_PDB_ins_code 
_struct_sheet_range.end_label_comp_id 
_struct_sheet_range.end_label_asym_id 
_struct_sheet_range.end_label_seq_id 
_struct_sheet_range.pdbx_end_PDB_ins_code 
_struct_sheet_range.beg_auth_comp_id 
_struct_sheet_range.beg_auth_asym_id 
_struct_sheet_range.beg_auth_seq_id 
_struct_sheet_range.end_auth_comp_id 
_struct_sheet_range.end_auth_asym_id 
_struct_sheet_range.end_auth_seq_id 
AA1 1 VAL A 8  ? LYS A 11 ? VAL A 8  LYS A 11 
AA1 2 GLU A 17 ? LEU A 20 ? GLU A 17 LEU A 20 
AA2 1 LYS A 24 ? LEU A 28 ? LYS A 24 LEU A 28 
AA2 2 VAL A 36 ? LYS A 42 ? VAL A 36 LYS A 42 
AA2 3 TYR A 49 ? LYS A 53 ? TYR A 49 LYS A 53 
# 
loop_
_pdbx_struct_sheet_hbond.sheet_id 
_pdbx_struct_sheet_hbond.range_id_1 
_pdbx_struct_sheet_hbond.range_id_2 
_pdbx_struct_sheet_hbond.range_1_label_atom_id 
_pdbx_struct_sheet_hbond.range_1_label_comp_id 
_pdbx_struct_sheet_hbond.range_1_label_asym_id 
_pdbx_struct_sheet_hbond.range_1_label_seq_id 
_pdbx_struct_sheet_hbond.range_1_PDB_ins_code 
_pdbx_struct_sheet_hbond.range_1_auth_atom_id 
_pdbx_struct_sheet_hbond.range_1_auth_comp_id 
_pdbx_struct_sheet_hbond.range_1_auth_asym_id 
_pdbx_struct_sheet_hbond.range_1_auth_seq_id 
_pdbx_struct_sheet_hbond.range_2_label_atom_id 
_pdbx_struct_sheet_hbond.range_2_label_comp_id 
_pdbx_struct_sheet_hbond.range_2_label_asym_id 
_pdbx_struct_sheet_hbond.range_2_label_seq_id 
_pdbx_struct_sheet_hbond.range_2_PDB_ins_code 
_pdbx_struct_sheet_hbond.range_2_auth_atom_id 
_pdbx_struct_sheet_hbond.range_2_auth_comp_id 
_pdbx_struct_sheet_hbond.range_2_auth_asym_id 
_pdbx_struct_sheet_hbond.range_2_auth_seq_id 
AA1 1 2 N VAL A 8  ? N VAL A 8  O LEU A 20 ? O LEU A 20 
AA2 1 2 N TRP A 26 ? N TRP A 26 O ILE A 38 ? O ILE A 38 
AA2 2 3 N PHE A 41 ? N PHE A 41 O PHE A 50 ? O PHE A 50 
# 
_atom_sites.entry_id                    6A2H 
_atom_sites.fract_transf_matrix[1][1]   -0.02144447 
_atom_sites.fract_transf_matrix[1][2]   0.00550154 
_atom_sites.fract_transf_matrix[1][3]   -0.01073656 
_atom_sites.fract_transf_matrix[2][1]   0.01111343 
_atom_sites.fract_transf_matrix[2][2]   0.00048884 
_atom_sites.fract_transf_matrix[2][3]   -0.02194672 
_atom_sites.fract_transf_matrix[3][1]   -0.00181936 
_atom_sites.fract_transf_matrix[3][2]   -0.00929361 
_atom_sites.fract_transf_matrix[3][3]   -0.00112830 
_atom_sites.fract_transf_vector[1]      0.097954 
_atom_sites.fract_transf_vector[2]      0.454672 
_atom_sites.fract_transf_vector[3]      0.076047 
# 
loop_
_atom_type.symbol 
C 
N 
O 
P 
# 
loop_
_atom_site.group_PDB 
_atom_site.id 
_atom_site.type_symbol 
_atom_site.label_atom_id 
_atom_site.label_alt_id 
_atom_site.label_comp_id 
_atom_site.label_asym_id 
_atom_site.label_entity_id 
_atom_site.label_seq_id 
_atom_site.pdbx_PDB_ins_code 
_atom_site.Cartn_x 
_atom_site.Cartn_y 
_atom_site.Cartn_z 
_atom_site.occupancy 
_atom_site.B_iso_or_equiv 
_atom_site.pdbx_formal_charge 
_atom_site.auth_seq_id 
_atom_site.auth_comp_id 
_atom_site.auth_asym_id 
_atom_site.auth_atom_id 
_atom_site.pdbx_PDB_model_num 
ATOM   1   N N     . GLY A 1 4  ? -0.380  9.073   6.015   1.00 61.82 ? 4   GLY A N     1 
ATOM   2   C CA    . GLY A 1 4  ? -1.177  8.071   5.315   1.00 63.97 ? 4   GLY A CA    1 
ATOM   3   C C     . GLY A 1 4  ? -2.673  8.449   5.300   1.00 65.32 ? 4   GLY A C     1 
ATOM   4   O O     . GLY A 1 4  ? -3.406  8.115   6.243   1.00 66.24 ? 4   GLY A O     1 
ATOM   5   N N     . LYS A 1 5  ? -3.121  9.116   4.222   1.00 59.97 ? 5   LYS A N     1 
ATOM   6   C CA    . LYS A 1 5  ? -4.374  9.878   4.233   1.00 66.72 ? 5   LYS A CA    1 
ATOM   7   C C     . LYS A 1 5  ? -5.406  9.396   3.215   1.00 66.18 ? 5   LYS A C     1 
ATOM   8   O O     . LYS A 1 5  ? -6.518  9.021   3.608   1.00 65.55 ? 5   LYS A O     1 
ATOM   9   C CB    . LYS A 1 5  ? -4.076  11.376  4.017   1.00 69.30 ? 5   LYS A CB    1 
ATOM   10  C CG    . LYS A 1 5  ? -3.471  11.766  2.643   1.00 61.99 ? 5   LYS A CG    1 
ATOM   11  C CD    . LYS A 1 5  ? -2.995  13.237  2.600   1.00 66.18 ? 5   LYS A CD    1 
ATOM   12  C CE    . LYS A 1 5  ? -4.132  14.247  2.812   1.00 59.39 ? 5   LYS A CE    1 
ATOM   13  N NZ    . LYS A 1 5  ? -4.896  14.586  1.568   1.00 56.50 ? 5   LYS A NZ    1 
ATOM   14  N N     . LYS A 1 6  ? -5.096  9.422   1.913   1.00 63.12 ? 6   LYS A N     1 
ATOM   15  C CA    . LYS A 1 6  ? -5.961  9.251   0.746   1.00 61.45 ? 6   LYS A CA    1 
ATOM   16  C C     . LYS A 1 6  ? -6.041  7.774   0.329   1.00 60.59 ? 6   LYS A C     1 
ATOM   17  O O     . LYS A 1 6  ? -5.031  7.064   0.347   1.00 60.59 ? 6   LYS A O     1 
ATOM   18  C CB    . LYS A 1 6  ? -5.444  10.110  -0.409  1.00 52.34 ? 6   LYS A CB    1 
ATOM   19  C CG    . LYS A 1 6  ? -5.497  9.474   -1.800  1.00 63.41 ? 6   LYS A CG    1 
ATOM   20  C CD    . LYS A 1 6  ? -4.853  10.397  -2.837  1.00 61.62 ? 6   LYS A CD    1 
ATOM   21  C CE    . LYS A 1 6  ? -4.806  9.748   -4.218  1.00 64.87 ? 6   LYS A CE    1 
ATOM   22  N NZ    . LYS A 1 6  ? -5.324  10.682  -5.281  1.00 65.68 ? 6   LYS A NZ    1 
ATOM   23  N N     . PRO A 1 7  ? -7.238  7.293   0.002   1.00 59.61 ? 7   PRO A N     1 
ATOM   24  C CA    . PRO A 1 7  ? -7.412  5.872   -0.331  1.00 57.60 ? 7   PRO A CA    1 
ATOM   25  C C     . PRO A 1 7  ? -6.710  5.381   -1.584  1.00 54.49 ? 7   PRO A C     1 
ATOM   26  O O     . PRO A 1 7  ? -6.514  6.135   -2.536  1.00 51.15 ? 7   PRO A O     1 
ATOM   27  C CB    . PRO A 1 7  ? -8.927  5.742   -0.493  1.00 58.86 ? 7   PRO A CB    1 
ATOM   28  C CG    . PRO A 1 7  ? -9.357  7.088   -0.955  1.00 56.94 ? 7   PRO A CG    1 
ATOM   29  C CD    . PRO A 1 7  ? -8.423  8.089   -0.345  1.00 59.35 ? 7   PRO A CD    1 
ATOM   30  N N     . VAL A 1 8  ? -6.334  4.103   -1.552  1.00 50.05 ? 8   VAL A N     1 
ATOM   31  C CA    . VAL A 1 8  ? -5.646  3.459   -2.650  1.00 46.55 ? 8   VAL A CA    1 
ATOM   32  C C     . VAL A 1 8  ? -6.417  2.228   -3.146  1.00 45.42 ? 8   VAL A C     1 
ATOM   33  O O     . VAL A 1 8  ? -7.005  1.494   -2.353  1.00 48.33 ? 8   VAL A O     1 
ATOM   34  C CB    . VAL A 1 8  ? -4.207  3.022   -2.283  1.00 44.75 ? 8   VAL A CB    1 
ATOM   35  C CG1   . VAL A 1 8  ? -3.455  2.531   -3.523  1.00 41.28 ? 8   VAL A CG1   1 
ATOM   36  C CG2   . VAL A 1 8  ? -3.449  4.158   -1.616  1.00 42.59 ? 8   VAL A CG2   1 
ATOM   37  N N     . LYS A 1 9  ? -6.415  2.010   -4.459  1.00 44.16 ? 9   LYS A N     1 
ATOM   38  C CA    . LYS A 1 9  ? -7.081  0.841   -5.009  1.00 47.10 ? 9   LYS A CA    1 
ATOM   39  C C     . LYS A 1 9  ? -6.037  -0.260  -4.895  1.00 49.80 ? 9   LYS A C     1 
ATOM   40  O O     . LYS A 1 9  ? -4.941  -0.171  -5.456  1.00 41.74 ? 9   LYS A O     1 
ATOM   41  C CB    . LYS A 1 9  ? -7.493  1.068   -6.464  1.00 49.76 ? 9   LYS A CB    1 
ATOM   42  C CG    . LYS A 1 9  ? -8.962  1.439   -6.622  1.00 60.08 ? 9   LYS A CG    1 
ATOM   43  C CD    . LYS A 1 9  ? -9.865  0.215   -6.621  1.00 64.16 ? 9   LYS A CD    1 
ATOM   44  C CE    . LYS A 1 9  ? -11.321 0.597   -6.852  1.00 66.02 ? 9   LYS A CE    1 
ATOM   45  N NZ    . LYS A 1 9  ? -12.230 -0.177  -5.964  1.00 59.15 ? 9   LYS A NZ    1 
ATOM   46  N N     . VAL A 1 10 ? -6.378  -1.293  -4.142  1.00 45.82 ? 10  VAL A N     1 
ATOM   47  C CA    . VAL A 1 10 ? -5.461  -2.387  -3.904  1.00 42.00 ? 10  VAL A CA    1 
ATOM   48  C C     . VAL A 1 10 ? -6.111  -3.739  -4.065  1.00 46.59 ? 10  VAL A C     1 
ATOM   49  O O     . VAL A 1 10 ? -7.322  -3.881  -3.989  1.00 49.96 ? 10  VAL A O     1 
ATOM   50  C CB    . VAL A 1 10 ? -4.893  -2.348  -2.470  1.00 40.09 ? 10  VAL A CB    1 
ATOM   51  C CG1   . VAL A 1 10 ? -4.123  -1.060  -2.222  1.00 41.07 ? 10  VAL A CG1   1 
ATOM   52  C CG2   . VAL A 1 10 ? -6.016  -2.530  -1.456  1.00 40.58 ? 10  VAL A CG2   1 
ATOM   53  N N     . LYS A 1 11 ? -5.276  -4.736  -4.293  1.00 40.08 ? 11  LYS A N     1 
ATOM   54  C CA    . LYS A 1 11 ? -5.733  -6.116  -4.411  1.00 40.76 ? 11  LYS A CA    1 
ATOM   55  C C     . LYS A 1 11 ? -5.449  -6.816  -3.089  1.00 35.81 ? 11  LYS A C     1 
ATOM   56  O O     . LYS A 1 11 ? -4.292  -7.061  -2.756  1.00 52.19 ? 11  LYS A O     1 
ATOM   57  C CB    . LYS A 1 11 ? -5.015  -6.810  -5.567  1.00 43.20 ? 11  LYS A CB    1 
ATOM   58  C CG    . LYS A 1 11 ? -5.280  -8.299  -5.674  1.00 51.64 ? 11  LYS A CG    1 
ATOM   59  C CD    . LYS A 1 11 ? -6.698  -8.566  -6.178  1.00 60.62 ? 11  LYS A CD    1 
ATOM   60  C CE    . LYS A 1 11 ? -6.760  -9.789  -7.104  1.00 57.16 ? 11  LYS A CE    1 
ATOM   61  N NZ    . LYS A 1 11 ? -8.121  -9.917  -7.736  1.00 59.44 ? 11  LYS A NZ    1 
ATOM   62  N N     . THR A 1 12 ? -6.487  -7.138  -2.330  1.00 44.24 ? 12  THR A N     1 
ATOM   63  C CA    . THR A 1 12 ? -6.267  -7.738  -1.017  1.00 44.42 ? 12  THR A CA    1 
ATOM   64  C C     . THR A 1 12 ? -5.800  -9.188  -1.158  1.00 46.91 ? 12  THR A C     1 
ATOM   65  O O     . THR A 1 12 ? -6.025  -9.832  -2.189  1.00 42.19 ? 12  THR A O     1 
ATOM   66  C CB    . THR A 1 12 ? -7.541  -7.688  -0.158  1.00 44.63 ? 12  THR A CB    1 
ATOM   67  O OG1   . THR A 1 12 ? -8.457  -8.715  -0.574  1.00 41.22 ? 12  THR A OG1   1 
ATOM   68  C CG2   . THR A 1 12 ? -8.205  -6.326  -0.267  1.00 43.85 ? 12  THR A CG2   1 
ATOM   69  N N     . PRO A 1 13 ? -5.147  -9.726  -0.117  1.00 40.95 ? 13  PRO A N     1 
ATOM   70  C CA    . PRO A 1 13 ? -4.786  -11.153 -0.138  1.00 44.86 ? 13  PRO A CA    1 
ATOM   71  C C     . PRO A 1 13 ? -5.984  -12.059 -0.348  1.00 51.34 ? 13  PRO A C     1 
ATOM   72  O O     . PRO A 1 13 ? -5.894  -13.043 -1.098  1.00 52.51 ? 13  PRO A O     1 
ATOM   73  C CB    . PRO A 1 13 ? -4.155  -11.373 1.241   1.00 37.32 ? 13  PRO A CB    1 
ATOM   74  C CG    . PRO A 1 13 ? -3.719  -10.049 1.672   1.00 47.61 ? 13  PRO A CG    1 
ATOM   75  C CD    . PRO A 1 13 ? -4.691  -9.065  1.112   1.00 42.29 ? 13  PRO A CD    1 
ATOM   76  N N     . ALA A 1 14 ? -7.108  -11.738 0.312   1.00 53.72 ? 14  ALA A N     1 
ATOM   77  C CA    . ALA A 1 14 ? -8.367  -12.454 0.145   1.00 53.01 ? 14  ALA A CA    1 
ATOM   78  C C     . ALA A 1 14 ? -8.751  -12.653 -1.315  1.00 53.72 ? 14  ALA A C     1 
ATOM   79  O O     . ALA A 1 14 ? -9.480  -13.601 -1.622  1.00 60.51 ? 14  ALA A O     1 
ATOM   80  C CB    . ALA A 1 14 ? -9.495  -11.702 0.865   1.00 43.68 ? 14  ALA A CB    1 
ATOM   81  N N     . GLY A 1 15 ? -8.287  -11.791 -2.217  1.00 48.49 ? 15  GLY A N     1 
ATOM   82  C CA    . GLY A 1 15 ? -8.644  -11.848 -3.620  1.00 45.46 ? 15  GLY A CA    1 
ATOM   83  C C     . GLY A 1 15 ? -9.295  -10.591 -4.162  1.00 47.62 ? 15  GLY A C     1 
ATOM   84  O O     . GLY A 1 15 ? -9.264  -10.373 -5.377  1.00 55.48 ? 15  GLY A O     1 
ATOM   85  N N     . LYS A 1 16 ? -9.847  -9.736  -3.315  1.00 37.96 ? 16  LYS A N     1 
ATOM   86  C CA    . LYS A 1 16 ? -10.745 -8.692  -3.783  1.00 46.27 ? 16  LYS A CA    1 
ATOM   87  C C     . LYS A 1 16 ? -10.032 -7.408  -4.194  1.00 46.52 ? 16  LYS A C     1 
ATOM   88  O O     . LYS A 1 16 ? -8.972  -7.051  -3.674  1.00 50.58 ? 16  LYS A O     1 
ATOM   89  C CB    . LYS A 1 16 ? -11.784 -8.379  -2.707  1.00 46.49 ? 16  LYS A CB    1 
ATOM   90  C CG    . LYS A 1 16 ? -12.887 -9.423  -2.666  1.00 46.75 ? 16  LYS A CG    1 
ATOM   91  C CD    . LYS A 1 16 ? -13.124 -9.937  -1.264  1.00 49.82 ? 16  LYS A CD    1 
ATOM   92  C CE    . LYS A 1 16 ? -14.613 -9.973  -0.997  1.00 47.00 ? 16  LYS A CE    1 
ATOM   93  N NZ    . LYS A 1 16 ? -15.251 -8.644  -1.295  1.00 51.56 ? 16  LYS A NZ    1 
ATOM   94  N N     . GLU A 1 17 ? -10.628 -6.723  -5.157  1.00 48.68 ? 17  GLU A N     1 
ATOM   95  C CA    . GLU A 1 17 ? -10.293 -5.332  -5.402  1.00 50.97 ? 17  GLU A CA    1 
ATOM   96  C C     . GLU A 1 17 ? -10.919 -4.490  -4.291  1.00 49.99 ? 17  GLU A C     1 
ATOM   97  O O     . GLU A 1 17 ? -11.989 -4.825  -3.781  1.00 47.96 ? 17  GLU A O     1 
ATOM   98  C CB    . GLU A 1 17 ? -10.794 -4.929  -6.791  1.00 47.56 ? 17  GLU A CB    1 
ATOM   99  C CG    . GLU A 1 17 ? -10.642 -3.450  -7.143  1.00 62.25 ? 17  GLU A CG    1 
ATOM   100 C CD    . GLU A 1 17 ? -9.288  -3.119  -7.745  1.00 68.78 ? 17  GLU A CD    1 
ATOM   101 O OE1   . GLU A 1 17 ? -8.858  -3.831  -8.687  1.00 70.28 ? 17  GLU A OE1   1 
ATOM   102 O OE2   . GLU A 1 17 ? -8.651  -2.149  -7.262  1.00 62.87 ? 17  GLU A OE2   1 
ATOM   103 N N     . ALA A 1 18 ? -10.231 -3.428  -3.866  1.00 49.26 ? 18  ALA A N     1 
ATOM   104 C CA    . ALA A 1 18 ? -10.701 -2.688  -2.696  1.00 44.71 ? 18  ALA A CA    1 
ATOM   105 C C     . ALA A 1 18 ? -10.019 -1.331  -2.590  1.00 49.10 ? 18  ALA A C     1 
ATOM   106 O O     . ALA A 1 18 ? -8.842  -1.184  -2.930  1.00 49.89 ? 18  ALA A O     1 
ATOM   107 C CB    . ALA A 1 18 ? -10.467 -3.477  -1.410  1.00 39.91 ? 18  ALA A CB    1 
ATOM   108 N N     . GLU A 1 19 ? -10.769 -0.348  -2.086  1.00 42.14 ? 19  GLU A N     1 
ATOM   109 C CA    . GLU A 1 19 ? -10.282 1.021   -1.914  1.00 49.68 ? 19  GLU A CA    1 
ATOM   110 C C     . GLU A 1 19 ? -10.030 1.219   -0.431  1.00 51.86 ? 19  GLU A C     1 
ATOM   111 O O     . GLU A 1 19 ? -10.954 1.500   0.334   1.00 51.40 ? 19  GLU A O     1 
ATOM   112 C CB    . GLU A 1 19 ? -11.276 2.050   -2.443  1.00 49.12 ? 19  GLU A CB    1 
ATOM   113 C CG    . GLU A 1 19 ? -11.150 2.342   -3.935  1.00 55.74 ? 19  GLU A CG    1 
ATOM   114 C CD    . GLU A 1 19 ? -11.346 3.827   -4.290  1.00 67.10 ? 19  GLU A CD    1 
ATOM   115 O OE1   . GLU A 1 19 ? -11.877 4.611   -3.459  1.00 47.87 ? 19  GLU A OE1   1 
ATOM   116 O OE2   . GLU A 1 19 ? -10.945 4.205   -5.419  1.00 74.21 ? 19  GLU A OE2   1 
ATOM   117 N N     . LEU A 1 20 ? -8.782  1.058   -0.013  1.00 45.34 ? 20  LEU A N     1 
ATOM   118 C CA    . LEU A 1 20 ? -8.458  1.154   1.395   1.00 38.89 ? 20  LEU A CA    1 
ATOM   119 C C     . LEU A 1 20 ? -7.477  2.292   1.613   1.00 43.27 ? 20  LEU A C     1 
ATOM   120 O O     . LEU A 1 20 ? -6.778  2.731   0.694   1.00 50.14 ? 20  LEU A O     1 
ATOM   121 C CB    . LEU A 1 20 ? -7.890  -0.162  1.927   1.00 40.59 ? 20  LEU A CB    1 
ATOM   122 C CG    . LEU A 1 20 ? -8.669  -1.453  1.615   1.00 49.11 ? 20  LEU A CG    1 
ATOM   123 C CD1   . LEU A 1 20 ? -7.818  -2.711  1.862   1.00 42.19 ? 20  LEU A CD1   1 
ATOM   124 C CD2   . LEU A 1 20 ? -9.956  -1.539  2.419   1.00 40.31 ? 20  LEU A CD2   1 
ATOM   125 N N     . VAL A 1 21 ? -7.456  2.777   2.846   1.00 45.79 ? 21  VAL A N     1 
ATOM   126 C CA    . VAL A 1 21 ? -6.551  3.839   3.276   1.00 46.66 ? 21  VAL A CA    1 
ATOM   127 C C     . VAL A 1 21 ? -5.417  3.193   4.067   1.00 46.28 ? 21  VAL A C     1 
ATOM   128 O O     . VAL A 1 21 ? -5.686  2.511   5.072   1.00 43.12 ? 21  VAL A O     1 
ATOM   129 C CB    . VAL A 1 21 ? -7.276  4.899   4.117   1.00 54.95 ? 21  VAL A CB    1 
ATOM   130 C CG1   . VAL A 1 21 ? -6.297  5.654   5.014   1.00 47.89 ? 21  VAL A CG1   1 
ATOM   131 C CG2   . VAL A 1 21 ? -8.012  5.863   3.196   1.00 63.05 ? 21  VAL A CG2   1 
ATOM   132 N N     . PRO A 1 22 ? -4.168  3.381   3.664   1.00 44.34 ? 22  PRO A N     1 
ATOM   133 C CA    . PRO A 1 22 ? -3.064  2.694   4.328   1.00 44.83 ? 22  PRO A CA    1 
ATOM   134 C C     . PRO A 1 22 ? -2.874  3.207   5.741   1.00 41.88 ? 22  PRO A C     1 
ATOM   135 O O     . PRO A 1 22 ? -3.085  4.383   6.034   1.00 52.09 ? 22  PRO A O     1 
ATOM   136 C CB    . PRO A 1 22 ? -1.867  3.050   3.447   1.00 38.46 ? 22  PRO A CB    1 
ATOM   137 C CG    . PRO A 1 22 ? -2.227  4.395   2.939   1.00 42.80 ? 22  PRO A CG    1 
ATOM   138 C CD    . PRO A 1 22 ? -3.690  4.385   2.701   1.00 45.13 ? 22  PRO A CD    1 
ATOM   139 N N     . GLU A 1 23 ? -2.479  2.306   6.627   1.00 39.66 ? 23  GLU A N     1 
ATOM   140 C CA    . GLU A 1 23 ? -2.070  2.738   7.956   1.00 41.36 ? 23  GLU A CA    1 
ATOM   141 C C     . GLU A 1 23 ? -0.776  3.541   7.891   1.00 46.99 ? 23  GLU A C     1 
ATOM   142 O O     . GLU A 1 23 ? -0.673  4.623   8.478   1.00 54.39 ? 23  GLU A O     1 
ATOM   143 C CB    . GLU A 1 23 ? -1.909  1.530   8.870   1.00 38.34 ? 23  GLU A CB    1 
ATOM   144 C CG    . GLU A 1 23 ? -2.811  1.565   10.068  1.00 51.10 ? 23  GLU A CG    1 
ATOM   145 C CD    . GLU A 1 23 ? -3.424  0.221   10.350  1.00 44.32 ? 23  GLU A CD    1 
ATOM   146 O OE1   . GLU A 1 23 ? -4.420  -0.127  9.686   1.00 48.22 ? 23  GLU A OE1   1 
ATOM   147 O OE2   . GLU A 1 23 ? -2.889  -0.487  11.228  1.00 54.47 ? 23  GLU A OE2   1 
ATOM   148 N N     . LYS A 1 24 ? 0.224   3.033   7.180   1.00 35.34 ? 24  LYS A N     1 
ATOM   149 C CA    . LYS A 1 24 ? 1.480   3.748   7.037   1.00 41.99 ? 24  LYS A CA    1 
ATOM   150 C C     . LYS A 1 24 ? 1.965   3.583   5.607   1.00 41.45 ? 24  LYS A C     1 
ATOM   151 O O     . LYS A 1 24 ? 1.724   2.543   4.980   1.00 38.64 ? 24  LYS A O     1 
ATOM   152 C CB    . LYS A 1 24 ? 2.537   3.255   8.043   1.00 43.98 ? 24  LYS A CB    1 
ATOM   153 C CG    . LYS A 1 24 ? 2.178   3.590   9.512   1.00 56.65 ? 24  LYS A CG    1 
ATOM   154 C CD    . LYS A 1 24 ? 2.708   2.549   10.529  1.00 49.47 ? 24  LYS A CD    1 
ATOM   155 C CE    . LYS A 1 24 ? 2.291   2.877   11.977  1.00 48.07 ? 24  LYS A CE    1 
ATOM   156 N NZ    . LYS A 1 24 ? 2.887   1.931   13.006  1.00 41.39 ? 24  LYS A NZ    1 
ATOM   157 N N     . VAL A 1 25 ? 2.598   4.641   5.086   1.00 33.48 ? 25  VAL A N     1 
ATOM   158 C CA    . VAL A 1 25 ? 3.208   4.640   3.765   1.00 34.01 ? 25  VAL A CA    1 
ATOM   159 C C     . VAL A 1 25 ? 4.653   5.102   3.892   1.00 35.41 ? 25  VAL A C     1 
ATOM   160 O O     . VAL A 1 25 ? 4.998   5.886   4.785   1.00 36.28 ? 25  VAL A O     1 
ATOM   161 C CB    . VAL A 1 25 ? 2.444   5.538   2.774   1.00 32.22 ? 25  VAL A CB    1 
ATOM   162 C CG1   . VAL A 1 25 ? 0.987   5.186   2.785   1.00 35.58 ? 25  VAL A CG1   1 
ATOM   163 C CG2   . VAL A 1 25 ? 2.633   6.987   3.122   1.00 31.53 ? 25  VAL A CG2   1 
ATOM   164 N N     . TRP A 1 26 ? 5.498   4.618   2.982   1.00 30.81 ? 26  TRP A N     1 
ATOM   165 C CA    . TRP A 1 26 ? 6.909   4.980   2.994   1.00 28.18 ? 26  TRP A CA    1 
ATOM   166 C C     . TRP A 1 26 ? 7.533   4.557   1.684   1.00 26.13 ? 26  TRP A C     1 
ATOM   167 O O     . TRP A 1 26 ? 6.973   3.741   0.946   1.00 25.42 ? 26  TRP A O     1 
ATOM   168 C CB    . TRP A 1 26 ? 7.664   4.335   4.147   1.00 27.93 ? 26  TRP A CB    1 
ATOM   169 C CG    . TRP A 1 26 ? 7.790   2.836   4.061   1.00 24.97 ? 26  TRP A CG    1 
ATOM   170 C CD1   . TRP A 1 26 ? 8.840   2.126   3.562   1.00 26.47 ? 26  TRP A CD1   1 
ATOM   171 C CD2   . TRP A 1 26 ? 6.845   1.871   4.547   1.00 22.91 ? 26  TRP A CD2   1 
ATOM   172 N NE1   . TRP A 1 26 ? 8.601   0.769   3.692   1.00 29.49 ? 26  TRP A NE1   1 
ATOM   173 C CE2   . TRP A 1 26 ? 7.379   0.596   4.297   1.00 29.79 ? 26  TRP A CE2   1 
ATOM   174 C CE3   . TRP A 1 26 ? 5.593   1.966   5.163   1.00 33.12 ? 26  TRP A CE3   1 
ATOM   175 C CZ2   . TRP A 1 26 ? 6.706   -0.573  4.645   1.00 32.38 ? 26  TRP A CZ2   1 
ATOM   176 C CZ3   . TRP A 1 26 ? 4.927   0.809   5.494   1.00 31.87 ? 26  TRP A CZ3   1 
ATOM   177 C CH2   . TRP A 1 26 ? 5.485   -0.443  5.238   1.00 30.08 ? 26  TRP A CH2   1 
ATOM   178 N N     . ALA A 1 27 ? 8.702   5.140   1.410   1.00 24.26 ? 27  ALA A N     1 
ATOM   179 C CA    . ALA A 1 27 ? 9.481   4.828   0.230   1.00 27.79 ? 27  ALA A CA    1 
ATOM   180 C C     . ALA A 1 27 ? 10.449  3.700   0.548   1.00 25.13 ? 27  ALA A C     1 
ATOM   181 O O     . ALA A 1 27 ? 11.087  3.686   1.597   1.00 24.21 ? 27  ALA A O     1 
ATOM   182 C CB    . ALA A 1 27 ? 10.250  6.056   -0.279  1.00 27.98 ? 27  ALA A CB    1 
ATOM   183 N N     . LEU A 1 28 ? 10.543  2.756   -0.377  1.00 23.29 ? 28  LEU A N     1 
ATOM   184 C CA    . LEU A 1 28 ? 11.356  1.567   -0.259  1.00 21.09 ? 28  LEU A CA    1 
ATOM   185 C C     . LEU A 1 28 ? 12.331  1.623   -1.430  1.00 28.55 ? 28  LEU A C     1 
ATOM   186 O O     . LEU A 1 28 ? 12.044  1.111   -2.516  1.00 29.25 ? 28  LEU A O     1 
ATOM   187 C CB    . LEU A 1 28 ? 10.492  0.322   -0.294  1.00 16.68 ? 28  LEU A CB    1 
ATOM   188 C CG    . LEU A 1 28 ? 11.271  -0.987  -0.224  1.00 19.63 ? 28  LEU A CG    1 
ATOM   189 C CD1   . LEU A 1 28 ? 11.931  -1.074  1.149   1.00 20.14 ? 28  LEU A CD1   1 
ATOM   190 C CD2   . LEU A 1 28 ? 10.330  -2.179  -0.464  1.00 21.77 ? 28  LEU A CD2   1 
ATOM   191 N N     . ALA A 1 29 ? 13.482  2.266   -1.230  1.00 22.51 ? 29  ALA A N     1 
ATOM   192 C CA    . ALA A 1 29 ? 14.375  2.355   -2.358  1.00 24.60 ? 29  ALA A CA    1 
ATOM   193 C C     . ALA A 1 29 ? 15.812  2.082   -1.923  1.00 23.89 ? 29  ALA A C     1 
ATOM   194 O O     . ALA A 1 29 ? 16.256  2.582   -0.881  1.00 23.70 ? 29  ALA A O     1 
ATOM   195 C CB    . ALA A 1 29 ? 14.270  3.720   -3.041  1.00 19.03 ? 29  ALA A CB    1 
ATOM   196 N N     . PRO A 1 30 ? 16.528  1.263   -2.667  1.00 19.95 ? 30  PRO A N     1 
ATOM   197 C CA    . PRO A 1 30 ? 17.960  1.104   -2.432  1.00 28.16 ? 30  PRO A CA    1 
ATOM   198 C C     . PRO A 1 30 ? 18.727  2.309   -2.955  1.00 27.90 ? 30  PRO A C     1 
ATOM   199 O O     . PRO A 1 30 ? 18.230  3.103   -3.757  1.00 23.95 ? 30  PRO A O     1 
ATOM   200 C CB    . PRO A 1 30 ? 18.324  -0.164  -3.226  1.00 28.18 ? 30  PRO A CB    1 
ATOM   201 C CG    . PRO A 1 30 ? 17.072  -0.516  -4.050  1.00 27.57 ? 30  PRO A CG    1 
ATOM   202 C CD    . PRO A 1 30 ? 16.112  0.650   -3.936  1.00 23.97 ? 30  PRO A CD    1 
ATOM   203 N N     . LYS A 1 31 ? 19.946  2.459   -2.449  1.00 27.14 ? 31  LYS A N     1 
ATOM   204 C CA    . LYS A 1 31 ? 20.859  3.440   -3.023  1.00 29.55 ? 31  LYS A CA    1 
ATOM   205 C C     . LYS A 1 31 ? 21.095  3.126   -4.501  1.00 25.98 ? 31  LYS A C     1 
ATOM   206 O O     . LYS A 1 31 ? 21.285  1.964   -4.883  1.00 24.30 ? 31  LYS A O     1 
ATOM   207 C CB    . LYS A 1 31 ? 22.185  3.436   -2.252  1.00 21.11 ? 31  LYS A CB    1 
ATOM   208 C CG    . LYS A 1 31 ? 22.042  3.782   -0.761  1.00 19.15 ? 31  LYS A CG    1 
ATOM   209 C CD    . LYS A 1 31 ? 23.175  3.130   0.036   1.00 23.63 ? 31  LYS A CD    1 
ATOM   210 C CE    . LYS A 1 31 ? 22.968  3.305   1.536   1.00 29.00 ? 31  LYS A CE    1 
ATOM   211 N NZ    . LYS A 1 31 ? 23.794  2.352   2.336   1.00 35.06 ? 31  LYS A NZ    1 
ATOM   212 N N     . GLY A 1 32 ? 21.084  4.156   -5.344  1.00 23.66 ? 32  GLY A N     1 
ATOM   213 C CA    . GLY A 1 32 ? 21.310  3.926   -6.760  1.00 29.55 ? 32  GLY A CA    1 
ATOM   214 C C     . GLY A 1 32 ? 20.078  3.622   -7.605  1.00 33.82 ? 32  GLY A C     1 
ATOM   215 O O     . GLY A 1 32 ? 20.202  3.557   -8.833  1.00 37.88 ? 32  GLY A O     1 
ATOM   216 N N     . ARG A 1 33 ? 18.895  3.442   -7.005  1.00 31.00 ? 33  ARG A N     1 
ATOM   217 C CA    . ARG A 1 33 ? 17.730  2.955   -7.736  1.00 31.98 ? 33  ARG A CA    1 
ATOM   218 C C     . ARG A 1 33 ? 16.496  3.740   -7.328  1.00 29.10 ? 33  ARG A C     1 
ATOM   219 O O     . ARG A 1 33 ? 16.440  4.294   -6.233  1.00 29.22 ? 33  ARG A O     1 
ATOM   220 C CB    . ARG A 1 33 ? 17.495  1.460   -7.478  1.00 31.66 ? 33  ARG A CB    1 
ATOM   221 C CG    . ARG A 1 33 ? 18.470  0.551   -8.171  1.00 31.93 ? 33  ARG A CG    1 
ATOM   222 C CD    . ARG A 1 33 ? 18.303  -0.893  -7.741  1.00 31.79 ? 33  ARG A CD    1 
ATOM   223 N NE    . ARG A 1 33 ? 19.425  -1.315  -6.912  1.00 38.54 ? 33  ARG A NE    1 
ATOM   224 C CZ    . ARG A 1 33 ? 19.407  -2.356  -6.085  1.00 33.39 ? 33  ARG A CZ    1 
ATOM   225 N NH1   . ARG A 1 33 ? 18.301  -3.080  -5.962  1.00 39.56 ? 33  ARG A NH1   1 
ATOM   226 N NH2   . ARG A 1 33 ? 20.478  -2.660  -5.359  1.00 29.57 ? 33  ARG A NH2   1 
ATOM   227 N N     . LYS A 1 34 ? 15.494  3.782   -8.210  1.00 35.95 ? 34  LYS A N     1 
ATOM   228 C CA    . LYS A 1 34 ? 14.286  4.534   -7.880  1.00 34.31 ? 34  LYS A CA    1 
ATOM   229 C C     . LYS A 1 34 ? 13.464  3.855   -6.781  1.00 28.10 ? 34  LYS A C     1 
ATOM   230 O O     . LYS A 1 34 ? 12.905  4.541   -5.923  1.00 24.71 ? 34  LYS A O     1 
ATOM   231 C CB    . LYS A 1 34 ? 13.420  4.747   -9.111  1.00 35.51 ? 34  LYS A CB    1 
ATOM   232 C CG    . LYS A 1 34 ? 12.121  5.478   -8.786  1.00 42.25 ? 34  LYS A CG    1 
ATOM   233 C CD    . LYS A 1 34 ? 11.175  5.569   -10.001 1.00 56.47 ? 34  LYS A CD    1 
ATOM   234 C CE    . LYS A 1 34 ? 11.346  6.880   -10.790 1.00 61.13 ? 34  LYS A CE    1 
ATOM   235 N NZ    . LYS A 1 34 ? 10.791  8.071   -10.074 1.00 60.28 ? 34  LYS A NZ    1 
ATOM   236 N N     . GLY A 1 35 ? 13.397  2.522   -6.770  1.00 21.76 ? 35  GLY A N     1 
ATOM   237 C CA    . GLY A 1 35 ? 12.503  1.845   -5.806  1.00 24.10 ? 35  GLY A CA    1 
ATOM   238 C C     . GLY A 1 35 ? 11.021  2.224   -6.008  1.00 29.18 ? 35  GLY A C     1 
ATOM   239 O O     . GLY A 1 35 ? 10.630  2.821   -7.001  1.00 29.56 ? 35  GLY A O     1 
ATOM   240 N N     . VAL A 1 36 ? 10.201  1.883   -5.006  1.00 25.73 ? 36  VAL A N     1 
ATOM   241 C CA    . VAL A 1 36 ? 8.756   2.069   -5.069  1.00 26.00 ? 36  VAL A CA    1 
ATOM   242 C C     . VAL A 1 36 ? 8.272   2.709   -3.768  1.00 25.11 ? 36  VAL A C     1 
ATOM   243 O O     . VAL A 1 36 ? 9.032   2.875   -2.811  1.00 28.83 ? 36  VAL A O     1 
ATOM   244 C CB    . VAL A 1 36 ? 8.029   0.731   -5.332  1.00 26.47 ? 36  VAL A CB    1 
ATOM   245 C CG1   . VAL A 1 36 ? 8.409   0.218   -6.696  1.00 30.47 ? 36  VAL A CG1   1 
ATOM   246 C CG2   . VAL A 1 36 ? 8.426   -0.287  -4.349  1.00 23.13 ? 36  VAL A CG2   1 
ATOM   247 N N     . LYS A 1 37 ? 7.000   3.095   -3.739  1.00 22.02 ? 37  LYS A N     1 
ATOM   248 C CA    . LYS A 1 37 ? 6.358   3.492   -2.487  1.00 26.17 ? 37  LYS A CA    1 
ATOM   249 C C     . LYS A 1 37 ? 5.464   2.350   -2.016  1.00 31.31 ? 37  LYS A C     1 
ATOM   250 O O     . LYS A 1 37 ? 4.808   1.692   -2.832  1.00 31.74 ? 37  LYS A O     1 
ATOM   251 C CB    . LYS A 1 37 ? 5.548   4.776   -2.644  1.00 27.11 ? 37  LYS A CB    1 
ATOM   252 C CG    . LYS A 1 37 ? 6.367   6.018   -2.957  1.00 30.39 ? 37  LYS A CG    1 
ATOM   253 C CD    . LYS A 1 37 ? 5.466   7.197   -3.340  1.00 35.73 ? 37  LYS A CD    1 
ATOM   254 C CE    . LYS A 1 37 ? 6.250   8.475   -3.607  1.00 33.13 ? 37  LYS A CE    1 
ATOM   255 N NZ    . LYS A 1 37 ? 5.440   9.467   -4.375  1.00 48.33 ? 37  LYS A NZ    1 
ATOM   256 N N     . ILE A 1 38 ? 5.452   2.100   -0.711  1.00 27.59 ? 38  ILE A N     1 
ATOM   257 C CA    . ILE A 1 38 ? 4.776   0.935   -0.137  1.00 29.53 ? 38  ILE A CA    1 
ATOM   258 C C     . ILE A 1 38 ? 3.775   1.406   0.908   1.00 29.93 ? 38  ILE A C     1 
ATOM   259 O O     . ILE A 1 38 ? 4.051   2.339   1.673   1.00 29.06 ? 38  ILE A O     1 
ATOM   260 C CB    . ILE A 1 38 ? 5.773   -0.061  0.500   1.00 29.72 ? 38  ILE A CB    1 
ATOM   261 C CG1   . ILE A 1 38 ? 6.764   -0.623  -0.540  1.00 26.66 ? 38  ILE A CG1   1 
ATOM   262 C CG2   . ILE A 1 38 ? 5.045   -1.175  1.221   1.00 29.22 ? 38  ILE A CG2   1 
ATOM   263 C CD1   . ILE A 1 38 ? 6.178   -1.573  -1.546  1.00 26.38 ? 38  ILE A CD1   1 
ATOM   264 N N     . GLY A 1 39 ? 2.613   0.763   0.938   1.00 37.79 ? 39  GLY A N     1 
ATOM   265 C CA    . GLY A 1 39 ? 1.617   0.994   1.981   1.00 29.91 ? 39  GLY A CA    1 
ATOM   266 C C     . GLY A 1 39 ? 1.395   -0.242  2.830   1.00 30.65 ? 39  GLY A C     1 
ATOM   267 O O     . GLY A 1 39 ? 1.371   -1.367  2.317   1.00 26.41 ? 39  GLY A O     1 
ATOM   268 N N     . LEU A 1 40 ? 1.238   -0.033  4.131   1.00 27.10 ? 40  LEU A N     1 
ATOM   269 C CA    . LEU A 1 40 ? 0.743   -1.079  5.012   1.00 36.79 ? 40  LEU A CA    1 
ATOM   270 C C     . LEU A 1 40 ? -0.786  -0.998  5.069   1.00 42.81 ? 40  LEU A C     1 
ATOM   271 O O     . LEU A 1 40 ? -1.341  0.087   5.275   1.00 40.46 ? 40  LEU A O     1 
ATOM   272 C CB    . LEU A 1 40 ? 1.353   -0.935  6.410   1.00 29.45 ? 40  LEU A CB    1 
ATOM   273 C CG    . LEU A 1 40 ? 1.005   -2.008  7.446   1.00 33.09 ? 40  LEU A CG    1 
ATOM   274 C CD1   . LEU A 1 40 ? 1.404   -3.395  6.934   1.00 28.90 ? 40  LEU A CD1   1 
ATOM   275 C CD2   . LEU A 1 40 ? 1.685   -1.699  8.812   1.00 22.71 ? 40  LEU A CD2   1 
ATOM   276 N N     . PHE A 1 41 ? -1.466  -2.139  4.861   1.00 39.71 ? 41  PHE A N     1 
ATOM   277 C CA    . PHE A 1 41 ? -2.925  -2.199  4.856   1.00 33.74 ? 41  PHE A CA    1 
ATOM   278 C C     . PHE A 1 41 ? -3.404  -3.369  5.691   1.00 40.17 ? 41  PHE A C     1 
ATOM   279 O O     . PHE A 1 41 ? -2.697  -4.371  5.842   1.00 43.48 ? 41  PHE A O     1 
ATOM   280 C CB    . PHE A 1 41 ? -3.514  -2.382  3.460   1.00 38.53 ? 41  PHE A CB    1 
ATOM   281 C CG    . PHE A 1 41 ? -3.148  -1.308  2.483   1.00 38.49 ? 41  PHE A CG    1 
ATOM   282 C CD1   . PHE A 1 41 ? -1.975  -1.394  1.745   1.00 36.52 ? 41  PHE A CD1   1 
ATOM   283 C CD2   . PHE A 1 41 ? -3.985  -0.228  2.275   1.00 37.00 ? 41  PHE A CD2   1 
ATOM   284 C CE1   . PHE A 1 41 ? -1.637  -0.400  0.814   1.00 38.71 ? 41  PHE A CE1   1 
ATOM   285 C CE2   . PHE A 1 41 ? -3.658  0.758   1.346   1.00 40.33 ? 41  PHE A CE2   1 
ATOM   286 C CZ    . PHE A 1 41 ? -2.492  0.664   0.608   1.00 33.17 ? 41  PHE A CZ    1 
ATOM   287 N N     . LYS A 1 42 ? -4.621  -3.239  6.219   1.00 40.93 ? 42  LYS A N     1 
ATOM   288 C CA    . LYS A 1 42 ? -5.315  -4.323  6.902   1.00 40.41 ? 42  LYS A CA    1 
ATOM   289 C C     . LYS A 1 42 ? -6.455  -4.805  6.002   1.00 48.93 ? 42  LYS A C     1 
ATOM   290 O O     . LYS A 1 42 ? -7.302  -4.004  5.577   1.00 38.83 ? 42  LYS A O     1 
ATOM   291 C CB    . LYS A 1 42 ? -5.847  -3.871  8.262   1.00 40.62 ? 42  LYS A CB    1 
ATOM   292 C CG    . LYS A 1 42 ? -6.264  -5.030  9.184   1.00 46.69 ? 42  LYS A CG    1 
ATOM   293 C CD    . LYS A 1 42 ? -6.786  -4.557  10.559  1.00 56.79 ? 42  LYS A CD    1 
ATOM   294 C CE    . LYS A 1 42 ? -5.827  -3.576  11.248  1.00 51.55 ? 42  LYS A CE    1 
ATOM   295 N NZ    . LYS A 1 42 ? -5.918  -3.641  12.744  1.00 54.35 ? 42  LYS A NZ    1 
ATOM   296 N N     . ASP A 1 43 ? -6.454  -6.102  5.694   1.00 43.29 ? 43  ASP A N     1 
ATOM   297 C CA    . ASP A 1 43 ? -7.509  -6.699  4.875   1.00 45.83 ? 43  ASP A CA    1 
ATOM   298 C C     . ASP A 1 43 ? -8.806  -6.682  5.672   1.00 47.97 ? 43  ASP A C     1 
ATOM   299 O O     . ASP A 1 43 ? -8.861  -7.280  6.760   1.00 45.73 ? 43  ASP A O     1 
ATOM   300 C CB    . ASP A 1 43 ? -7.135  -8.141  4.475   1.00 40.13 ? 43  ASP A CB    1 
ATOM   301 C CG    . ASP A 1 43 ? -8.109  -8.761  3.445   1.00 50.77 ? 43  ASP A CG    1 
ATOM   302 O OD1   . ASP A 1 43 ? -9.297  -8.350  3.392   1.00 48.59 ? 43  ASP A OD1   1 
ATOM   303 O OD2   . ASP A 1 43 ? -7.676  -9.669  2.679   1.00 43.52 ? 43  ASP A OD2   1 
ATOM   304 N N     . PRO A 1 44 ? -9.855  -5.991  5.205   1.00 46.21 ? 44  PRO A N     1 
ATOM   305 C CA    . PRO A 1 44 ? -11.143 -6.080  5.914   1.00 50.28 ? 44  PRO A CA    1 
ATOM   306 C C     . PRO A 1 44 ? -11.767 -7.473  5.857   1.00 43.54 ? 44  PRO A C     1 
ATOM   307 O O     . PRO A 1 44 ? -12.479 -7.848  6.788   1.00 36.59 ? 44  PRO A O     1 
ATOM   308 C CB    . PRO A 1 44 ? -12.014 -5.022  5.213   1.00 50.56 ? 44  PRO A CB    1 
ATOM   309 C CG    . PRO A 1 44 ? -11.374 -4.769  3.891   1.00 45.05 ? 44  PRO A CG    1 
ATOM   310 C CD    . PRO A 1 44 ? -9.896  -5.056  4.068   1.00 47.32 ? 44  PRO A CD    1 
ATOM   311 N N     . GLU A 1 45 ? -11.493 -8.272  4.821   1.00 51.29 ? 45  GLU A N     1 
ATOM   312 C CA    . GLU A 1 45 ? -12.024 -9.636  4.783   1.00 51.17 ? 45  GLU A CA    1 
ATOM   313 C C     . GLU A 1 45 ? -11.518 -10.487 5.948   1.00 46.86 ? 45  GLU A C     1 
ATOM   314 O O     . GLU A 1 45 ? -12.247 -11.358 6.440   1.00 45.74 ? 45  GLU A O     1 
ATOM   315 C CB    . GLU A 1 45 ? -11.674 -10.326 3.452   1.00 47.47 ? 45  GLU A CB    1 
ATOM   316 C CG    . GLU A 1 45 ? -12.740 -10.212 2.328   1.00 50.80 ? 45  GLU A CG    1 
ATOM   317 C CD    . GLU A 1 45 ? -14.183 -10.325 2.832   1.00 54.16 ? 45  GLU A CD    1 
ATOM   318 O OE1   . GLU A 1 45 ? -14.640 -11.444 3.178   1.00 51.68 ? 45  GLU A OE1   1 
ATOM   319 O OE2   . GLU A 1 45 ? -14.863 -9.279  2.884   1.00 51.15 ? 45  GLU A OE2   1 
ATOM   320 N N     . THR A 1 46 ? -10.279 -10.272 6.404   1.00 45.89 ? 46  THR A N     1 
ATOM   321 C CA    . THR A 1 46 ? -9.670  -11.201 7.354   1.00 49.50 ? 46  THR A CA    1 
ATOM   322 C C     . THR A 1 46 ? -8.999  -10.553 8.552   1.00 44.47 ? 46  THR A C     1 
ATOM   323 O O     . THR A 1 46 ? -8.532  -11.281 9.434   1.00 48.82 ? 46  THR A O     1 
ATOM   324 C CB    . THR A 1 46 ? -8.618  -12.081 6.660   1.00 44.33 ? 46  THR A CB    1 
ATOM   325 O OG1   . THR A 1 46 ? -7.549  -11.256 6.182   1.00 49.57 ? 46  THR A OG1   1 
ATOM   326 C CG2   . THR A 1 46 ? -9.227  -12.833 5.483   1.00 53.44 ? 46  THR A CG2   1 
ATOM   327 N N     . GLY A 1 47 ? -8.912  -9.229  8.608   1.00 42.26 ? 47  GLY A N     1 
ATOM   328 C CA    . GLY A 1 47 ? -8.055  -8.595  9.585   1.00 47.50 ? 47  GLY A CA    1 
ATOM   329 C C     . GLY A 1 47 ? -6.558  -8.794  9.392   1.00 45.87 ? 47  GLY A C     1 
ATOM   330 O O     . GLY A 1 47 ? -5.778  -8.330  10.231  1.00 41.33 ? 47  GLY A O     1 
ATOM   331 N N     . LYS A 1 48 ? -6.109  -9.469  8.339   1.00 50.28 ? 48  LYS A N     1 
ATOM   332 C CA    . LYS A 1 48 ? -4.672  -9.669  8.202   1.00 47.95 ? 48  LYS A CA    1 
ATOM   333 C C     . LYS A 1 48 ? -4.008  -8.420  7.646   1.00 42.50 ? 48  LYS A C     1 
ATOM   334 O O     . LYS A 1 48 ? -4.619  -7.622  6.933   1.00 43.89 ? 48  LYS A O     1 
ATOM   335 C CB    . LYS A 1 48 ? -4.349  -10.857 7.301   1.00 38.70 ? 48  LYS A CB    1 
ATOM   336 C CG    . LYS A 1 48 ? -4.868  -12.191 7.803   1.00 44.64 ? 48  LYS A CG    1 
ATOM   337 C CD    . LYS A 1 48 ? -4.737  -12.340 9.319   1.00 56.24 ? 48  LYS A CD    1 
ATOM   338 C CE    . LYS A 1 48 ? -3.278  -12.488 9.767   1.00 57.79 ? 48  LYS A CE    1 
ATOM   339 N NZ    . LYS A 1 48 ? -3.173  -12.524 11.257  1.00 53.02 ? 48  LYS A NZ    1 
ATOM   340 N N     . TYR A 1 49 ? -2.747  -8.250  7.995   1.00 42.95 ? 49  TYR A N     1 
ATOM   341 C CA    . TYR A 1 49 ? -1.960  -7.158  7.463   1.00 37.23 ? 49  TYR A CA    1 
ATOM   342 C C     . TYR A 1 49 ? -1.270  -7.572  6.177   1.00 33.73 ? 49  TYR A C     1 
ATOM   343 O O     . TYR A 1 49 ? -0.861  -8.723  6.018   1.00 34.02 ? 49  TYR A O     1 
ATOM   344 C CB    . TYR A 1 49 ? -0.926  -6.720  8.480   1.00 36.05 ? 49  TYR A CB    1 
ATOM   345 C CG    . TYR A 1 49 ? -1.462  -5.740  9.480   1.00 38.82 ? 49  TYR A CG    1 
ATOM   346 C CD1   . TYR A 1 49 ? -1.647  -4.411  9.141   1.00 33.03 ? 49  TYR A CD1   1 
ATOM   347 C CD2   . TYR A 1 49 ? -1.752  -6.139  10.774  1.00 42.19 ? 49  TYR A CD2   1 
ATOM   348 C CE1   . TYR A 1 49 ? -2.109  -3.505  10.056  1.00 41.43 ? 49  TYR A CE1   1 
ATOM   349 C CE2   . TYR A 1 49 ? -2.198  -5.240  11.707  1.00 42.16 ? 49  TYR A CE2   1 
ATOM   350 C CZ    . TYR A 1 49 ? -2.384  -3.928  11.342  1.00 44.82 ? 49  TYR A CZ    1 
ATOM   351 O OH    . TYR A 1 49 ? -2.844  -3.045  12.276  1.00 51.67 ? 49  TYR A OH    1 
ATOM   352 N N     . PHE A 1 50 ? -1.148  -6.625  5.253   1.00 36.47 ? 50  PHE A N     1 
ATOM   353 C CA    . PHE A 1 50 ? -0.431  -6.878  4.015   1.00 26.27 ? 50  PHE A CA    1 
ATOM   354 C C     . PHE A 1 50 ? 0.097   -5.558  3.487   1.00 25.89 ? 50  PHE A C     1 
ATOM   355 O O     . PHE A 1 50 ? -0.388  -4.482  3.837   1.00 28.78 ? 50  PHE A O     1 
ATOM   356 C CB    . PHE A 1 50 ? -1.318  -7.569  2.973   1.00 24.52 ? 50  PHE A CB    1 
ATOM   357 C CG    . PHE A 1 50 ? -2.417  -6.686  2.435   1.00 30.26 ? 50  PHE A CG    1 
ATOM   358 C CD1   . PHE A 1 50 ? -3.559  -6.439  3.191   1.00 31.49 ? 50  PHE A CD1   1 
ATOM   359 C CD2   . PHE A 1 50 ? -2.283  -6.068  1.190   1.00 31.67 ? 50  PHE A CD2   1 
ATOM   360 C CE1   . PHE A 1 50 ? -4.569  -5.618  2.715   1.00 33.79 ? 50  PHE A CE1   1 
ATOM   361 C CE2   . PHE A 1 50 ? -3.286  -5.243  0.700   1.00 39.94 ? 50  PHE A CE2   1 
ATOM   362 C CZ    . PHE A 1 50 ? -4.442  -5.018  1.474   1.00 34.09 ? 50  PHE A CZ    1 
ATOM   363 N N     . ARG A 1 51 ? 1.083   -5.661  2.615   1.00 30.79 ? 51  ARG A N     1 
ATOM   364 C CA    . ARG A 1 51 ? 1.754   -4.511  2.043   1.00 26.32 ? 51  ARG A CA    1 
ATOM   365 C C     . ARG A 1 51 ? 1.494   -4.477  0.558   1.00 26.67 ? 51  ARG A C     1 
ATOM   366 O O     . ARG A 1 51 ? 1.350   -5.518  -0.088  1.00 28.86 ? 51  ARG A O     1 
ATOM   367 C CB    . ARG A 1 51 ? 3.257   -4.570  2.332   1.00 29.09 ? 51  ARG A CB    1 
ATOM   368 C CG    . ARG A 1 51 ? 3.483   -4.656  3.821   1.00 26.83 ? 51  ARG A CG    1 
ATOM   369 C CD    . ARG A 1 51 ? 4.807   -5.205  4.243   1.00 29.94 ? 51  ARG A CD    1 
ATOM   370 N NE    . ARG A 1 51 ? 4.817   -5.293  5.706   1.00 29.89 ? 51  ARG A NE    1 
ATOM   371 C CZ    . ARG A 1 51 ? 4.149   -6.202  6.417   1.00 28.53 ? 51  ARG A CZ    1 
ATOM   372 N NH1   . ARG A 1 51 ? 4.222   -6.202  7.744   1.00 33.51 ? 51  ARG A NH1   1 
ATOM   373 N NH2   . ARG A 1 51 ? 3.435   -7.137  5.813   1.00 39.32 ? 51  ARG A NH2   1 
ATOM   374 N N     . HIS A 1 52 ? 1.443   -3.269  0.017   1.00 30.63 ? 52  HIS A N     1 
ATOM   375 C CA    . HIS A 1 52 ? 1.035   -3.123  -1.369  1.00 29.39 ? 52  HIS A CA    1 
ATOM   376 C C     . HIS A 1 52 ? 1.705   -1.888  -1.948  1.00 31.52 ? 52  HIS A C     1 
ATOM   377 O O     . HIS A 1 52 ? 1.817   -0.859  -1.268  1.00 30.95 ? 52  HIS A O     1 
ATOM   378 C CB    . HIS A 1 52 ? -0.495  -3.009  -1.447  1.00 26.99 ? 52  HIS A CB    1 
ATOM   379 C CG    . HIS A 1 52 ? -1.049  -3.154  -2.827  1.00 32.15 ? 52  HIS A CG    1 
ATOM   380 N ND1   . HIS A 1 52 ? -0.964  -2.154  -3.772  1.00 31.21 ? 52  HIS A ND1   1 
ATOM   381 C CD2   . HIS A 1 52 ? -1.701  -4.182  -3.422  1.00 34.25 ? 52  HIS A CD2   1 
ATOM   382 C CE1   . HIS A 1 52 ? -1.532  -2.562  -4.893  1.00 35.87 ? 52  HIS A CE1   1 
ATOM   383 N NE2   . HIS A 1 52 ? -1.984  -3.793  -4.709  1.00 31.86 ? 52  HIS A NE2   1 
ATOM   384 N N     . LYS A 1 53 ? 2.117   -1.983  -3.208  1.00 28.70 ? 53  LYS A N     1 
ATOM   385 C CA    . LYS A 1 53 ? 2.725   -0.840  -3.872  1.00 29.80 ? 53  LYS A CA    1 
ATOM   386 C C     . LYS A 1 53 ? 1.741   0.318   -3.963  1.00 31.98 ? 53  LYS A C     1 
ATOM   387 O O     . LYS A 1 53 ? 0.548   0.122   -4.173  1.00 36.54 ? 53  LYS A O     1 
ATOM   388 C CB    . LYS A 1 53 ? 3.178   -1.229  -5.275  1.00 28.24 ? 53  LYS A CB    1 
ATOM   389 C CG    . LYS A 1 53 ? 3.789   -0.093  -6.095  1.00 29.17 ? 53  LYS A CG    1 
ATOM   390 C CD    . LYS A 1 53 ? 4.479   -0.641  -7.325  1.00 31.09 ? 53  LYS A CD    1 
ATOM   391 C CE    . LYS A 1 53 ? 4.230   0.182   -8.560  1.00 25.78 ? 53  LYS A CE    1 
ATOM   392 N NZ    . LYS A 1 53 ? 4.324   1.639   -8.290  1.00 39.28 ? 53  LYS A NZ    1 
ATOM   393 N N     . LEU A 1 54 ? 2.243   1.526   -3.822  1.00 33.66 ? 54  LEU A N     1 
ATOM   394 C CA    . LEU A 1 54 ? 1.397   2.667   -4.098  1.00 30.16 ? 54  LEU A CA    1 
ATOM   395 C C     . LEU A 1 54 ? 1.754   3.273   -5.459  1.00 37.07 ? 54  LEU A C     1 
ATOM   396 O O     . LEU A 1 54 ? 2.795   2.947   -6.042  1.00 31.18 ? 54  LEU A O     1 
ATOM   397 C CB    . LEU A 1 54 ? 1.544   3.691   -2.982  1.00 30.38 ? 54  LEU A CB    1 
ATOM   398 C CG    . LEU A 1 54 ? 1.593   3.085   -1.572  1.00 34.11 ? 54  LEU A CG    1 
ATOM   399 C CD1   . LEU A 1 54 ? 2.166   4.116   -0.611  1.00 38.34 ? 54  LEU A CD1   1 
ATOM   400 C CD2   . LEU A 1 54 ? 0.225   2.653   -1.063  1.00 34.67 ? 54  LEU A CD2   1 
ATOM   401 N N     . PRO A 1 55 ? 0.889   4.108   -6.048  1.00 42.19 ? 55  PRO A N     1 
ATOM   402 C CA    . PRO A 1 55 ? 1.258   4.722   -7.332  1.00 45.49 ? 55  PRO A CA    1 
ATOM   403 C C     . PRO A 1 55 ? 2.457   5.634   -7.134  1.00 44.62 ? 55  PRO A C     1 
ATOM   404 O O     . PRO A 1 55 ? 2.643   6.215   -6.063  1.00 44.31 ? 55  PRO A O     1 
ATOM   405 C CB    . PRO A 1 55 ? 0.006   5.510   -7.746  1.00 42.21 ? 55  PRO A CB    1 
ATOM   406 C CG    . PRO A 1 55 ? -1.116  4.998   -6.898  1.00 41.92 ? 55  PRO A CG    1 
ATOM   407 C CD    . PRO A 1 55 ? -0.472  4.493   -5.616  1.00 43.94 ? 55  PRO A CD    1 
ATOM   408 N N     . ASP A 1 56 ? 3.277   5.770   -8.180  1.00 44.98 ? 56  ASP A N     1 
ATOM   409 C CA    . ASP A 1 56 ? 4.540   6.487   -8.012  1.00 45.75 ? 56  ASP A CA    1 
ATOM   410 C C     . ASP A 1 56 ? 4.363   7.925   -7.539  1.00 45.79 ? 56  ASP A C     1 
ATOM   411 O O     . ASP A 1 56 ? 5.349   8.529   -7.112  1.00 46.74 ? 56  ASP A O     1 
ATOM   412 C CB    . ASP A 1 56 ? 5.353   6.489   -9.305  1.00 48.35 ? 56  ASP A CB    1 
ATOM   413 C CG    . ASP A 1 56 ? 5.859   5.109   -9.690  1.00 44.55 ? 56  ASP A CG    1 
ATOM   414 O OD1   . ASP A 1 56 ? 5.891   4.180   -8.847  1.00 36.27 ? 56  ASP A OD1   1 
ATOM   415 O OD2   . ASP A 1 56 ? 6.233   4.957   -10.867 1.00 46.21 ? 56  ASP A OD2   1 
ATOM   416 N N     . ASP A 1 57 ? 3.152   8.485   -7.578  1.00 50.41 ? 57  ASP A N     1 
ATOM   417 C CA    . ASP A 1 57 ? 2.926   9.835   -7.075  1.00 50.43 ? 57  ASP A CA    1 
ATOM   418 C C     . ASP A 1 57 ? 2.068   9.872   -5.822  1.00 48.78 ? 57  ASP A C     1 
ATOM   419 O O     . ASP A 1 57 ? 1.658   10.959  -5.400  1.00 51.33 ? 57  ASP A O     1 
ATOM   420 C CB    . ASP A 1 57 ? 2.310   10.733  -8.151  1.00 49.14 ? 57  ASP A CB    1 
ATOM   421 C CG    . ASP A 1 57 ? 1.046   10.163  -8.740  1.00 58.33 ? 57  ASP A CG    1 
ATOM   422 O OD1   . ASP A 1 57 ? 0.513   9.173   -8.195  1.00 60.98 ? 57  ASP A OD1   1 
ATOM   423 O OD2   . ASP A 1 57 ? 0.590   10.697  -9.774  1.00 59.63 ? 57  ASP A OD2   1 
ATOM   424 N N     . TYR A 1 58 ? 1.794   8.733   -5.206  1.00 48.62 ? 58  TYR A N     1 
ATOM   425 C CA    . TYR A 1 58 ? 1.126   8.778   -3.918  1.00 46.60 ? 58  TYR A CA    1 
ATOM   426 C C     . TYR A 1 58 ? 1.928   9.661   -2.967  1.00 47.31 ? 58  TYR A C     1 
ATOM   427 O O     . TYR A 1 58 ? 3.156   9.525   -2.887  1.00 56.02 ? 58  TYR A O     1 
ATOM   428 C CB    . TYR A 1 58 ? 0.953   7.386   -3.306  1.00 46.55 ? 58  TYR A CB    1 
ATOM   429 C CG    . TYR A 1 58 ? 0.021   7.396   -2.101  1.00 48.90 ? 58  TYR A CG    1 
ATOM   430 C CD1   . TYR A 1 58 ? 0.501   7.709   -0.828  1.00 44.24 ? 58  TYR A CD1   1 
ATOM   431 C CD2   . TYR A 1 58 ? -1.339  7.101   -2.232  1.00 44.83 ? 58  TYR A CD2   1 
ATOM   432 C CE1   . TYR A 1 58 ? -0.336  7.719   0.282   1.00 42.54 ? 58  TYR A CE1   1 
ATOM   433 C CE2   . TYR A 1 58 ? -2.194  7.119   -1.116  1.00 49.89 ? 58  TYR A CE2   1 
ATOM   434 C CZ    . TYR A 1 58 ? -1.685  7.427   0.136   1.00 45.99 ? 58  TYR A CZ    1 
ATOM   435 O OH    . TYR A 1 58 ? -2.507  7.451   1.249   1.00 47.20 ? 58  TYR A OH    1 
ATOM   436 N N     . PRO A 1 59 ? 1.286   10.578  -2.257  1.00 49.41 ? 59  PRO A N     1 
ATOM   437 C CA    . PRO A 1 59 ? 2.015   11.480  -1.353  1.00 45.38 ? 59  PRO A CA    1 
ATOM   438 C C     . PRO A 1 59 ? 2.441   10.775  -0.072  1.00 48.00 ? 59  PRO A C     1 
ATOM   439 O O     . PRO A 1 59 ? 1.599   10.285  0.680   1.00 50.90 ? 59  PRO A O     1 
ATOM   440 C CB    . PRO A 1 59 ? 0.992   12.584  -1.069  1.00 51.45 ? 59  PRO A CB    1 
ATOM   441 C CG    . PRO A 1 59 ? -0.344  11.925  -1.300  1.00 51.99 ? 59  PRO A CG    1 
ATOM   442 C CD    . PRO A 1 59 ? -0.122  10.972  -2.432  1.00 51.02 ? 59  PRO A CD    1 
ATOM   443 N N     . ILE A 1 60 ? 3.751   10.766  0.196   1.00 50.16 ? 60  ILE A N     1 
ATOM   444 C CA    . ILE A 1 60 ? 4.293   10.204  1.447   1.00 50.73 ? 60  ILE A CA    1 
ATOM   445 C C     . ILE A 1 60 ? 4.478   11.266  2.528   1.00 58.36 ? 60  ILE A C     1 
ATOM   446 O O     . ILE A 1 60 ? 4.870   12.394  2.225   1.00 60.29 ? 60  ILE A O     1 
ATOM   447 C CB    . ILE A 1 60 ? 5.644   9.514   1.246   1.00 43.33 ? 60  ILE A CB    1 
ATOM   448 C CG1   . ILE A 1 60 ? 5.598   8.550   0.081   1.00 38.29 ? 60  ILE A CG1   1 
ATOM   449 C CG2   . ILE A 1 60 ? 6.071   8.820   2.536   1.00 39.38 ? 60  ILE A CG2   1 
ATOM   450 C CD1   . ILE A 1 60 ? 4.418   7.648   0.093   1.00 41.64 ? 60  ILE A CD1   1 
ATOM   451 O OXT   . ILE A 1 60 ? 4.287   11.020  3.726   1.00 59.36 ? 60  ILE A OXT   1 
ATOM   452 P P     . DG  B 2 1  ? 19.714  -12.792 -0.382  1.00 48.86 ? 106 DG  B P     1 
ATOM   453 O OP1   . DG  B 2 1  ? 20.527  -13.822 -1.051  1.00 40.46 ? 106 DG  B OP1   1 
ATOM   454 O OP2   . DG  B 2 1  ? 18.250  -12.685 -0.529  1.00 42.65 ? 106 DG  B OP2   1 
ATOM   455 O "O5'" . DG  B 2 1  ? 20.224  -11.392 -0.900  1.00 43.23 ? 106 DG  B "O5'" 1 
ATOM   456 C "C5'" . DG  B 2 1  ? 21.517  -11.260 -1.430  1.00 37.32 ? 106 DG  B "C5'" 1 
ATOM   457 C "C4'" . DG  B 2 1  ? 21.774  -9.814  -1.779  1.00 33.43 ? 106 DG  B "C4'" 1 
ATOM   458 O "O4'" . DG  B 2 1  ? 21.075  -9.447  -3.008  1.00 34.52 ? 106 DG  B "O4'" 1 
ATOM   459 C "C3'" . DG  B 2 1  ? 21.334  -8.819  -0.723  1.00 38.96 ? 106 DG  B "C3'" 1 
ATOM   460 O "O3'" . DG  B 2 1  ? 22.310  -7.786  -0.672  1.00 42.21 ? 106 DG  B "O3'" 1 
ATOM   461 C "C2'" . DG  B 2 1  ? 19.963  -8.330  -1.245  1.00 30.74 ? 106 DG  B "C2'" 1 
ATOM   462 C "C1'" . DG  B 2 1  ? 20.131  -8.416  -2.768  1.00 31.82 ? 106 DG  B "C1'" 1 
ATOM   463 N N9    . DG  B 2 1  ? 18.907  -8.762  -3.529  1.00 33.61 ? 106 DG  B N9    1 
ATOM   464 C C8    . DG  B 2 1  ? 18.046  -9.831  -3.319  1.00 29.85 ? 106 DG  B C8    1 
ATOM   465 N N7    . DG  B 2 1  ? 17.064  -9.891  -4.192  1.00 29.30 ? 106 DG  B N7    1 
ATOM   466 C C5    . DG  B 2 1  ? 17.304  -8.826  -5.044  1.00 27.85 ? 106 DG  B C5    1 
ATOM   467 C C6    . DG  B 2 1  ? 16.606  -8.393  -6.203  1.00 31.86 ? 106 DG  B C6    1 
ATOM   468 O O6    . DG  B 2 1  ? 15.577  -8.860  -6.719  1.00 33.58 ? 106 DG  B O6    1 
ATOM   469 N N1    . DG  B 2 1  ? 17.207  -7.284  -6.771  1.00 30.83 ? 106 DG  B N1    1 
ATOM   470 C C2    . DG  B 2 1  ? 18.318  -6.657  -6.274  1.00 30.78 ? 106 DG  B C2    1 
ATOM   471 N N2    . DG  B 2 1  ? 18.734  -5.588  -6.946  1.00 37.39 ? 106 DG  B N2    1 
ATOM   472 N N3    . DG  B 2 1  ? 18.986  -7.052  -5.214  1.00 26.10 ? 106 DG  B N3    1 
ATOM   473 C C4    . DG  B 2 1  ? 18.438  -8.132  -4.652  1.00 28.49 ? 106 DG  B C4    1 
ATOM   474 P P     . DT  B 2 2  ? 22.469  -6.821  0.602   1.00 37.62 ? 107 DT  B P     1 
ATOM   475 O OP1   . DT  B 2 2  ? 23.931  -6.530  0.554   1.00 38.99 ? 107 DT  B OP1   1 
ATOM   476 O OP2   . DT  B 2 2  ? 21.823  -7.371  1.812   1.00 36.00 ? 107 DT  B OP2   1 
ATOM   477 O "O5'" . DT  B 2 2  ? 21.601  -5.513  0.178   1.00 35.09 ? 107 DT  B "O5'" 1 
ATOM   478 C "C5'" . DT  B 2 2  ? 22.012  -4.730  -0.949  1.00 27.24 ? 107 DT  B "C5'" 1 
ATOM   479 C "C4'" . DT  B 2 2  ? 20.909  -3.783  -1.409  1.00 31.74 ? 107 DT  B "C4'" 1 
ATOM   480 O "O4'" . DT  B 2 2  ? 19.892  -4.502  -2.167  1.00 29.11 ? 107 DT  B "O4'" 1 
ATOM   481 C "C3'" . DT  B 2 2  ? 20.143  -3.038  -0.294  1.00 31.51 ? 107 DT  B "C3'" 1 
ATOM   482 O "O3'" . DT  B 2 2  ? 19.972  -1.667  -0.682  1.00 29.35 ? 107 DT  B "O3'" 1 
ATOM   483 C "C2'" . DT  B 2 2  ? 18.794  -3.751  -0.283  1.00 28.37 ? 107 DT  B "C2'" 1 
ATOM   484 C "C1'" . DT  B 2 2  ? 18.646  -4.008  -1.774  1.00 29.03 ? 107 DT  B "C1'" 1 
ATOM   485 N N1    . DT  B 2 2  ? 17.613  -4.991  -2.137  1.00 29.12 ? 107 DT  B N1    1 
ATOM   486 C C2    . DT  B 2 2  ? 16.944  -4.837  -3.326  1.00 26.75 ? 107 DT  B C2    1 
ATOM   487 O O2    . DT  B 2 2  ? 17.158  -3.928  -4.109  1.00 27.05 ? 107 DT  B O2    1 
ATOM   488 N N3    . DT  B 2 2  ? 16.012  -5.776  -3.567  1.00 24.57 ? 107 DT  B N3    1 
ATOM   489 C C4    . DT  B 2 2  ? 15.702  -6.856  -2.791  1.00 25.88 ? 107 DT  B C4    1 
ATOM   490 O O4    . DT  B 2 2  ? 14.844  -7.662  -3.115  1.00 25.74 ? 107 DT  B O4    1 
ATOM   491 C C5    . DT  B 2 2  ? 16.440  -6.969  -1.565  1.00 23.46 ? 107 DT  B C5    1 
ATOM   492 C C7    . DT  B 2 2  ? 16.183  -8.104  -0.634  1.00 26.08 ? 107 DT  B C7    1 
ATOM   493 C C6    . DT  B 2 2  ? 17.342  -6.037  -1.293  1.00 25.13 ? 107 DT  B C6    1 
ATOM   494 P P     . DA  B 2 3  ? 21.031  -0.526  -0.232  1.00 24.12 ? 108 DA  B P     1 
ATOM   495 O OP1   . DA  B 2 3  ? 21.445  0.134   -1.484  1.00 27.92 ? 108 DA  B OP1   1 
ATOM   496 O OP2   . DA  B 2 3  ? 22.046  -1.044  0.717   1.00 20.42 ? 108 DA  B OP2   1 
ATOM   497 O "O5'" . DA  B 2 3  ? 20.126  0.465   0.568   1.00 24.45 ? 108 DA  B "O5'" 1 
ATOM   498 C "C5'" . DA  B 2 3  ? 19.260  -0.044  1.555   1.00 20.99 ? 108 DA  B "C5'" 1 
ATOM   499 C "C4'" . DA  B 2 3  ? 17.871  0.500   1.337   1.00 21.32 ? 108 DA  B "C4'" 1 
ATOM   500 O "O4'" . DA  B 2 3  ? 17.225  -0.238  0.276   1.00 20.18 ? 108 DA  B "O4'" 1 
ATOM   501 C "C3'" . DA  B 2 3  ? 16.949  0.412   2.550   1.00 21.89 ? 108 DA  B "C3'" 1 
ATOM   502 O "O3'" . DA  B 2 3  ? 17.106  1.601   3.303   1.00 23.09 ? 108 DA  B "O3'" 1 
ATOM   503 C "C2'" . DA  B 2 3  ? 15.562  0.336   1.901   1.00 23.31 ? 108 DA  B "C2'" 1 
ATOM   504 C "C1'" . DA  B 2 3  ? 15.824  -0.298  0.518   1.00 18.74 ? 108 DA  B "C1'" 1 
ATOM   505 N N9    . DA  B 2 3  ? 15.389  -1.695  0.415   1.00 19.71 ? 108 DA  B N9    1 
ATOM   506 C C8    . DA  B 2 3  ? 15.611  -2.684  1.323   1.00 21.78 ? 108 DA  B C8    1 
ATOM   507 N N7    . DA  B 2 3  ? 15.130  -3.858  0.962   1.00 26.39 ? 108 DA  B N7    1 
ATOM   508 C C5    . DA  B 2 3  ? 14.529  -3.612  -0.266  1.00 23.82 ? 108 DA  B C5    1 
ATOM   509 C C6    . DA  B 2 3  ? 13.812  -4.439  -1.151  1.00 24.10 ? 108 DA  B C6    1 
ATOM   510 N N6    . DA  B 2 3  ? 13.576  -5.732  -0.914  1.00 21.65 ? 108 DA  B N6    1 
ATOM   511 N N1    . DA  B 2 3  ? 13.337  -3.886  -2.279  1.00 19.03 ? 108 DA  B N1    1 
ATOM   512 C C2    . DA  B 2 3  ? 13.550  -2.597  -2.498  1.00 20.59 ? 108 DA  B C2    1 
ATOM   513 N N3    . DA  B 2 3  ? 14.217  -1.728  -1.746  1.00 23.96 ? 108 DA  B N3    1 
ATOM   514 C C4    . DA  B 2 3  ? 14.683  -2.300  -0.631  1.00 17.34 ? 108 DA  B C4    1 
ATOM   515 P P     . DA  B 2 4  ? 16.714  1.721   4.862   1.00 29.53 ? 109 DA  B P     1 
ATOM   516 O OP1   . DA  B 2 4  ? 17.034  3.087   5.296   1.00 27.23 ? 109 DA  B OP1   1 
ATOM   517 O OP2   . DA  B 2 4  ? 17.252  0.543   5.600   1.00 30.72 ? 109 DA  B OP2   1 
ATOM   518 O "O5'" . DA  B 2 4  ? 15.124  1.701   4.861   1.00 24.95 ? 109 DA  B "O5'" 1 
ATOM   519 C "C5'" . DA  B 2 4  ? 14.425  2.688   4.146   1.00 23.41 ? 109 DA  B "C5'" 1 
ATOM   520 C "C4'" . DA  B 2 4  ? 12.967  2.730   4.555   1.00 26.56 ? 109 DA  B "C4'" 1 
ATOM   521 O "O4'" . DA  B 2 4  ? 12.298  1.487   4.188   1.00 24.75 ? 109 DA  B "O4'" 1 
ATOM   522 C "C3'" . DA  B 2 4  ? 12.750  2.867   6.041   1.00 26.45 ? 109 DA  B "C3'" 1 
ATOM   523 O "O3'" . DA  B 2 4  ? 11.526  3.481   6.244   1.00 30.58 ? 109 DA  B "O3'" 1 
ATOM   524 C "C2'" . DA  B 2 4  ? 12.723  1.401   6.525   1.00 28.83 ? 109 DA  B "C2'" 1 
ATOM   525 C "C1'" . DA  B 2 4  ? 12.007  0.710   5.361   1.00 27.31 ? 109 DA  B "C1'" 1 
ATOM   526 N N9    . DA  B 2 4  ? 12.515  -0.609  5.087   1.00 30.41 ? 109 DA  B N9    1 
ATOM   527 C C8    . DA  B 2 4  ? 13.809  -1.022  5.198   1.00 32.89 ? 109 DA  B C8    1 
ATOM   528 N N7    . DA  B 2 4  ? 14.009  -2.256  4.831   1.00 29.34 ? 109 DA  B N7    1 
ATOM   529 C C5    . DA  B 2 4  ? 12.768  -2.669  4.411   1.00 25.05 ? 109 DA  B C5    1 
ATOM   530 C C6    . DA  B 2 4  ? 12.331  -3.882  3.906   1.00 29.72 ? 109 DA  B C6    1 
ATOM   531 N N6    . DA  B 2 4  ? 13.158  -4.921  3.731   1.00 27.90 ? 109 DA  B N6    1 
ATOM   532 N N1    . DA  B 2 4  ? 10.999  -3.992  3.577   1.00 39.01 ? 109 DA  B N1    1 
ATOM   533 C C2    . DA  B 2 4  ? 10.200  -2.922  3.781   1.00 39.17 ? 109 DA  B C2    1 
ATOM   534 N N3    . DA  B 2 4  ? 10.516  -1.722  4.300   1.00 24.78 ? 109 DA  B N3    1 
ATOM   535 C C4    . DA  B 2 4  ? 11.829  -1.661  4.558   1.00 27.46 ? 109 DA  B C4    1 
ATOM   536 P P     . DT  B 2 5  ? 11.110  3.940   7.725   1.00 34.43 ? 110 DT  B P     1 
ATOM   537 O OP1   . DT  B 2 5  ? 10.447  5.228   7.441   1.00 25.00 ? 110 DT  B OP1   1 
ATOM   538 O OP2   . DT  B 2 5  ? 12.263  3.689   8.617   1.00 26.23 ? 110 DT  B OP2   1 
ATOM   539 O "O5'" . DT  B 2 5  ? 10.030  2.848   8.213   1.00 30.50 ? 110 DT  B "O5'" 1 
ATOM   540 C "C5'" . DT  B 2 5  ? 8.829   2.614   7.427   1.00 31.79 ? 110 DT  B "C5'" 1 
ATOM   541 C "C4'" . DT  B 2 5  ? 8.197   1.274   7.792   1.00 30.06 ? 110 DT  B "C4'" 1 
ATOM   542 O "O4'" . DT  B 2 5  ? 8.994   0.200   7.282   1.00 27.97 ? 110 DT  B "O4'" 1 
ATOM   543 C "C3'" . DT  B 2 5  ? 8.113   0.992   9.294   1.00 29.67 ? 110 DT  B "C3'" 1 
ATOM   544 O "O3'" . DT  B 2 5  ? 6.794   1.235   9.717   1.00 36.57 ? 110 DT  B "O3'" 1 
ATOM   545 C "C2'" . DT  B 2 5  ? 8.506   -0.501  9.425   1.00 30.03 ? 110 DT  B "C2'" 1 
ATOM   546 C "C1'" . DT  B 2 5  ? 8.628   -0.936  7.971   1.00 27.60 ? 110 DT  B "C1'" 1 
ATOM   547 N N1    . DT  B 2 5  ? 9.615   -2.038  7.697   1.00 24.57 ? 110 DT  B N1    1 
ATOM   548 C C2    . DT  B 2 5  ? 9.177   -3.128  6.959   1.00 31.11 ? 110 DT  B C2    1 
ATOM   549 O O2    . DT  B 2 5  ? 8.043   -3.225  6.519   1.00 31.68 ? 110 DT  B O2    1 
ATOM   550 N N3    . DT  B 2 5  ? 10.098  -4.107  6.746   1.00 27.98 ? 110 DT  B N3    1 
ATOM   551 C C4    . DT  B 2 5  ? 11.401  -4.127  7.170   1.00 31.13 ? 110 DT  B C4    1 
ATOM   552 O O4    . DT  B 2 5  ? 12.153  -5.086  6.904   1.00 33.42 ? 110 DT  B O4    1 
ATOM   553 C C5    . DT  B 2 5  ? 11.824  -2.943  7.953   1.00 29.24 ? 110 DT  B C5    1 
ATOM   554 C C7    . DT  B 2 5  ? 13.239  -2.848  8.500   1.00 27.70 ? 110 DT  B C7    1 
ATOM   555 C C6    . DT  B 2 5  ? 10.904  -1.968  8.181   1.00 23.70 ? 110 DT  B C6    1 
ATOM   556 P P     . DT  B 2 6  ? 6.422   1.303   11.272  1.00 35.97 ? 111 DT  B P     1 
ATOM   557 O OP1   . DT  B 2 6  ? 5.639   2.555   11.433  1.00 37.76 ? 111 DT  B OP1   1 
ATOM   558 O OP2   . DT  B 2 6  ? 7.614   1.019   12.111  1.00 39.04 ? 111 DT  B OP2   1 
ATOM   559 O "O5'" . DT  B 2 6  ? 5.434   0.074   11.478  1.00 36.88 ? 111 DT  B "O5'" 1 
ATOM   560 C "C5'" . DT  B 2 6  ? 4.978   -0.697  10.375  1.00 36.21 ? 111 DT  B "C5'" 1 
ATOM   561 C "C4'" . DT  B 2 6  ? 4.721   -2.116  10.841  1.00 35.46 ? 111 DT  B "C4'" 1 
ATOM   562 O "O4'" . DT  B 2 6  ? 5.653   -3.037  10.203  1.00 29.86 ? 111 DT  B "O4'" 1 
ATOM   563 C "C3'" . DT  B 2 6  ? 4.980   -2.340  12.335  1.00 39.14 ? 111 DT  B "C3'" 1 
ATOM   564 O "O3'" . DT  B 2 6  ? 4.339   -3.496  12.702  1.00 36.27 ? 111 DT  B "O3'" 1 
ATOM   565 C "C2'" . DT  B 2 6  ? 6.451   -2.640  12.317  1.00 37.23 ? 111 DT  B "C2'" 1 
ATOM   566 C "C1'" . DT  B 2 6  ? 6.351   -3.683  11.252  1.00 29.01 ? 111 DT  B "C1'" 1 
ATOM   567 N N1    . DT  B 2 6  ? 7.573   -4.190  10.827  1.00 27.89 ? 111 DT  B N1    1 
ATOM   568 C C2    . DT  B 2 6  ? 7.561   -5.300  10.016  1.00 30.22 ? 111 DT  B C2    1 
ATOM   569 O O2    . DT  B 2 6  ? 6.536   -5.814  9.619   1.00 32.24 ? 111 DT  B O2    1 
ATOM   570 N N3    . DT  B 2 6  ? 8.800   -5.786  9.682   1.00 32.09 ? 111 DT  B N3    1 
ATOM   571 C C4    . DT  B 2 6  ? 10.022  -5.271  10.071  1.00 27.65 ? 111 DT  B C4    1 
ATOM   572 O O4    . DT  B 2 6  ? 11.086  -5.773  9.716   1.00 31.96 ? 111 DT  B O4    1 
ATOM   573 C C5    . DT  B 2 6  ? 9.959   -4.106  10.937  1.00 31.74 ? 111 DT  B C5    1 
ATOM   574 C C7    . DT  B 2 6  ? 11.223  -3.472  11.416  1.00 34.95 ? 111 DT  B C7    1 
ATOM   575 C C6    . DT  B 2 6  ? 8.742   -3.633  11.290  1.00 27.50 ? 111 DT  B C6    1 
ATOM   576 P P     . DA  C 3 1  ? 12.802  -15.827 6.000   1.00 56.10 ? 114 DA  C P     1 
ATOM   577 O OP1   . DA  C 3 1  ? 12.553  -17.287 6.135   1.00 66.48 ? 114 DA  C OP1   1 
ATOM   578 O OP2   . DA  C 3 1  ? 13.877  -15.188 5.194   1.00 51.83 ? 114 DA  C OP2   1 
ATOM   579 O "O5'" . DA  C 3 1  ? 11.434  -15.035 5.791   1.00 44.69 ? 114 DA  C "O5'" 1 
ATOM   580 C "C5'" . DA  C 3 1  ? 10.256  -15.472 6.489   1.00 54.67 ? 114 DA  C "C5'" 1 
ATOM   581 C "C4'" . DA  C 3 1  ? 9.026   -14.772 5.957   1.00 45.16 ? 114 DA  C "C4'" 1 
ATOM   582 O "O4'" . DA  C 3 1  ? 8.803   -13.545 6.701   1.00 46.64 ? 114 DA  C "O4'" 1 
ATOM   583 C "C3'" . DA  C 3 1  ? 9.154   -14.380 4.492   1.00 48.65 ? 114 DA  C "C3'" 1 
ATOM   584 O "O3'" . DA  C 3 1  ? 7.957   -14.625 3.777   1.00 46.81 ? 114 DA  C "O3'" 1 
ATOM   585 C "C2'" . DA  C 3 1  ? 9.514   -12.898 4.520   1.00 48.69 ? 114 DA  C "C2'" 1 
ATOM   586 C "C1'" . DA  C 3 1  ? 8.929   -12.413 5.840   1.00 47.75 ? 114 DA  C "C1'" 1 
ATOM   587 N N9    . DA  C 3 1  ? 9.793   -11.430 6.478   1.00 37.32 ? 114 DA  C N9    1 
ATOM   588 C C8    . DA  C 3 1  ? 11.151  -11.466 6.549   1.00 40.74 ? 114 DA  C C8    1 
ATOM   589 N N7    . DA  C 3 1  ? 11.672  -10.437 7.170   1.00 41.74 ? 114 DA  C N7    1 
ATOM   590 C C5    . DA  C 3 1  ? 10.580  -9.676  7.514   1.00 33.88 ? 114 DA  C C5    1 
ATOM   591 C C6    . DA  C 3 1  ? 10.460  -8.468  8.203   1.00 35.70 ? 114 DA  C C6    1 
ATOM   592 N N6    . DA  C 3 1  ? 11.511  -7.784  8.689   1.00 30.31 ? 114 DA  C N6    1 
ATOM   593 N N1    . DA  C 3 1  ? 9.211   -7.970  8.367   1.00 39.25 ? 114 DA  C N1    1 
ATOM   594 C C2    . DA  C 3 1  ? 8.165   -8.660  7.890   1.00 31.45 ? 114 DA  C C2    1 
ATOM   595 N N3    . DA  C 3 1  ? 8.164   -9.824  7.254   1.00 31.91 ? 114 DA  C N3    1 
ATOM   596 C C4    . DA  C 3 1  ? 9.412   -10.275 7.090   1.00 35.47 ? 114 DA  C C4    1 
ATOM   597 P P     . DA  C 3 2  ? 7.943   -14.412 2.182   1.00 53.83 ? 115 DA  C P     1 
ATOM   598 O OP1   . DA  C 3 2  ? 7.087   -15.493 1.632   1.00 57.13 ? 115 DA  C OP1   1 
ATOM   599 O OP2   . DA  C 3 2  ? 9.338   -14.211 1.690   1.00 51.13 ? 115 DA  C OP2   1 
ATOM   600 O "O5'" . DA  C 3 2  ? 7.221   -13.015 2.013   1.00 42.85 ? 115 DA  C "O5'" 1 
ATOM   601 C "C5'" . DA  C 3 2  ? 5.884   -12.863 2.436   1.00 45.52 ? 115 DA  C "C5'" 1 
ATOM   602 C "C4'" . DA  C 3 2  ? 5.504   -11.414 2.336   1.00 47.10 ? 115 DA  C "C4'" 1 
ATOM   603 O "O4'" . DA  C 3 2  ? 6.189   -10.693 3.385   1.00 48.86 ? 115 DA  C "O4'" 1 
ATOM   604 C "C3'" . DA  C 3 2  ? 5.958   -10.783 1.042   1.00 41.65 ? 115 DA  C "C3'" 1 
ATOM   605 O "O3'" . DA  C 3 2  ? 4.890   -10.806 0.087   1.00 42.58 ? 115 DA  C "O3'" 1 
ATOM   606 C "C2'" . DA  C 3 2  ? 6.339   -9.354  1.428   1.00 39.23 ? 115 DA  C "C2'" 1 
ATOM   607 C "C1'" . DA  C 3 2  ? 6.559   -9.416  2.932   1.00 45.59 ? 115 DA  C "C1'" 1 
ATOM   608 N N9    . DA  C 3 2  ? 7.935   -9.196  3.304   1.00 39.63 ? 115 DA  C N9    1 
ATOM   609 C C8    . DA  C 3 2  ? 9.004   -9.989  3.013   1.00 42.21 ? 115 DA  C C8    1 
ATOM   610 N N7    . DA  C 3 2  ? 10.148  -9.528  3.477   1.00 44.28 ? 115 DA  C N7    1 
ATOM   611 C C5    . DA  C 3 2  ? 9.786   -8.355  4.122   1.00 37.00 ? 115 DA  C C5    1 
ATOM   612 C C6    . DA  C 3 2  ? 10.531  -7.401  4.827   1.00 38.14 ? 115 DA  C C6    1 
ATOM   613 N N6    . DA  C 3 2  ? 11.855  -7.497  5.015   1.00 36.51 ? 115 DA  C N6    1 
ATOM   614 N N1    . DA  C 3 2  ? 9.856   -6.334  5.349   1.00 42.04 ? 115 DA  C N1    1 
ATOM   615 C C2    . DA  C 3 2  ? 8.518   -6.246  5.152   1.00 41.40 ? 115 DA  C C2    1 
ATOM   616 N N3    . DA  C 3 2  ? 7.709   -7.091  4.505   1.00 33.66 ? 115 DA  C N3    1 
ATOM   617 C C4    . DA  C 3 2  ? 8.419   -8.135  4.014   1.00 38.81 ? 115 DA  C C4    1 
ATOM   618 P P     . DT  C 3 3  ? 5.221   -10.550 -1.469  1.00 51.87 ? 116 DT  C P     1 
ATOM   619 O OP1   . DT  C 3 3  ? 4.259   -11.377 -2.247  1.00 59.06 ? 116 DT  C OP1   1 
ATOM   620 O OP2   . DT  C 3 3  ? 6.673   -10.700 -1.683  1.00 34.57 ? 116 DT  C OP2   1 
ATOM   621 O "O5'" . DT  C 3 3  ? 4.932   -8.982  -1.707  1.00 38.08 ? 116 DT  C "O5'" 1 
ATOM   622 C "C5'" . DT  C 3 3  ? 4.039   -8.245  -0.849  1.00 38.49 ? 116 DT  C "C5'" 1 
ATOM   623 C "C4'" . DT  C 3 3  ? 4.394   -6.780  -0.920  1.00 37.30 ? 116 DT  C "C4'" 1 
ATOM   624 O "O4'" . DT  C 3 3  ? 5.391   -6.473  0.089   1.00 34.08 ? 116 DT  C "O4'" 1 
ATOM   625 C "C3'" . DT  C 3 3  ? 5.014   -6.377  -2.254  1.00 31.02 ? 116 DT  C "C3'" 1 
ATOM   626 O "O3'" . DT  C 3 3  ? 4.017   -5.820  -3.059  1.00 32.83 ? 116 DT  C "O3'" 1 
ATOM   627 C "C2'" . DT  C 3 3  ? 6.097   -5.339  -1.899  1.00 24.79 ? 116 DT  C "C2'" 1 
ATOM   628 C "C1'" . DT  C 3 3  ? 6.217   -5.415  -0.361  1.00 31.36 ? 116 DT  C "C1'" 1 
ATOM   629 N N1    . DT  C 3 3  ? 7.616   -5.679  0.201   1.00 28.87 ? 116 DT  C N1    1 
ATOM   630 C C2    . DT  C 3 3  ? 8.086   -4.855  1.183   1.00 30.92 ? 116 DT  C C2    1 
ATOM   631 O O2    . DT  C 3 3  ? 7.487   -3.888  1.563   1.00 40.23 ? 116 DT  C O2    1 
ATOM   632 N N3    . DT  C 3 3  ? 9.295   -5.175  1.693   1.00 32.60 ? 116 DT  C N3    1 
ATOM   633 C C4    . DT  C 3 3  ? 10.071  -6.229  1.335   1.00 32.60 ? 116 DT  C C4    1 
ATOM   634 O O4    . DT  C 3 3  ? 11.158  -6.429  1.856   1.00 34.50 ? 116 DT  C O4    1 
ATOM   635 C C5    . DT  C 3 3  ? 9.512   -7.100  0.313   1.00 37.27 ? 116 DT  C C5    1 
ATOM   636 C C7    . DT  C 3 3  ? 10.278  -8.323  -0.148  1.00 38.27 ? 116 DT  C C7    1 
ATOM   637 C C6    . DT  C 3 3  ? 8.317   -6.780  -0.201  1.00 25.69 ? 116 DT  C C6    1 
ATOM   638 P P     . DT  C 3 4  ? 4.028   -6.034  -4.650  1.00 37.15 ? 117 DT  C P     1 
ATOM   639 O OP1   . DT  C 3 4  ? 2.779   -5.316  -5.056  1.00 33.73 ? 117 DT  C OP1   1 
ATOM   640 O OP2   . DT  C 3 4  ? 4.393   -7.417  -5.056  1.00 27.30 ? 117 DT  C OP2   1 
ATOM   641 O "O5'" . DT  C 3 4  ? 5.283   -5.176  -5.145  1.00 35.13 ? 117 DT  C "O5'" 1 
ATOM   642 C "C5'" . DT  C 3 4  ? 5.054   -3.892  -5.676  1.00 32.45 ? 117 DT  C "C5'" 1 
ATOM   643 C "C4'" . DT  C 3 4  ? 6.323   -3.284  -6.192  1.00 32.35 ? 117 DT  C "C4'" 1 
ATOM   644 O "O4'" . DT  C 3 4  ? 7.417   -3.614  -5.299  1.00 30.04 ? 117 DT  C "O4'" 1 
ATOM   645 C "C3'" . DT  C 3 4  ? 6.730   -3.754  -7.574  1.00 30.99 ? 117 DT  C "C3'" 1 
ATOM   646 O "O3'" . DT  C 3 4  ? 6.891   -2.608  -8.390  1.00 38.86 ? 117 DT  C "O3'" 1 
ATOM   647 C "C2'" . DT  C 3 4  ? 8.056   -4.524  -7.342  1.00 31.02 ? 117 DT  C "C2'" 1 
ATOM   648 C "C1'" . DT  C 3 4  ? 8.567   -3.902  -6.050  1.00 29.52 ? 117 DT  C "C1'" 1 
ATOM   649 N N1    . DT  C 3 4  ? 9.419   -4.773  -5.179  1.00 27.84 ? 117 DT  C N1    1 
ATOM   650 C C2    . DT  C 3 4  ? 10.610  -4.255  -4.660  1.00 26.07 ? 117 DT  C C2    1 
ATOM   651 O O2    . DT  C 3 4  ? 11.040  -3.157  -4.935  1.00 28.85 ? 117 DT  C O2    1 
ATOM   652 N N3    . DT  C 3 4  ? 11.283  -5.084  -3.814  1.00 21.46 ? 117 DT  C N3    1 
ATOM   653 C C4    . DT  C 3 4  ? 10.903  -6.353  -3.419  1.00 25.81 ? 117 DT  C C4    1 
ATOM   654 O O4    . DT  C 3 4  ? 11.574  -7.010  -2.643  1.00 21.52 ? 117 DT  C O4    1 
ATOM   655 C C5    . DT  C 3 4  ? 9.636   -6.832  -3.967  1.00 25.42 ? 117 DT  C C5    1 
ATOM   656 C C7    . DT  C 3 4  ? 9.125   -8.195  -3.595  1.00 32.65 ? 117 DT  C C7    1 
ATOM   657 C C6    . DT  C 3 4  ? 8.949   -6.019  -4.794  1.00 20.52 ? 117 DT  C C6    1 
ATOM   658 P P     . DA  C 3 5  ? 6.872   -2.735  -9.996  1.00 40.94 ? 118 DA  C P     1 
ATOM   659 O OP1   . DA  C 3 5  ? 6.288   -1.483  -10.544 1.00 46.29 ? 118 DA  C OP1   1 
ATOM   660 O OP2   . DA  C 3 5  ? 6.365   -4.104  -10.280 1.00 32.76 ? 118 DA  C OP2   1 
ATOM   661 O "O5'" . DA  C 3 5  ? 8.414   -2.746  -10.393 1.00 37.82 ? 118 DA  C "O5'" 1 
ATOM   662 C "C5'" . DA  C 3 5  ? 9.265   -1.622  -10.091 1.00 39.30 ? 118 DA  C "C5'" 1 
ATOM   663 C "C4'" . DA  C 3 5  ? 10.713  -1.997  -10.352 1.00 38.21 ? 118 DA  C "C4'" 1 
ATOM   664 O "O4'" . DA  C 3 5  ? 11.222  -2.740  -9.210  1.00 31.92 ? 118 DA  C "O4'" 1 
ATOM   665 C "C3'" . DA  C 3 5  ? 10.910  -2.941  -11.557 1.00 45.38 ? 118 DA  C "C3'" 1 
ATOM   666 O "O3'" . DA  C 3 5  ? 12.172  -2.706  -12.162 1.00 49.39 ? 118 DA  C "O3'" 1 
ATOM   667 C "C2'" . DA  C 3 5  ? 10.909  -4.304  -10.882 1.00 39.74 ? 118 DA  C "C2'" 1 
ATOM   668 C "C1'" . DA  C 3 5  ? 11.773  -3.932  -9.702  1.00 38.02 ? 118 DA  C "C1'" 1 
ATOM   669 N N9    . DA  C 3 5  ? 11.852  -4.944  -8.671  1.00 32.63 ? 118 DA  C N9    1 
ATOM   670 C C8    . DA  C 3 5  ? 11.110  -6.093  -8.569  1.00 26.33 ? 118 DA  C C8    1 
ATOM   671 N N7    . DA  C 3 5  ? 11.457  -6.854  -7.562  1.00 25.22 ? 118 DA  C N7    1 
ATOM   672 C C5    . DA  C 3 5  ? 12.523  -6.171  -6.996  1.00 28.91 ? 118 DA  C C5    1 
ATOM   673 C C6    . DA  C 3 5  ? 13.318  -6.432  -5.891  1.00 25.05 ? 118 DA  C C6    1 
ATOM   674 N N6    . DA  C 3 5  ? 13.179  -7.520  -5.143  1.00 21.74 ? 118 DA  C N6    1 
ATOM   675 N N1    . DA  C 3 5  ? 14.288  -5.524  -5.582  1.00 29.87 ? 118 DA  C N1    1 
ATOM   676 C C2    . DA  C 3 5  ? 14.432  -4.430  -6.340  1.00 28.65 ? 118 DA  C C2    1 
ATOM   677 N N3    . DA  C 3 5  ? 13.726  -4.072  -7.400  1.00 28.57 ? 118 DA  C N3    1 
ATOM   678 C C4    . DA  C 3 5  ? 12.775  -4.992  -7.672  1.00 29.35 ? 118 DA  C C4    1 
ATOM   679 P P     . DC  C 3 6  ? 12.340  -1.620  -13.335 1.00 46.79 ? 119 DC  C P     1 
ATOM   680 O OP1   . DC  C 3 6  ? 11.378  -0.516  -13.117 1.00 40.44 ? 119 DC  C OP1   1 
ATOM   681 O OP2   . DC  C 3 6  ? 12.429  -2.435  -14.554 1.00 45.94 ? 119 DC  C OP2   1 
ATOM   682 O "O5'" . DC  C 3 6  ? 13.759  -0.965  -13.050 1.00 45.60 ? 119 DC  C "O5'" 1 
ATOM   683 C "C5'" . DC  C 3 6  ? 14.089  -0.587  -11.708 1.00 44.22 ? 119 DC  C "C5'" 1 
ATOM   684 C "C4'" . DC  C 3 6  ? 15.446  -1.119  -11.346 1.00 40.32 ? 119 DC  C "C4'" 1 
ATOM   685 O "O4'" . DC  C 3 6  ? 15.346  -2.267  -10.447 1.00 48.50 ? 119 DC  C "O4'" 1 
ATOM   686 C "C3'" . DC  C 3 6  ? 16.231  -1.639  -12.528 1.00 44.85 ? 119 DC  C "C3'" 1 
ATOM   687 O "O3'" . DC  C 3 6  ? 17.488  -1.484  -12.206 1.00 49.33 ? 119 DC  C "O3'" 1 
ATOM   688 C "C2'" . DC  C 3 6  ? 15.920  -3.125  -12.493 1.00 44.62 ? 119 DC  C "C2'" 1 
ATOM   689 C "C1'" . DC  C 3 6  ? 16.125  -3.308  -11.016 1.00 39.91 ? 119 DC  C "C1'" 1 
ATOM   690 N N1    . DC  C 3 6  ? 15.704  -4.603  -10.492 1.00 36.52 ? 119 DC  C N1    1 
ATOM   691 C C2    . DC  C 3 6  ? 16.263  -5.042  -9.296  1.00 34.00 ? 119 DC  C C2    1 
ATOM   692 O O2    . DC  C 3 6  ? 17.067  -4.310  -8.710  1.00 33.24 ? 119 DC  C O2    1 
ATOM   693 N N3    . DC  C 3 6  ? 15.900  -6.245  -8.806  1.00 32.64 ? 119 DC  C N3    1 
ATOM   694 C C4    . DC  C 3 6  ? 15.006  -6.988  -9.456  1.00 29.17 ? 119 DC  C C4    1 
ATOM   695 N N4    . DC  C 3 6  ? 14.676  -8.160  -8.918  1.00 32.94 ? 119 DC  C N4    1 
ATOM   696 C C5    . DC  C 3 6  ? 14.417  -6.558  -10.685 1.00 33.52 ? 119 DC  C C5    1 
ATOM   697 C C6    . DC  C 3 6  ? 14.802  -5.369  -11.172 1.00 31.98 ? 119 DC  C C6    1 
HETATM 698 O O     . HOH D 4 .  ? -6.153  -11.659 4.330   1.00 40.50 ? 101 HOH A O     1 
HETATM 699 O O     . HOH D 4 .  ? -1.657  -5.246  -6.711  1.00 46.18 ? 102 HOH A O     1 
HETATM 700 O O     . HOH D 4 .  ? 5.575   -3.445  7.421   1.00 28.18 ? 103 HOH A O     1 
HETATM 701 O O     . HOH D 4 .  ? -0.677  0.830   -6.421  1.00 36.24 ? 104 HOH A O     1 
HETATM 702 O O     . HOH D 4 .  ? -5.155  3.912   -6.092  1.00 47.01 ? 105 HOH A O     1 
HETATM 703 O O     . HOH D 4 .  ? 14.424  3.798   0.925   1.00 28.20 ? 106 HOH A O     1 
HETATM 704 O O     . HOH D 4 .  ? -12.248 -9.291  9.257   1.00 46.55 ? 107 HOH A O     1 
HETATM 705 O O     . HOH D 4 .  ? -0.199  -7.647  -1.753  1.00 38.25 ? 108 HOH A O     1 
HETATM 706 O O     . HOH D 4 .  ? 2.616   -9.121  8.072   1.00 36.74 ? 109 HOH A O     1 
HETATM 707 O O     . HOH D 4 .  ? 2.701   -8.384  2.549   1.00 30.26 ? 110 HOH A O     1 
HETATM 708 O O     . HOH D 4 .  ? -12.017 -11.537 10.647  1.00 44.31 ? 111 HOH A O     1 
HETATM 709 O O     . HOH E 4 .  ? 21.878  -0.285  -3.771  1.00 30.33 ? 201 HOH B O     1 
HETATM 710 O O     . HOH E 4 .  ? 16.046  -0.582  7.952   1.00 38.96 ? 202 HOH B O     1 
HETATM 711 O O     . HOH E 4 .  ? 5.404   5.426   11.211  1.00 43.73 ? 203 HOH B O     1 
HETATM 712 O O     . HOH E 4 .  ? 14.756  2.069   9.397   1.00 38.54 ? 204 HOH B O     1 
HETATM 713 O O     . HOH E 4 .  ? 6.351   4.874   9.225   1.00 46.64 ? 205 HOH B O     1 
HETATM 714 O O     . HOH F 4 .  ? 14.863  -1.225  -7.878  1.00 37.32 ? 201 HOH C O     1 
# 
loop_
_pdbx_poly_seq_scheme.asym_id 
_pdbx_poly_seq_scheme.entity_id 
_pdbx_poly_seq_scheme.seq_id 
_pdbx_poly_seq_scheme.mon_id 
_pdbx_poly_seq_scheme.ndb_seq_num 
_pdbx_poly_seq_scheme.pdb_seq_num 
_pdbx_poly_seq_scheme.auth_seq_num 
_pdbx_poly_seq_scheme.pdb_mon_id 
_pdbx_poly_seq_scheme.auth_mon_id 
_pdbx_poly_seq_scheme.pdb_strand_id 
_pdbx_poly_seq_scheme.pdb_ins_code 
_pdbx_poly_seq_scheme.hetero 
A 1 1  MET 1  1   ?   ?   ?   A . n 
A 1 2  SER 2  2   ?   ?   ?   A . n 
A 1 3  SER 3  3   ?   ?   ?   A . n 
A 1 4  GLY 4  4   4   GLY GLY A . n 
A 1 5  LYS 5  5   5   LYS LYS A . n 
A 1 6  LYS 6  6   6   LYS LYS A . n 
A 1 7  PRO 7  7   7   PRO PRO A . n 
A 1 8  VAL 8  8   8   VAL VAL A . n 
A 1 9  LYS 9  9   9   LYS LYS A . n 
A 1 10 VAL 10 10  10  VAL VAL A . n 
A 1 11 LYS 11 11  11  LYS LYS A . n 
A 1 12 THR 12 12  12  THR THR A . n 
A 1 13 PRO 13 13  13  PRO PRO A . n 
A 1 14 ALA 14 14  14  ALA ALA A . n 
A 1 15 GLY 15 15  15  GLY GLY A . n 
A 1 16 LYS 16 16  16  LYS LYS A . n 
A 1 17 GLU 17 17  17  GLU GLU A . n 
A 1 18 ALA 18 18  18  ALA ALA A . n 
A 1 19 GLU 19 19  19  GLU GLU A . n 
A 1 20 LEU 20 20  20  LEU LEU A . n 
A 1 21 VAL 21 21  21  VAL VAL A . n 
A 1 22 PRO 22 22  22  PRO PRO A . n 
A 1 23 GLU 23 23  23  GLU GLU A . n 
A 1 24 LYS 24 24  24  LYS LYS A . n 
A 1 25 VAL 25 25  25  VAL VAL A . n 
A 1 26 TRP 26 26  26  TRP TRP A . n 
A 1 27 ALA 27 27  27  ALA ALA A . n 
A 1 28 LEU 28 28  28  LEU LEU A . n 
A 1 29 ALA 29 29  29  ALA ALA A . n 
A 1 30 PRO 30 30  30  PRO PRO A . n 
A 1 31 LYS 31 31  31  LYS LYS A . n 
A 1 32 GLY 32 32  32  GLY GLY A . n 
A 1 33 ARG 33 33  33  ARG ARG A . n 
A 1 34 LYS 34 34  34  LYS LYS A . n 
A 1 35 GLY 35 35  35  GLY GLY A . n 
A 1 36 VAL 36 36  36  VAL VAL A . n 
A 1 37 LYS 37 37  37  LYS LYS A . n 
A 1 38 ILE 38 38  38  ILE ILE A . n 
A 1 39 GLY 39 39  39  GLY GLY A . n 
A 1 40 LEU 40 40  40  LEU LEU A . n 
A 1 41 PHE 41 41  41  PHE PHE A . n 
A 1 42 LYS 42 42  42  LYS LYS A . n 
A 1 43 ASP 43 43  43  ASP ASP A . n 
A 1 44 PRO 44 44  44  PRO PRO A . n 
A 1 45 GLU 45 45  45  GLU GLU A . n 
A 1 46 THR 46 46  46  THR THR A . n 
A 1 47 GLY 47 47  47  GLY GLY A . n 
A 1 48 LYS 48 48  48  LYS LYS A . n 
A 1 49 TYR 49 49  49  TYR TYR A . n 
A 1 50 PHE 50 50  50  PHE PHE A . n 
A 1 51 ARG 51 51  51  ARG ARG A . n 
A 1 52 HIS 52 52  52  HIS HIS A . n 
A 1 53 LYS 53 53  53  LYS LYS A . n 
A 1 54 LEU 54 54  54  LEU LEU A . n 
A 1 55 PRO 55 55  55  PRO PRO A . n 
A 1 56 ASP 56 56  56  ASP ASP A . n 
A 1 57 ASP 57 57  57  ASP ASP A . n 
A 1 58 TYR 58 58  58  TYR TYR A . n 
A 1 59 PRO 59 59  59  PRO PRO A . n 
A 1 60 ILE 60 60  60  ILE ILE A . n 
B 2 1  DG  1  106 106 DG  DG  B . n 
B 2 2  DT  2  107 107 DT  DT  B . n 
B 2 3  DA  3  108 108 DA  DA  B . n 
B 2 4  DA  4  109 109 DA  DA  B . n 
B 2 5  DT  5  110 110 DT  DT  B . n 
B 2 6  DT  6  111 111 DT  DT  B . n 
C 3 1  DA  1  114 114 DA  DA  C . n 
C 3 2  DA  2  115 115 DA  DA  C . n 
C 3 3  DT  3  116 116 DT  DT  C . n 
C 3 4  DT  4  117 117 DT  DT  C . n 
C 3 5  DA  5  118 118 DA  DA  C . n 
C 3 6  DC  6  119 119 DC  DC  C . n 
# 
loop_
_pdbx_nonpoly_scheme.asym_id 
_pdbx_nonpoly_scheme.entity_id 
_pdbx_nonpoly_scheme.mon_id 
_pdbx_nonpoly_scheme.ndb_seq_num 
_pdbx_nonpoly_scheme.pdb_seq_num 
_pdbx_nonpoly_scheme.auth_seq_num 
_pdbx_nonpoly_scheme.pdb_mon_id 
_pdbx_nonpoly_scheme.auth_mon_id 
_pdbx_nonpoly_scheme.pdb_strand_id 
_pdbx_nonpoly_scheme.pdb_ins_code 
D 4 HOH 1  101 4  HOH HOH A . 
D 4 HOH 2  102 16 HOH HOH A . 
D 4 HOH 3  103 1  HOH HOH A . 
D 4 HOH 4  104 5  HOH HOH A . 
D 4 HOH 5  105 10 HOH HOH A . 
D 4 HOH 6  106 11 HOH HOH A . 
D 4 HOH 7  107 8  HOH HOH A . 
D 4 HOH 8  108 6  HOH HOH A . 
D 4 HOH 9  109 7  HOH HOH A . 
D 4 HOH 10 110 3  HOH HOH A . 
D 4 HOH 11 111 14 HOH HOH A . 
E 4 HOH 1  201 2  HOH HOH B . 
E 4 HOH 2  202 13 HOH HOH B . 
E 4 HOH 3  203 12 HOH HOH B . 
E 4 HOH 4  204 17 HOH HOH B . 
E 4 HOH 5  205 15 HOH HOH B . 
F 4 HOH 1  201 9  HOH HOH C . 
# 
_pdbx_struct_assembly.id                   1 
_pdbx_struct_assembly.details              author_and_software_defined_assembly 
_pdbx_struct_assembly.method_details       PISA 
_pdbx_struct_assembly.oligomeric_details   trimeric 
_pdbx_struct_assembly.oligomeric_count     3 
# 
_pdbx_struct_assembly_gen.assembly_id       1 
_pdbx_struct_assembly_gen.oper_expression   1 
_pdbx_struct_assembly_gen.asym_id_list      A,B,C,D,E,F 
# 
loop_
_pdbx_struct_assembly_prop.biol_id 
_pdbx_struct_assembly_prop.type 
_pdbx_struct_assembly_prop.value 
_pdbx_struct_assembly_prop.details 
1 'ABSA (A^2)' 2080 ? 
1 MORE         -8   ? 
1 'SSA (A^2)'  5200 ? 
# 
_pdbx_struct_oper_list.id                   1 
_pdbx_struct_oper_list.type                 'identity operation' 
_pdbx_struct_oper_list.name                 1_555 
_pdbx_struct_oper_list.symmetry_operation   x,y,z 
_pdbx_struct_oper_list.matrix[1][1]         1.0000000000 
_pdbx_struct_oper_list.matrix[1][2]         0.0000000000 
_pdbx_struct_oper_list.matrix[1][3]         0.0000000000 
_pdbx_struct_oper_list.vector[1]            0.0000000000 
_pdbx_struct_oper_list.matrix[2][1]         0.0000000000 
_pdbx_struct_oper_list.matrix[2][2]         1.0000000000 
_pdbx_struct_oper_list.matrix[2][3]         0.0000000000 
_pdbx_struct_oper_list.vector[2]            0.0000000000 
_pdbx_struct_oper_list.matrix[3][1]         0.0000000000 
_pdbx_struct_oper_list.matrix[3][2]         0.0000000000 
_pdbx_struct_oper_list.matrix[3][3]         1.0000000000 
_pdbx_struct_oper_list.vector[3]            0.0000000000 
# 
loop_
_pdbx_audit_revision_history.ordinal 
_pdbx_audit_revision_history.data_content_type 
_pdbx_audit_revision_history.major_revision 
_pdbx_audit_revision_history.minor_revision 
_pdbx_audit_revision_history.revision_date 
1 'Structure model' 1 0 2019-01-16 
2 'Structure model' 1 1 2019-03-27 
3 'Structure model' 1 2 2023-11-22 
# 
_pdbx_audit_revision_details.ordinal             1 
_pdbx_audit_revision_details.revision_ordinal    1 
_pdbx_audit_revision_details.data_content_type   'Structure model' 
_pdbx_audit_revision_details.provider            repository 
_pdbx_audit_revision_details.type                'Initial release' 
_pdbx_audit_revision_details.description         ? 
_pdbx_audit_revision_details.details             ? 
# 
loop_
_pdbx_audit_revision_group.ordinal 
_pdbx_audit_revision_group.revision_ordinal 
_pdbx_audit_revision_group.data_content_type 
_pdbx_audit_revision_group.group 
1 2 'Structure model' 'Data collection'        
2 2 'Structure model' 'Database references'    
3 3 'Structure model' 'Data collection'        
4 3 'Structure model' 'Database references'    
5 3 'Structure model' 'Refinement description' 
# 
loop_
_pdbx_audit_revision_category.ordinal 
_pdbx_audit_revision_category.revision_ordinal 
_pdbx_audit_revision_category.data_content_type 
_pdbx_audit_revision_category.category 
1 2 'Structure model' citation                      
2 2 'Structure model' citation_author               
3 3 'Structure model' chem_comp_atom                
4 3 'Structure model' chem_comp_bond                
5 3 'Structure model' database_2                    
6 3 'Structure model' pdbx_initial_refinement_model 
# 
loop_
_pdbx_audit_revision_item.ordinal 
_pdbx_audit_revision_item.revision_ordinal 
_pdbx_audit_revision_item.data_content_type 
_pdbx_audit_revision_item.item 
1 2 'Structure model' '_citation.journal_volume'            
2 2 'Structure model' '_citation.page_first'                
3 2 'Structure model' '_citation.page_last'                 
4 2 'Structure model' '_citation.year'                      
5 2 'Structure model' '_citation_author.identifier_ORCID'   
6 3 'Structure model' '_database_2.pdbx_DOI'                
7 3 'Structure model' '_database_2.pdbx_database_accession' 
# 
loop_
_software.citation_id 
_software.classification 
_software.compiler_name 
_software.compiler_version 
_software.contact_author 
_software.contact_author_email 
_software.date 
_software.description 
_software.dependencies 
_software.hardware 
_software.language 
_software.location 
_software.mods 
_software.name 
_software.os 
_software.os_version 
_software.type 
_software.version 
_software.pdbx_ordinal 
? refinement       ? ? ? ? ? ? ? ? ? ? ? PHENIX   ? ? ? '(1.12_2829)' 1 
? 'data reduction' ? ? ? ? ? ? ? ? ? ? ? HKL-2000 ? ? ? .             2 
? 'data scaling'   ? ? ? ? ? ? ? ? ? ? ? HKL-2000 ? ? ? .             3 
? phasing          ? ? ? ? ? ? ? ? ? ? ? PHASER   ? ? ? .             4 
# 
loop_
_pdbx_validate_rmsd_bond.id 
_pdbx_validate_rmsd_bond.PDB_model_num 
_pdbx_validate_rmsd_bond.auth_atom_id_1 
_pdbx_validate_rmsd_bond.auth_asym_id_1 
_pdbx_validate_rmsd_bond.auth_comp_id_1 
_pdbx_validate_rmsd_bond.auth_seq_id_1 
_pdbx_validate_rmsd_bond.PDB_ins_code_1 
_pdbx_validate_rmsd_bond.label_alt_id_1 
_pdbx_validate_rmsd_bond.auth_atom_id_2 
_pdbx_validate_rmsd_bond.auth_asym_id_2 
_pdbx_validate_rmsd_bond.auth_comp_id_2 
_pdbx_validate_rmsd_bond.auth_seq_id_2 
_pdbx_validate_rmsd_bond.PDB_ins_code_2 
_pdbx_validate_rmsd_bond.label_alt_id_2 
_pdbx_validate_rmsd_bond.bond_value 
_pdbx_validate_rmsd_bond.bond_target_value 
_pdbx_validate_rmsd_bond.bond_deviation 
_pdbx_validate_rmsd_bond.bond_standard_deviation 
_pdbx_validate_rmsd_bond.linker_flag 
1 1 "O3'" B DT 111 ? ? "C3'" B DT 111 ? ? 1.371 1.419 -0.048 0.006 N 
2 1 "O3'" C DC 119 ? ? "C3'" C DC 119 ? ? 1.306 1.419 -0.113 0.006 N 
# 
loop_
_pdbx_validate_rmsd_angle.id 
_pdbx_validate_rmsd_angle.PDB_model_num 
_pdbx_validate_rmsd_angle.auth_atom_id_1 
_pdbx_validate_rmsd_angle.auth_asym_id_1 
_pdbx_validate_rmsd_angle.auth_comp_id_1 
_pdbx_validate_rmsd_angle.auth_seq_id_1 
_pdbx_validate_rmsd_angle.PDB_ins_code_1 
_pdbx_validate_rmsd_angle.label_alt_id_1 
_pdbx_validate_rmsd_angle.auth_atom_id_2 
_pdbx_validate_rmsd_angle.auth_asym_id_2 
_pdbx_validate_rmsd_angle.auth_comp_id_2 
_pdbx_validate_rmsd_angle.auth_seq_id_2 
_pdbx_validate_rmsd_angle.PDB_ins_code_2 
_pdbx_validate_rmsd_angle.label_alt_id_2 
_pdbx_validate_rmsd_angle.auth_atom_id_3 
_pdbx_validate_rmsd_angle.auth_asym_id_3 
_pdbx_validate_rmsd_angle.auth_comp_id_3 
_pdbx_validate_rmsd_angle.auth_seq_id_3 
_pdbx_validate_rmsd_angle.PDB_ins_code_3 
_pdbx_validate_rmsd_angle.label_alt_id_3 
_pdbx_validate_rmsd_angle.angle_value 
_pdbx_validate_rmsd_angle.angle_target_value 
_pdbx_validate_rmsd_angle.angle_deviation 
_pdbx_validate_rmsd_angle.angle_standard_deviation 
_pdbx_validate_rmsd_angle.linker_flag 
1 1 "C3'" B DT 111 ? ? "C2'" B DT 111 ? ? "C1'" B DT 111 ? ? 94.74  102.40 -7.66 0.80 N 
2 1 "O4'" B DT 111 ? ? "C1'" B DT 111 ? ? N1    B DT 111 ? ? 111.92 108.30 3.62  0.30 N 
3 1 "C3'" C DA 118 ? ? "C2'" C DA 118 ? ? "C1'" C DA 118 ? ? 97.28  102.40 -5.12 0.80 N 
4 1 "O4'" C DA 118 ? ? "C1'" C DA 118 ? ? N9    C DA 118 ? ? 111.47 108.30 3.17  0.30 N 
5 1 "C3'" C DC 119 ? ? "C2'" C DC 119 ? ? "C1'" C DC 119 ? ? 96.55  102.40 -5.85 0.80 N 
6 1 "O4'" C DC 119 ? ? "C1'" C DC 119 ? ? N1    C DC 119 ? ? 110.45 108.30 2.15  0.30 N 
# 
loop_
_pdbx_unobs_or_zero_occ_residues.id 
_pdbx_unobs_or_zero_occ_residues.PDB_model_num 
_pdbx_unobs_or_zero_occ_residues.polymer_flag 
_pdbx_unobs_or_zero_occ_residues.occupancy_flag 
_pdbx_unobs_or_zero_occ_residues.auth_asym_id 
_pdbx_unobs_or_zero_occ_residues.auth_comp_id 
_pdbx_unobs_or_zero_occ_residues.auth_seq_id 
_pdbx_unobs_or_zero_occ_residues.PDB_ins_code 
_pdbx_unobs_or_zero_occ_residues.label_asym_id 
_pdbx_unobs_or_zero_occ_residues.label_comp_id 
_pdbx_unobs_or_zero_occ_residues.label_seq_id 
1 1 Y 1 A MET 1 ? A MET 1 
2 1 Y 1 A SER 2 ? A SER 2 
3 1 Y 1 A SER 3 ? A SER 3 
# 
loop_
_chem_comp_atom.comp_id 
_chem_comp_atom.atom_id 
_chem_comp_atom.type_symbol 
_chem_comp_atom.pdbx_aromatic_flag 
_chem_comp_atom.pdbx_stereo_config 
_chem_comp_atom.pdbx_ordinal 
ALA N      N N N 1   
ALA CA     C N S 2   
ALA C      C N N 3   
ALA O      O N N 4   
ALA CB     C N N 5   
ALA OXT    O N N 6   
ALA H      H N N 7   
ALA H2     H N N 8   
ALA HA     H N N 9   
ALA HB1    H N N 10  
ALA HB2    H N N 11  
ALA HB3    H N N 12  
ALA HXT    H N N 13  
ARG N      N N N 14  
ARG CA     C N S 15  
ARG C      C N N 16  
ARG O      O N N 17  
ARG CB     C N N 18  
ARG CG     C N N 19  
ARG CD     C N N 20  
ARG NE     N N N 21  
ARG CZ     C N N 22  
ARG NH1    N N N 23  
ARG NH2    N N N 24  
ARG OXT    O N N 25  
ARG H      H N N 26  
ARG H2     H N N 27  
ARG HA     H N N 28  
ARG HB2    H N N 29  
ARG HB3    H N N 30  
ARG HG2    H N N 31  
ARG HG3    H N N 32  
ARG HD2    H N N 33  
ARG HD3    H N N 34  
ARG HE     H N N 35  
ARG HH11   H N N 36  
ARG HH12   H N N 37  
ARG HH21   H N N 38  
ARG HH22   H N N 39  
ARG HXT    H N N 40  
ASP N      N N N 41  
ASP CA     C N S 42  
ASP C      C N N 43  
ASP O      O N N 44  
ASP CB     C N N 45  
ASP CG     C N N 46  
ASP OD1    O N N 47  
ASP OD2    O N N 48  
ASP OXT    O N N 49  
ASP H      H N N 50  
ASP H2     H N N 51  
ASP HA     H N N 52  
ASP HB2    H N N 53  
ASP HB3    H N N 54  
ASP HD2    H N N 55  
ASP HXT    H N N 56  
DA  OP3    O N N 57  
DA  P      P N N 58  
DA  OP1    O N N 59  
DA  OP2    O N N 60  
DA  "O5'"  O N N 61  
DA  "C5'"  C N N 62  
DA  "C4'"  C N R 63  
DA  "O4'"  O N N 64  
DA  "C3'"  C N S 65  
DA  "O3'"  O N N 66  
DA  "C2'"  C N N 67  
DA  "C1'"  C N R 68  
DA  N9     N Y N 69  
DA  C8     C Y N 70  
DA  N7     N Y N 71  
DA  C5     C Y N 72  
DA  C6     C Y N 73  
DA  N6     N N N 74  
DA  N1     N Y N 75  
DA  C2     C Y N 76  
DA  N3     N Y N 77  
DA  C4     C Y N 78  
DA  HOP3   H N N 79  
DA  HOP2   H N N 80  
DA  "H5'"  H N N 81  
DA  "H5''" H N N 82  
DA  "H4'"  H N N 83  
DA  "H3'"  H N N 84  
DA  "HO3'" H N N 85  
DA  "H2'"  H N N 86  
DA  "H2''" H N N 87  
DA  "H1'"  H N N 88  
DA  H8     H N N 89  
DA  H61    H N N 90  
DA  H62    H N N 91  
DA  H2     H N N 92  
DC  OP3    O N N 93  
DC  P      P N N 94  
DC  OP1    O N N 95  
DC  OP2    O N N 96  
DC  "O5'"  O N N 97  
DC  "C5'"  C N N 98  
DC  "C4'"  C N R 99  
DC  "O4'"  O N N 100 
DC  "C3'"  C N S 101 
DC  "O3'"  O N N 102 
DC  "C2'"  C N N 103 
DC  "C1'"  C N R 104 
DC  N1     N N N 105 
DC  C2     C N N 106 
DC  O2     O N N 107 
DC  N3     N N N 108 
DC  C4     C N N 109 
DC  N4     N N N 110 
DC  C5     C N N 111 
DC  C6     C N N 112 
DC  HOP3   H N N 113 
DC  HOP2   H N N 114 
DC  "H5'"  H N N 115 
DC  "H5''" H N N 116 
DC  "H4'"  H N N 117 
DC  "H3'"  H N N 118 
DC  "HO3'" H N N 119 
DC  "H2'"  H N N 120 
DC  "H2''" H N N 121 
DC  "H1'"  H N N 122 
DC  H41    H N N 123 
DC  H42    H N N 124 
DC  H5     H N N 125 
DC  H6     H N N 126 
DG  OP3    O N N 127 
DG  P      P N N 128 
DG  OP1    O N N 129 
DG  OP2    O N N 130 
DG  "O5'"  O N N 131 
DG  "C5'"  C N N 132 
DG  "C4'"  C N R 133 
DG  "O4'"  O N N 134 
DG  "C3'"  C N S 135 
DG  "O3'"  O N N 136 
DG  "C2'"  C N N 137 
DG  "C1'"  C N R 138 
DG  N9     N Y N 139 
DG  C8     C Y N 140 
DG  N7     N Y N 141 
DG  C5     C Y N 142 
DG  C6     C N N 143 
DG  O6     O N N 144 
DG  N1     N N N 145 
DG  C2     C N N 146 
DG  N2     N N N 147 
DG  N3     N N N 148 
DG  C4     C Y N 149 
DG  HOP3   H N N 150 
DG  HOP2   H N N 151 
DG  "H5'"  H N N 152 
DG  "H5''" H N N 153 
DG  "H4'"  H N N 154 
DG  "H3'"  H N N 155 
DG  "HO3'" H N N 156 
DG  "H2'"  H N N 157 
DG  "H2''" H N N 158 
DG  "H1'"  H N N 159 
DG  H8     H N N 160 
DG  H1     H N N 161 
DG  H21    H N N 162 
DG  H22    H N N 163 
DT  OP3    O N N 164 
DT  P      P N N 165 
DT  OP1    O N N 166 
DT  OP2    O N N 167 
DT  "O5'"  O N N 168 
DT  "C5'"  C N N 169 
DT  "C4'"  C N R 170 
DT  "O4'"  O N N 171 
DT  "C3'"  C N S 172 
DT  "O3'"  O N N 173 
DT  "C2'"  C N N 174 
DT  "C1'"  C N R 175 
DT  N1     N N N 176 
DT  C2     C N N 177 
DT  O2     O N N 178 
DT  N3     N N N 179 
DT  C4     C N N 180 
DT  O4     O N N 181 
DT  C5     C N N 182 
DT  C7     C N N 183 
DT  C6     C N N 184 
DT  HOP3   H N N 185 
DT  HOP2   H N N 186 
DT  "H5'"  H N N 187 
DT  "H5''" H N N 188 
DT  "H4'"  H N N 189 
DT  "H3'"  H N N 190 
DT  "HO3'" H N N 191 
DT  "H2'"  H N N 192 
DT  "H2''" H N N 193 
DT  "H1'"  H N N 194 
DT  H3     H N N 195 
DT  H71    H N N 196 
DT  H72    H N N 197 
DT  H73    H N N 198 
DT  H6     H N N 199 
GLU N      N N N 200 
GLU CA     C N S 201 
GLU C      C N N 202 
GLU O      O N N 203 
GLU CB     C N N 204 
GLU CG     C N N 205 
GLU CD     C N N 206 
GLU OE1    O N N 207 
GLU OE2    O N N 208 
GLU OXT    O N N 209 
GLU H      H N N 210 
GLU H2     H N N 211 
GLU HA     H N N 212 
GLU HB2    H N N 213 
GLU HB3    H N N 214 
GLU HG2    H N N 215 
GLU HG3    H N N 216 
GLU HE2    H N N 217 
GLU HXT    H N N 218 
GLY N      N N N 219 
GLY CA     C N N 220 
GLY C      C N N 221 
GLY O      O N N 222 
GLY OXT    O N N 223 
GLY H      H N N 224 
GLY H2     H N N 225 
GLY HA2    H N N 226 
GLY HA3    H N N 227 
GLY HXT    H N N 228 
HIS N      N N N 229 
HIS CA     C N S 230 
HIS C      C N N 231 
HIS O      O N N 232 
HIS CB     C N N 233 
HIS CG     C Y N 234 
HIS ND1    N Y N 235 
HIS CD2    C Y N 236 
HIS CE1    C Y N 237 
HIS NE2    N Y N 238 
HIS OXT    O N N 239 
HIS H      H N N 240 
HIS H2     H N N 241 
HIS HA     H N N 242 
HIS HB2    H N N 243 
HIS HB3    H N N 244 
HIS HD1    H N N 245 
HIS HD2    H N N 246 
HIS HE1    H N N 247 
HIS HE2    H N N 248 
HIS HXT    H N N 249 
HOH O      O N N 250 
HOH H1     H N N 251 
HOH H2     H N N 252 
ILE N      N N N 253 
ILE CA     C N S 254 
ILE C      C N N 255 
ILE O      O N N 256 
ILE CB     C N S 257 
ILE CG1    C N N 258 
ILE CG2    C N N 259 
ILE CD1    C N N 260 
ILE OXT    O N N 261 
ILE H      H N N 262 
ILE H2     H N N 263 
ILE HA     H N N 264 
ILE HB     H N N 265 
ILE HG12   H N N 266 
ILE HG13   H N N 267 
ILE HG21   H N N 268 
ILE HG22   H N N 269 
ILE HG23   H N N 270 
ILE HD11   H N N 271 
ILE HD12   H N N 272 
ILE HD13   H N N 273 
ILE HXT    H N N 274 
LEU N      N N N 275 
LEU CA     C N S 276 
LEU C      C N N 277 
LEU O      O N N 278 
LEU CB     C N N 279 
LEU CG     C N N 280 
LEU CD1    C N N 281 
LEU CD2    C N N 282 
LEU OXT    O N N 283 
LEU H      H N N 284 
LEU H2     H N N 285 
LEU HA     H N N 286 
LEU HB2    H N N 287 
LEU HB3    H N N 288 
LEU HG     H N N 289 
LEU HD11   H N N 290 
LEU HD12   H N N 291 
LEU HD13   H N N 292 
LEU HD21   H N N 293 
LEU HD22   H N N 294 
LEU HD23   H N N 295 
LEU HXT    H N N 296 
LYS N      N N N 297 
LYS CA     C N S 298 
LYS C      C N N 299 
LYS O      O N N 300 
LYS CB     C N N 301 
LYS CG     C N N 302 
LYS CD     C N N 303 
LYS CE     C N N 304 
LYS NZ     N N N 305 
LYS OXT    O N N 306 
LYS H      H N N 307 
LYS H2     H N N 308 
LYS HA     H N N 309 
LYS HB2    H N N 310 
LYS HB3    H N N 311 
LYS HG2    H N N 312 
LYS HG3    H N N 313 
LYS HD2    H N N 314 
LYS HD3    H N N 315 
LYS HE2    H N N 316 
LYS HE3    H N N 317 
LYS HZ1    H N N 318 
LYS HZ2    H N N 319 
LYS HZ3    H N N 320 
LYS HXT    H N N 321 
MET N      N N N 322 
MET CA     C N S 323 
MET C      C N N 324 
MET O      O N N 325 
MET CB     C N N 326 
MET CG     C N N 327 
MET SD     S N N 328 
MET CE     C N N 329 
MET OXT    O N N 330 
MET H      H N N 331 
MET H2     H N N 332 
MET HA     H N N 333 
MET HB2    H N N 334 
MET HB3    H N N 335 
MET HG2    H N N 336 
MET HG3    H N N 337 
MET HE1    H N N 338 
MET HE2    H N N 339 
MET HE3    H N N 340 
MET HXT    H N N 341 
PHE N      N N N 342 
PHE CA     C N S 343 
PHE C      C N N 344 
PHE O      O N N 345 
PHE CB     C N N 346 
PHE CG     C Y N 347 
PHE CD1    C Y N 348 
PHE CD2    C Y N 349 
PHE CE1    C Y N 350 
PHE CE2    C Y N 351 
PHE CZ     C Y N 352 
PHE OXT    O N N 353 
PHE H      H N N 354 
PHE H2     H N N 355 
PHE HA     H N N 356 
PHE HB2    H N N 357 
PHE HB3    H N N 358 
PHE HD1    H N N 359 
PHE HD2    H N N 360 
PHE HE1    H N N 361 
PHE HE2    H N N 362 
PHE HZ     H N N 363 
PHE HXT    H N N 364 
PRO N      N N N 365 
PRO CA     C N S 366 
PRO C      C N N 367 
PRO O      O N N 368 
PRO CB     C N N 369 
PRO CG     C N N 370 
PRO CD     C N N 371 
PRO OXT    O N N 372 
PRO H      H N N 373 
PRO HA     H N N 374 
PRO HB2    H N N 375 
PRO HB3    H N N 376 
PRO HG2    H N N 377 
PRO HG3    H N N 378 
PRO HD2    H N N 379 
PRO HD3    H N N 380 
PRO HXT    H N N 381 
SER N      N N N 382 
SER CA     C N S 383 
SER C      C N N 384 
SER O      O N N 385 
SER CB     C N N 386 
SER OG     O N N 387 
SER OXT    O N N 388 
SER H      H N N 389 
SER H2     H N N 390 
SER HA     H N N 391 
SER HB2    H N N 392 
SER HB3    H N N 393 
SER HG     H N N 394 
SER HXT    H N N 395 
THR N      N N N 396 
THR CA     C N S 397 
THR C      C N N 398 
THR O      O N N 399 
THR CB     C N R 400 
THR OG1    O N N 401 
THR CG2    C N N 402 
THR OXT    O N N 403 
THR H      H N N 404 
THR H2     H N N 405 
THR HA     H N N 406 
THR HB     H N N 407 
THR HG1    H N N 408 
THR HG21   H N N 409 
THR HG22   H N N 410 
THR HG23   H N N 411 
THR HXT    H N N 412 
TRP N      N N N 413 
TRP CA     C N S 414 
TRP C      C N N 415 
TRP O      O N N 416 
TRP CB     C N N 417 
TRP CG     C Y N 418 
TRP CD1    C Y N 419 
TRP CD2    C Y N 420 
TRP NE1    N Y N 421 
TRP CE2    C Y N 422 
TRP CE3    C Y N 423 
TRP CZ2    C Y N 424 
TRP CZ3    C Y N 425 
TRP CH2    C Y N 426 
TRP OXT    O N N 427 
TRP H      H N N 428 
TRP H2     H N N 429 
TRP HA     H N N 430 
TRP HB2    H N N 431 
TRP HB3    H N N 432 
TRP HD1    H N N 433 
TRP HE1    H N N 434 
TRP HE3    H N N 435 
TRP HZ2    H N N 436 
TRP HZ3    H N N 437 
TRP HH2    H N N 438 
TRP HXT    H N N 439 
TYR N      N N N 440 
TYR CA     C N S 441 
TYR C      C N N 442 
TYR O      O N N 443 
TYR CB     C N N 444 
TYR CG     C Y N 445 
TYR CD1    C Y N 446 
TYR CD2    C Y N 447 
TYR CE1    C Y N 448 
TYR CE2    C Y N 449 
TYR CZ     C Y N 450 
TYR OH     O N N 451 
TYR OXT    O N N 452 
TYR H      H N N 453 
TYR H2     H N N 454 
TYR HA     H N N 455 
TYR HB2    H N N 456 
TYR HB3    H N N 457 
TYR HD1    H N N 458 
TYR HD2    H N N 459 
TYR HE1    H N N 460 
TYR HE2    H N N 461 
TYR HH     H N N 462 
TYR HXT    H N N 463 
VAL N      N N N 464 
VAL CA     C N S 465 
VAL C      C N N 466 
VAL O      O N N 467 
VAL CB     C N N 468 
VAL CG1    C N N 469 
VAL CG2    C N N 470 
VAL OXT    O N N 471 
VAL H      H N N 472 
VAL H2     H N N 473 
VAL HA     H N N 474 
VAL HB     H N N 475 
VAL HG11   H N N 476 
VAL HG12   H N N 477 
VAL HG13   H N N 478 
VAL HG21   H N N 479 
VAL HG22   H N N 480 
VAL HG23   H N N 481 
VAL HXT    H N N 482 
# 
loop_
_chem_comp_bond.comp_id 
_chem_comp_bond.atom_id_1 
_chem_comp_bond.atom_id_2 
_chem_comp_bond.value_order 
_chem_comp_bond.pdbx_aromatic_flag 
_chem_comp_bond.pdbx_stereo_config 
_chem_comp_bond.pdbx_ordinal 
ALA N     CA     sing N N 1   
ALA N     H      sing N N 2   
ALA N     H2     sing N N 3   
ALA CA    C      sing N N 4   
ALA CA    CB     sing N N 5   
ALA CA    HA     sing N N 6   
ALA C     O      doub N N 7   
ALA C     OXT    sing N N 8   
ALA CB    HB1    sing N N 9   
ALA CB    HB2    sing N N 10  
ALA CB    HB3    sing N N 11  
ALA OXT   HXT    sing N N 12  
ARG N     CA     sing N N 13  
ARG N     H      sing N N 14  
ARG N     H2     sing N N 15  
ARG CA    C      sing N N 16  
ARG CA    CB     sing N N 17  
ARG CA    HA     sing N N 18  
ARG C     O      doub N N 19  
ARG C     OXT    sing N N 20  
ARG CB    CG     sing N N 21  
ARG CB    HB2    sing N N 22  
ARG CB    HB3    sing N N 23  
ARG CG    CD     sing N N 24  
ARG CG    HG2    sing N N 25  
ARG CG    HG3    sing N N 26  
ARG CD    NE     sing N N 27  
ARG CD    HD2    sing N N 28  
ARG CD    HD3    sing N N 29  
ARG NE    CZ     sing N N 30  
ARG NE    HE     sing N N 31  
ARG CZ    NH1    sing N N 32  
ARG CZ    NH2    doub N N 33  
ARG NH1   HH11   sing N N 34  
ARG NH1   HH12   sing N N 35  
ARG NH2   HH21   sing N N 36  
ARG NH2   HH22   sing N N 37  
ARG OXT   HXT    sing N N 38  
ASP N     CA     sing N N 39  
ASP N     H      sing N N 40  
ASP N     H2     sing N N 41  
ASP CA    C      sing N N 42  
ASP CA    CB     sing N N 43  
ASP CA    HA     sing N N 44  
ASP C     O      doub N N 45  
ASP C     OXT    sing N N 46  
ASP CB    CG     sing N N 47  
ASP CB    HB2    sing N N 48  
ASP CB    HB3    sing N N 49  
ASP CG    OD1    doub N N 50  
ASP CG    OD2    sing N N 51  
ASP OD2   HD2    sing N N 52  
ASP OXT   HXT    sing N N 53  
DA  OP3   P      sing N N 54  
DA  OP3   HOP3   sing N N 55  
DA  P     OP1    doub N N 56  
DA  P     OP2    sing N N 57  
DA  P     "O5'"  sing N N 58  
DA  OP2   HOP2   sing N N 59  
DA  "O5'" "C5'"  sing N N 60  
DA  "C5'" "C4'"  sing N N 61  
DA  "C5'" "H5'"  sing N N 62  
DA  "C5'" "H5''" sing N N 63  
DA  "C4'" "O4'"  sing N N 64  
DA  "C4'" "C3'"  sing N N 65  
DA  "C4'" "H4'"  sing N N 66  
DA  "O4'" "C1'"  sing N N 67  
DA  "C3'" "O3'"  sing N N 68  
DA  "C3'" "C2'"  sing N N 69  
DA  "C3'" "H3'"  sing N N 70  
DA  "O3'" "HO3'" sing N N 71  
DA  "C2'" "C1'"  sing N N 72  
DA  "C2'" "H2'"  sing N N 73  
DA  "C2'" "H2''" sing N N 74  
DA  "C1'" N9     sing N N 75  
DA  "C1'" "H1'"  sing N N 76  
DA  N9    C8     sing Y N 77  
DA  N9    C4     sing Y N 78  
DA  C8    N7     doub Y N 79  
DA  C8    H8     sing N N 80  
DA  N7    C5     sing Y N 81  
DA  C5    C6     sing Y N 82  
DA  C5    C4     doub Y N 83  
DA  C6    N6     sing N N 84  
DA  C6    N1     doub Y N 85  
DA  N6    H61    sing N N 86  
DA  N6    H62    sing N N 87  
DA  N1    C2     sing Y N 88  
DA  C2    N3     doub Y N 89  
DA  C2    H2     sing N N 90  
DA  N3    C4     sing Y N 91  
DC  OP3   P      sing N N 92  
DC  OP3   HOP3   sing N N 93  
DC  P     OP1    doub N N 94  
DC  P     OP2    sing N N 95  
DC  P     "O5'"  sing N N 96  
DC  OP2   HOP2   sing N N 97  
DC  "O5'" "C5'"  sing N N 98  
DC  "C5'" "C4'"  sing N N 99  
DC  "C5'" "H5'"  sing N N 100 
DC  "C5'" "H5''" sing N N 101 
DC  "C4'" "O4'"  sing N N 102 
DC  "C4'" "C3'"  sing N N 103 
DC  "C4'" "H4'"  sing N N 104 
DC  "O4'" "C1'"  sing N N 105 
DC  "C3'" "O3'"  sing N N 106 
DC  "C3'" "C2'"  sing N N 107 
DC  "C3'" "H3'"  sing N N 108 
DC  "O3'" "HO3'" sing N N 109 
DC  "C2'" "C1'"  sing N N 110 
DC  "C2'" "H2'"  sing N N 111 
DC  "C2'" "H2''" sing N N 112 
DC  "C1'" N1     sing N N 113 
DC  "C1'" "H1'"  sing N N 114 
DC  N1    C2     sing N N 115 
DC  N1    C6     sing N N 116 
DC  C2    O2     doub N N 117 
DC  C2    N3     sing N N 118 
DC  N3    C4     doub N N 119 
DC  C4    N4     sing N N 120 
DC  C4    C5     sing N N 121 
DC  N4    H41    sing N N 122 
DC  N4    H42    sing N N 123 
DC  C5    C6     doub N N 124 
DC  C5    H5     sing N N 125 
DC  C6    H6     sing N N 126 
DG  OP3   P      sing N N 127 
DG  OP3   HOP3   sing N N 128 
DG  P     OP1    doub N N 129 
DG  P     OP2    sing N N 130 
DG  P     "O5'"  sing N N 131 
DG  OP2   HOP2   sing N N 132 
DG  "O5'" "C5'"  sing N N 133 
DG  "C5'" "C4'"  sing N N 134 
DG  "C5'" "H5'"  sing N N 135 
DG  "C5'" "H5''" sing N N 136 
DG  "C4'" "O4'"  sing N N 137 
DG  "C4'" "C3'"  sing N N 138 
DG  "C4'" "H4'"  sing N N 139 
DG  "O4'" "C1'"  sing N N 140 
DG  "C3'" "O3'"  sing N N 141 
DG  "C3'" "C2'"  sing N N 142 
DG  "C3'" "H3'"  sing N N 143 
DG  "O3'" "HO3'" sing N N 144 
DG  "C2'" "C1'"  sing N N 145 
DG  "C2'" "H2'"  sing N N 146 
DG  "C2'" "H2''" sing N N 147 
DG  "C1'" N9     sing N N 148 
DG  "C1'" "H1'"  sing N N 149 
DG  N9    C8     sing Y N 150 
DG  N9    C4     sing Y N 151 
DG  C8    N7     doub Y N 152 
DG  C8    H8     sing N N 153 
DG  N7    C5     sing Y N 154 
DG  C5    C6     sing N N 155 
DG  C5    C4     doub Y N 156 
DG  C6    O6     doub N N 157 
DG  C6    N1     sing N N 158 
DG  N1    C2     sing N N 159 
DG  N1    H1     sing N N 160 
DG  C2    N2     sing N N 161 
DG  C2    N3     doub N N 162 
DG  N2    H21    sing N N 163 
DG  N2    H22    sing N N 164 
DG  N3    C4     sing N N 165 
DT  OP3   P      sing N N 166 
DT  OP3   HOP3   sing N N 167 
DT  P     OP1    doub N N 168 
DT  P     OP2    sing N N 169 
DT  P     "O5'"  sing N N 170 
DT  OP2   HOP2   sing N N 171 
DT  "O5'" "C5'"  sing N N 172 
DT  "C5'" "C4'"  sing N N 173 
DT  "C5'" "H5'"  sing N N 174 
DT  "C5'" "H5''" sing N N 175 
DT  "C4'" "O4'"  sing N N 176 
DT  "C4'" "C3'"  sing N N 177 
DT  "C4'" "H4'"  sing N N 178 
DT  "O4'" "C1'"  sing N N 179 
DT  "C3'" "O3'"  sing N N 180 
DT  "C3'" "C2'"  sing N N 181 
DT  "C3'" "H3'"  sing N N 182 
DT  "O3'" "HO3'" sing N N 183 
DT  "C2'" "C1'"  sing N N 184 
DT  "C2'" "H2'"  sing N N 185 
DT  "C2'" "H2''" sing N N 186 
DT  "C1'" N1     sing N N 187 
DT  "C1'" "H1'"  sing N N 188 
DT  N1    C2     sing N N 189 
DT  N1    C6     sing N N 190 
DT  C2    O2     doub N N 191 
DT  C2    N3     sing N N 192 
DT  N3    C4     sing N N 193 
DT  N3    H3     sing N N 194 
DT  C4    O4     doub N N 195 
DT  C4    C5     sing N N 196 
DT  C5    C7     sing N N 197 
DT  C5    C6     doub N N 198 
DT  C7    H71    sing N N 199 
DT  C7    H72    sing N N 200 
DT  C7    H73    sing N N 201 
DT  C6    H6     sing N N 202 
GLU N     CA     sing N N 203 
GLU N     H      sing N N 204 
GLU N     H2     sing N N 205 
GLU CA    C      sing N N 206 
GLU CA    CB     sing N N 207 
GLU CA    HA     sing N N 208 
GLU C     O      doub N N 209 
GLU C     OXT    sing N N 210 
GLU CB    CG     sing N N 211 
GLU CB    HB2    sing N N 212 
GLU CB    HB3    sing N N 213 
GLU CG    CD     sing N N 214 
GLU CG    HG2    sing N N 215 
GLU CG    HG3    sing N N 216 
GLU CD    OE1    doub N N 217 
GLU CD    OE2    sing N N 218 
GLU OE2   HE2    sing N N 219 
GLU OXT   HXT    sing N N 220 
GLY N     CA     sing N N 221 
GLY N     H      sing N N 222 
GLY N     H2     sing N N 223 
GLY CA    C      sing N N 224 
GLY CA    HA2    sing N N 225 
GLY CA    HA3    sing N N 226 
GLY C     O      doub N N 227 
GLY C     OXT    sing N N 228 
GLY OXT   HXT    sing N N 229 
HIS N     CA     sing N N 230 
HIS N     H      sing N N 231 
HIS N     H2     sing N N 232 
HIS CA    C      sing N N 233 
HIS CA    CB     sing N N 234 
HIS CA    HA     sing N N 235 
HIS C     O      doub N N 236 
HIS C     OXT    sing N N 237 
HIS CB    CG     sing N N 238 
HIS CB    HB2    sing N N 239 
HIS CB    HB3    sing N N 240 
HIS CG    ND1    sing Y N 241 
HIS CG    CD2    doub Y N 242 
HIS ND1   CE1    doub Y N 243 
HIS ND1   HD1    sing N N 244 
HIS CD2   NE2    sing Y N 245 
HIS CD2   HD2    sing N N 246 
HIS CE1   NE2    sing Y N 247 
HIS CE1   HE1    sing N N 248 
HIS NE2   HE2    sing N N 249 
HIS OXT   HXT    sing N N 250 
HOH O     H1     sing N N 251 
HOH O     H2     sing N N 252 
ILE N     CA     sing N N 253 
ILE N     H      sing N N 254 
ILE N     H2     sing N N 255 
ILE CA    C      sing N N 256 
ILE CA    CB     sing N N 257 
ILE CA    HA     sing N N 258 
ILE C     O      doub N N 259 
ILE C     OXT    sing N N 260 
ILE CB    CG1    sing N N 261 
ILE CB    CG2    sing N N 262 
ILE CB    HB     sing N N 263 
ILE CG1   CD1    sing N N 264 
ILE CG1   HG12   sing N N 265 
ILE CG1   HG13   sing N N 266 
ILE CG2   HG21   sing N N 267 
ILE CG2   HG22   sing N N 268 
ILE CG2   HG23   sing N N 269 
ILE CD1   HD11   sing N N 270 
ILE CD1   HD12   sing N N 271 
ILE CD1   HD13   sing N N 272 
ILE OXT   HXT    sing N N 273 
LEU N     CA     sing N N 274 
LEU N     H      sing N N 275 
LEU N     H2     sing N N 276 
LEU CA    C      sing N N 277 
LEU CA    CB     sing N N 278 
LEU CA    HA     sing N N 279 
LEU C     O      doub N N 280 
LEU C     OXT    sing N N 281 
LEU CB    CG     sing N N 282 
LEU CB    HB2    sing N N 283 
LEU CB    HB3    sing N N 284 
LEU CG    CD1    sing N N 285 
LEU CG    CD2    sing N N 286 
LEU CG    HG     sing N N 287 
LEU CD1   HD11   sing N N 288 
LEU CD1   HD12   sing N N 289 
LEU CD1   HD13   sing N N 290 
LEU CD2   HD21   sing N N 291 
LEU CD2   HD22   sing N N 292 
LEU CD2   HD23   sing N N 293 
LEU OXT   HXT    sing N N 294 
LYS N     CA     sing N N 295 
LYS N     H      sing N N 296 
LYS N     H2     sing N N 297 
LYS CA    C      sing N N 298 
LYS CA    CB     sing N N 299 
LYS CA    HA     sing N N 300 
LYS C     O      doub N N 301 
LYS C     OXT    sing N N 302 
LYS CB    CG     sing N N 303 
LYS CB    HB2    sing N N 304 
LYS CB    HB3    sing N N 305 
LYS CG    CD     sing N N 306 
LYS CG    HG2    sing N N 307 
LYS CG    HG3    sing N N 308 
LYS CD    CE     sing N N 309 
LYS CD    HD2    sing N N 310 
LYS CD    HD3    sing N N 311 
LYS CE    NZ     sing N N 312 
LYS CE    HE2    sing N N 313 
LYS CE    HE3    sing N N 314 
LYS NZ    HZ1    sing N N 315 
LYS NZ    HZ2    sing N N 316 
LYS NZ    HZ3    sing N N 317 
LYS OXT   HXT    sing N N 318 
MET N     CA     sing N N 319 
MET N     H      sing N N 320 
MET N     H2     sing N N 321 
MET CA    C      sing N N 322 
MET CA    CB     sing N N 323 
MET CA    HA     sing N N 324 
MET C     O      doub N N 325 
MET C     OXT    sing N N 326 
MET CB    CG     sing N N 327 
MET CB    HB2    sing N N 328 
MET CB    HB3    sing N N 329 
MET CG    SD     sing N N 330 
MET CG    HG2    sing N N 331 
MET CG    HG3    sing N N 332 
MET SD    CE     sing N N 333 
MET CE    HE1    sing N N 334 
MET CE    HE2    sing N N 335 
MET CE    HE3    sing N N 336 
MET OXT   HXT    sing N N 337 
PHE N     CA     sing N N 338 
PHE N     H      sing N N 339 
PHE N     H2     sing N N 340 
PHE CA    C      sing N N 341 
PHE CA    CB     sing N N 342 
PHE CA    HA     sing N N 343 
PHE C     O      doub N N 344 
PHE C     OXT    sing N N 345 
PHE CB    CG     sing N N 346 
PHE CB    HB2    sing N N 347 
PHE CB    HB3    sing N N 348 
PHE CG    CD1    doub Y N 349 
PHE CG    CD2    sing Y N 350 
PHE CD1   CE1    sing Y N 351 
PHE CD1   HD1    sing N N 352 
PHE CD2   CE2    doub Y N 353 
PHE CD2   HD2    sing N N 354 
PHE CE1   CZ     doub Y N 355 
PHE CE1   HE1    sing N N 356 
PHE CE2   CZ     sing Y N 357 
PHE CE2   HE2    sing N N 358 
PHE CZ    HZ     sing N N 359 
PHE OXT   HXT    sing N N 360 
PRO N     CA     sing N N 361 
PRO N     CD     sing N N 362 
PRO N     H      sing N N 363 
PRO CA    C      sing N N 364 
PRO CA    CB     sing N N 365 
PRO CA    HA     sing N N 366 
PRO C     O      doub N N 367 
PRO C     OXT    sing N N 368 
PRO CB    CG     sing N N 369 
PRO CB    HB2    sing N N 370 
PRO CB    HB3    sing N N 371 
PRO CG    CD     sing N N 372 
PRO CG    HG2    sing N N 373 
PRO CG    HG3    sing N N 374 
PRO CD    HD2    sing N N 375 
PRO CD    HD3    sing N N 376 
PRO OXT   HXT    sing N N 377 
SER N     CA     sing N N 378 
SER N     H      sing N N 379 
SER N     H2     sing N N 380 
SER CA    C      sing N N 381 
SER CA    CB     sing N N 382 
SER CA    HA     sing N N 383 
SER C     O      doub N N 384 
SER C     OXT    sing N N 385 
SER CB    OG     sing N N 386 
SER CB    HB2    sing N N 387 
SER CB    HB3    sing N N 388 
SER OG    HG     sing N N 389 
SER OXT   HXT    sing N N 390 
THR N     CA     sing N N 391 
THR N     H      sing N N 392 
THR N     H2     sing N N 393 
THR CA    C      sing N N 394 
THR CA    CB     sing N N 395 
THR CA    HA     sing N N 396 
THR C     O      doub N N 397 
THR C     OXT    sing N N 398 
THR CB    OG1    sing N N 399 
THR CB    CG2    sing N N 400 
THR CB    HB     sing N N 401 
THR OG1   HG1    sing N N 402 
THR CG2   HG21   sing N N 403 
THR CG2   HG22   sing N N 404 
THR CG2   HG23   sing N N 405 
THR OXT   HXT    sing N N 406 
TRP N     CA     sing N N 407 
TRP N     H      sing N N 408 
TRP N     H2     sing N N 409 
TRP CA    C      sing N N 410 
TRP CA    CB     sing N N 411 
TRP CA    HA     sing N N 412 
TRP C     O      doub N N 413 
TRP C     OXT    sing N N 414 
TRP CB    CG     sing N N 415 
TRP CB    HB2    sing N N 416 
TRP CB    HB3    sing N N 417 
TRP CG    CD1    doub Y N 418 
TRP CG    CD2    sing Y N 419 
TRP CD1   NE1    sing Y N 420 
TRP CD1   HD1    sing N N 421 
TRP CD2   CE2    doub Y N 422 
TRP CD2   CE3    sing Y N 423 
TRP NE1   CE2    sing Y N 424 
TRP NE1   HE1    sing N N 425 
TRP CE2   CZ2    sing Y N 426 
TRP CE3   CZ3    doub Y N 427 
TRP CE3   HE3    sing N N 428 
TRP CZ2   CH2    doub Y N 429 
TRP CZ2   HZ2    sing N N 430 
TRP CZ3   CH2    sing Y N 431 
TRP CZ3   HZ3    sing N N 432 
TRP CH2   HH2    sing N N 433 
TRP OXT   HXT    sing N N 434 
TYR N     CA     sing N N 435 
TYR N     H      sing N N 436 
TYR N     H2     sing N N 437 
TYR CA    C      sing N N 438 
TYR CA    CB     sing N N 439 
TYR CA    HA     sing N N 440 
TYR C     O      doub N N 441 
TYR C     OXT    sing N N 442 
TYR CB    CG     sing N N 443 
TYR CB    HB2    sing N N 444 
TYR CB    HB3    sing N N 445 
TYR CG    CD1    doub Y N 446 
TYR CG    CD2    sing Y N 447 
TYR CD1   CE1    sing Y N 448 
TYR CD1   HD1    sing N N 449 
TYR CD2   CE2    doub Y N 450 
TYR CD2   HD2    sing N N 451 
TYR CE1   CZ     doub Y N 452 
TYR CE1   HE1    sing N N 453 
TYR CE2   CZ     sing Y N 454 
TYR CE2   HE2    sing N N 455 
TYR CZ    OH     sing N N 456 
TYR OH    HH     sing N N 457 
TYR OXT   HXT    sing N N 458 
VAL N     CA     sing N N 459 
VAL N     H      sing N N 460 
VAL N     H2     sing N N 461 
VAL CA    C      sing N N 462 
VAL CA    CB     sing N N 463 
VAL CA    HA     sing N N 464 
VAL C     O      doub N N 465 
VAL C     OXT    sing N N 466 
VAL CB    CG1    sing N N 467 
VAL CB    CG2    sing N N 468 
VAL CB    HB     sing N N 469 
VAL CG1   HG11   sing N N 470 
VAL CG1   HG12   sing N N 471 
VAL CG1   HG13   sing N N 472 
VAL CG2   HG21   sing N N 473 
VAL CG2   HG22   sing N N 474 
VAL CG2   HG23   sing N N 475 
VAL OXT   HXT    sing N N 476 
# 
_ndb_struct_conf_na.entry_id   6A2H 
_ndb_struct_conf_na.feature    'b-form double helix' 
# 
loop_
_ndb_struct_na_base_pair.model_number 
_ndb_struct_na_base_pair.i_label_asym_id 
_ndb_struct_na_base_pair.i_label_comp_id 
_ndb_struct_na_base_pair.i_label_seq_id 
_ndb_struct_na_base_pair.i_symmetry 
_ndb_struct_na_base_pair.j_label_asym_id 
_ndb_struct_na_base_pair.j_label_comp_id 
_ndb_struct_na_base_pair.j_label_seq_id 
_ndb_struct_na_base_pair.j_symmetry 
_ndb_struct_na_base_pair.shear 
_ndb_struct_na_base_pair.stretch 
_ndb_struct_na_base_pair.stagger 
_ndb_struct_na_base_pair.buckle 
_ndb_struct_na_base_pair.propeller 
_ndb_struct_na_base_pair.opening 
_ndb_struct_na_base_pair.pair_number 
_ndb_struct_na_base_pair.pair_name 
_ndb_struct_na_base_pair.i_auth_asym_id 
_ndb_struct_na_base_pair.i_auth_seq_id 
_ndb_struct_na_base_pair.i_PDB_ins_code 
_ndb_struct_na_base_pair.j_auth_asym_id 
_ndb_struct_na_base_pair.j_auth_seq_id 
_ndb_struct_na_base_pair.j_PDB_ins_code 
_ndb_struct_na_base_pair.hbond_type_28 
_ndb_struct_na_base_pair.hbond_type_12 
1 B DG 1 1_555 C DC 6 1_555 -0.067 -0.430 -0.201 -2.377  -13.498 -2.619  1 B_DG106:DC119_C B 106 ? C 119 ? 19 1 
1 B DT 2 1_555 C DA 5 1_555 -0.312 -0.343 -0.308 7.627   -4.115  -4.472  2 B_DT107:DA118_C B 107 ? C 118 ? 20 1 
1 B DA 3 1_555 C DT 4 1_555 0.109  -0.016 0.420  29.431  -0.319  -0.488  3 B_DA108:DT117_C B 108 ? C 117 ? 20 1 
1 B DA 4 1_555 C DT 3 1_555 0.966  -0.161 0.065  -23.387 3.899   4.507   4 B_DA109:DT116_C B 109 ? C 116 ? 20 1 
1 B DT 5 1_555 C DA 2 1_555 -0.717 -0.256 0.143  0.027   -8.268  8.136   5 B_DT110:DA115_C B 110 ? C 115 ? 20 1 
1 B DT 6 1_555 C DA 1 1_555 -0.405 -0.437 -0.213 7.781   1.484   -10.627 6 B_DT111:DA114_C B 111 ? C 114 ? 20 1 
# 
loop_
_ndb_struct_na_base_pair_step.model_number 
_ndb_struct_na_base_pair_step.i_label_asym_id_1 
_ndb_struct_na_base_pair_step.i_label_comp_id_1 
_ndb_struct_na_base_pair_step.i_label_seq_id_1 
_ndb_struct_na_base_pair_step.i_symmetry_1 
_ndb_struct_na_base_pair_step.j_label_asym_id_1 
_ndb_struct_na_base_pair_step.j_label_comp_id_1 
_ndb_struct_na_base_pair_step.j_label_seq_id_1 
_ndb_struct_na_base_pair_step.j_symmetry_1 
_ndb_struct_na_base_pair_step.i_label_asym_id_2 
_ndb_struct_na_base_pair_step.i_label_comp_id_2 
_ndb_struct_na_base_pair_step.i_label_seq_id_2 
_ndb_struct_na_base_pair_step.i_symmetry_2 
_ndb_struct_na_base_pair_step.j_label_asym_id_2 
_ndb_struct_na_base_pair_step.j_label_comp_id_2 
_ndb_struct_na_base_pair_step.j_label_seq_id_2 
_ndb_struct_na_base_pair_step.j_symmetry_2 
_ndb_struct_na_base_pair_step.shift 
_ndb_struct_na_base_pair_step.slide 
_ndb_struct_na_base_pair_step.rise 
_ndb_struct_na_base_pair_step.tilt 
_ndb_struct_na_base_pair_step.roll 
_ndb_struct_na_base_pair_step.twist 
_ndb_struct_na_base_pair_step.x_displacement 
_ndb_struct_na_base_pair_step.y_displacement 
_ndb_struct_na_base_pair_step.helical_rise 
_ndb_struct_na_base_pair_step.inclination 
_ndb_struct_na_base_pair_step.tip 
_ndb_struct_na_base_pair_step.helical_twist 
_ndb_struct_na_base_pair_step.step_number 
_ndb_struct_na_base_pair_step.step_name 
_ndb_struct_na_base_pair_step.i_auth_asym_id_1 
_ndb_struct_na_base_pair_step.i_auth_seq_id_1 
_ndb_struct_na_base_pair_step.i_PDB_ins_code_1 
_ndb_struct_na_base_pair_step.j_auth_asym_id_1 
_ndb_struct_na_base_pair_step.j_auth_seq_id_1 
_ndb_struct_na_base_pair_step.j_PDB_ins_code_1 
_ndb_struct_na_base_pair_step.i_auth_asym_id_2 
_ndb_struct_na_base_pair_step.i_auth_seq_id_2 
_ndb_struct_na_base_pair_step.i_PDB_ins_code_2 
_ndb_struct_na_base_pair_step.j_auth_asym_id_2 
_ndb_struct_na_base_pair_step.j_auth_seq_id_2 
_ndb_struct_na_base_pair_step.j_PDB_ins_code_2 
1 B DG 1 1_555 C DC 6 1_555 B DT 2 1_555 C DA 5 1_555 0.119  0.278  3.058 0.826  0.173  30.944 0.490  -0.075 3.062 0.323  -1.547 
30.955 1 BB_DG106DT107:DA118DC119_CC B 106 ? C 119 ? B 107 ? C 118 ? 
1 B DT 2 1_555 C DA 5 1_555 B DA 3 1_555 C DT 4 1_555 0.146  1.236  3.031 -1.588 12.906 24.100 -0.663 -0.713 3.244 28.417 3.496  
27.339 2 BB_DT107DA108:DT117DA118_CC B 107 ? C 118 ? B 108 ? C 117 ? 
1 B DA 3 1_555 C DT 4 1_555 B DA 4 1_555 C DT 3 1_555 0.168  1.648  6.124 4.036  51.785 24.966 -4.912 0.342  4.241 65.871 -5.133 
57.252 3 BB_DA108DA109:DT116DT117_CC B 108 ? C 117 ? B 109 ? C 116 ? 
1 B DA 4 1_555 C DT 3 1_555 B DT 5 1_555 C DA 2 1_555 0.295  -0.401 2.835 -1.534 6.435  14.924 -5.196 -1.941 2.409 23.336 5.562  
16.317 4 BB_DA109DT110:DA115DT116_CC B 109 ? C 116 ? B 110 ? C 115 ? 
1 B DT 5 1_555 C DA 2 1_555 B DT 6 1_555 C DA 1 1_555 -0.320 0.385  3.287 2.956  10.370 28.056 -1.440 1.239  3.176 20.458 -5.831 
30.018 5 BB_DT110DT111:DA114DA115_CC B 110 ? C 115 ? B 111 ? C 114 ? 
# 
_pdbx_entity_nonpoly.entity_id   4 
_pdbx_entity_nonpoly.name        water 
_pdbx_entity_nonpoly.comp_id     HOH 
# 
_pdbx_initial_refinement_model.id               1 
_pdbx_initial_refinement_model.entity_id_list   ? 
_pdbx_initial_refinement_model.type             'experimental model' 
_pdbx_initial_refinement_model.source_name      PDB 
_pdbx_initial_refinement_model.accession_code   3LWH 
_pdbx_initial_refinement_model.details          ? 
# 
_pdbx_struct_assembly_auth_evidence.id                     1 
_pdbx_struct_assembly_auth_evidence.assembly_id            1 
_pdbx_struct_assembly_auth_evidence.experimental_support   none 
_pdbx_struct_assembly_auth_evidence.details                ? 
# 
